data_6QYW
# 
_entry.id   6QYW 
# 
_audit_conform.dict_name       mmcif_pdbx.dic 
_audit_conform.dict_version    5.403 
_audit_conform.dict_location   http://mmcif.pdb.org/dictionaries/ascii/mmcif_pdbx.dic 
# 
loop_
_database_2.database_id 
_database_2.database_code 
_database_2.pdbx_database_accession 
_database_2.pdbx_DOI 
PDB   6QYW         pdb_00006qyw 10.2210/pdb6qyw/pdb 
WWPDB D_1292101156 ?            ?                   
BMRB  34374        ?            10.13018/BMR34374   
# 
loop_
_pdbx_audit_revision_history.ordinal 
_pdbx_audit_revision_history.data_content_type 
_pdbx_audit_revision_history.major_revision 
_pdbx_audit_revision_history.minor_revision 
_pdbx_audit_revision_history.revision_date 
_pdbx_audit_revision_history.part_number 
1 'Structure model' 1 0 2019-09-11 ? 
2 'Structure model' 1 1 2019-10-02 ? 
3 'Structure model' 1 2 2025-04-09 ? 
# 
_pdbx_audit_revision_details.ordinal             1 
_pdbx_audit_revision_details.revision_ordinal    1 
_pdbx_audit_revision_details.data_content_type   'Structure model' 
_pdbx_audit_revision_details.provider            repository 
_pdbx_audit_revision_details.type                'Initial release' 
_pdbx_audit_revision_details.description         ? 
_pdbx_audit_revision_details.details             ? 
# 
loop_
_pdbx_audit_revision_group.ordinal 
_pdbx_audit_revision_group.revision_ordinal 
_pdbx_audit_revision_group.data_content_type 
_pdbx_audit_revision_group.group 
1 2 'Structure model' 'Data collection'      
2 2 'Structure model' 'Database references'  
3 3 'Structure model' 'Data collection'      
4 3 'Structure model' 'Database references'  
5 3 'Structure model' 'Derived calculations' 
6 3 'Structure model' 'Structure summary'    
# 
loop_
_pdbx_audit_revision_category.ordinal 
_pdbx_audit_revision_category.revision_ordinal 
_pdbx_audit_revision_category.data_content_type 
_pdbx_audit_revision_category.category 
1 2 'Structure model' citation                  
2 2 'Structure model' citation_author           
3 3 'Structure model' chem_comp_atom            
4 3 'Structure model' chem_comp_bond            
5 3 'Structure model' database_2                
6 3 'Structure model' pdbx_entry_details        
7 3 'Structure model' pdbx_modification_feature 
8 3 'Structure model' struct_conn               
# 
loop_
_pdbx_audit_revision_item.ordinal 
_pdbx_audit_revision_item.revision_ordinal 
_pdbx_audit_revision_item.data_content_type 
_pdbx_audit_revision_item.item 
1  2 'Structure model' '_citation.journal_volume'            
2  2 'Structure model' '_citation.page_first'                
3  2 'Structure model' '_citation.page_last'                 
4  2 'Structure model' '_citation_author.identifier_ORCID'   
5  3 'Structure model' '_database_2.pdbx_DOI'                
6  3 'Structure model' '_database_2.pdbx_database_accession' 
7  3 'Structure model' '_struct_conn.pdbx_dist_value'        
8  3 'Structure model' '_struct_conn.pdbx_leaving_atom_flag' 
9  3 'Structure model' '_struct_conn.ptnr1_label_atom_id'    
10 3 'Structure model' '_struct_conn.ptnr2_auth_comp_id'     
11 3 'Structure model' '_struct_conn.ptnr2_auth_seq_id'      
12 3 'Structure model' '_struct_conn.ptnr2_label_atom_id'    
13 3 'Structure model' '_struct_conn.ptnr2_label_comp_id'    
14 3 'Structure model' '_struct_conn.ptnr2_label_seq_id'     
# 
_pdbx_database_status.status_code                     REL 
_pdbx_database_status.status_code_sf                  ? 
_pdbx_database_status.status_code_mr                  REL 
_pdbx_database_status.entry_id                        6QYW 
_pdbx_database_status.recvd_initial_deposition_date   2019-03-09 
_pdbx_database_status.SG_entry                        N 
_pdbx_database_status.deposit_site                    PDBE 
_pdbx_database_status.process_site                    PDBE 
_pdbx_database_status.status_code_cs                  REL 
_pdbx_database_status.methods_development_category    ? 
_pdbx_database_status.pdb_format_compatible           Y 
_pdbx_database_status.status_code_nmr_data            ? 
# 
loop_
_pdbx_database_related.db_name 
_pdbx_database_related.details 
_pdbx_database_related.db_id 
_pdbx_database_related.content_type 
PDB  .                                                                                           1WCO  unspecified 
PDB  'solution nmr of synthetic Nisin Ring B (Lan8,11) analogue'                                 6QM1  unspecified 
PDB  'solution nmr of synthetic Mutacin I Ring B, major conformer'                               6QTF  unspecified 
PDB  'solution nmr of synthetic Mutacin I Ring B, minor conformer'                               6QYR  unspecified 
PDB  'solution nmr of synthetic nisin ring B'                                                    6QYS  unspecified 
PDB  'solution nmr of synthetic Mutacin I Ring A (Ser2, Ala5, Ala8) analogue'                    6QYV  unspecified 
PDB  'solution nmr of synthetic Mutacin I Ring A truncated analogue'                             6QYT  unspecified 
PDB  'solution nmr of synthetic mutacin I ring A'                                                6QYU  unspecified 
BMRB 'Solution NMR of synthetic analogues of nisin and mutacin ring A and ring B - nisin ring A' 34374 unspecified 
# 
loop_
_audit_author.name 
_audit_author.pdbx_ordinal 
_audit_author.identifier_ORCID 
'Dickman, R.'    1 0000-0003-3139-5423 
'Mitchell, S.A.' 2 ?                   
'Figueiredo, A.' 3 0000-0001-7039-5341 
'Hansen, D.F.'   4 0000-0003-0891-220X 
'Tabor, A.B.'    5 0000-0001-8216-0347 
# 
loop_
_citation.abstract 
_citation.abstract_id_CAS 
_citation.book_id_ISBN 
_citation.book_publisher 
_citation.book_publisher_city 
_citation.book_title 
_citation.coordinate_linkage 
_citation.country 
_citation.database_id_Medline 
_citation.details 
_citation.id 
_citation.journal_abbrev 
_citation.journal_id_ASTM 
_citation.journal_id_CSD 
_citation.journal_id_ISSN 
_citation.journal_full 
_citation.journal_issue 
_citation.journal_volume 
_citation.language 
_citation.page_first 
_citation.page_last 
_citation.title 
_citation.year 
_citation.database_id_CSD 
_citation.pdbx_database_id_DOI 
_citation.pdbx_database_id_PubMed 
_citation.unpublished_flag 
? ? ? ? ? ? ? US ? ? primary J.Org.Chem.       JOCEAH 0035 0022-3263 ? ? 84 ? 11493 11512 
;Molecular Recognition of Lipid II by Lantibiotics: Synthesis and Conformational Studies of Analogues of Nisin and Mutacin Rings A and B.
;
2019 ? 10.1021/acs.joc.9b01253 31464129 ? 
? ? ? ? ? ? ? ?  ? ? 1       'To Be Published' ?      0353 ?         ? ? ?  ? ?     ?     
;A chemical biology approach to understanding molecular recognition of lipid II by nisin: Solid-phase synthesis and NMR ensemble analysis of nisin(1-12) and a synthetic ana-logue.
;
?    ? ?                       ?        ? 
# 
loop_
_citation_author.citation_id 
_citation_author.name 
_citation_author.ordinal 
_citation_author.identifier_ORCID 
primary 'Dickman, R.'      1  ?                   
primary 'Mitchell, S.A.'   2  ?                   
primary 'Figueiredo, A.M.' 3  ?                   
primary 'Hansen, D.F.'     4  ?                   
primary 'Tabor, A.B.'      5  ?                   
1       'Dickman, R.'      6  0000-0003-3139-5423 
1       'Danelius, E.'     7  0000-0002-7322-9661 
1       'Mitchell, S.A.'   8  ?                   
1       'Hansen, D.F.'     9  0000-0003-0891-220X 
1       'Erdelyi, M.'      10 0000-0003-0359-5970 
1       'Tabor, A.B.'      11 0000-0001-8216-0347 
# 
_entity.id                         1 
_entity.type                       polymer 
_entity.src_method                 syn 
_entity.pdbx_description           ILE-DBU-DAL-ILE-DHA-LEU-CYS-ALA 
_entity.formula_weight             754.938 
_entity.pdbx_number_of_molecules   1 
_entity.pdbx_ec                    ? 
_entity.pdbx_mutation              ? 
_entity.pdbx_fragment              ? 
_entity.details                    ? 
# 
_entity_poly.entity_id                      1 
_entity_poly.type                           'polypeptide(L)' 
_entity_poly.nstd_linkage                   no 
_entity_poly.nstd_monomer                   yes 
_entity_poly.pdbx_seq_one_letter_code       'I(DBU)(DAL)I(DHA)LCA' 
_entity_poly.pdbx_seq_one_letter_code_can   ITAISLCA 
_entity_poly.pdbx_strand_id                 A 
_entity_poly.pdbx_target_identifier         ? 
# 
loop_
_entity_poly_seq.entity_id 
_entity_poly_seq.num 
_entity_poly_seq.mon_id 
_entity_poly_seq.hetero 
1 1 ILE n 
1 2 DBU n 
1 3 DAL n 
1 4 ILE n 
1 5 DHA n 
1 6 LEU n 
1 7 CYS n 
1 8 ALA n 
# 
_pdbx_entity_src_syn.entity_id              1 
_pdbx_entity_src_syn.pdbx_src_id            1 
_pdbx_entity_src_syn.pdbx_alt_source_flag   sample 
_pdbx_entity_src_syn.pdbx_beg_seq_num       1 
_pdbx_entity_src_syn.pdbx_end_seq_num       8 
_pdbx_entity_src_syn.organism_scientific    'Lactococcus lactis' 
_pdbx_entity_src_syn.organism_common_name   ? 
_pdbx_entity_src_syn.ncbi_taxonomy_id       1358 
_pdbx_entity_src_syn.details                ? 
# 
loop_
_chem_comp.id 
_chem_comp.type 
_chem_comp.mon_nstd_flag 
_chem_comp.name 
_chem_comp.pdbx_synonyms 
_chem_comp.formula 
_chem_comp.formula_weight 
ALA 'L-peptide linking' y ALANINE                        ?                    'C3 H7 N O2'   89.093  
CYS 'L-peptide linking' y CYSTEINE                       ?                    'C3 H7 N O2 S' 121.158 
DAL 'D-peptide linking' . D-ALANINE                      ?                    'C3 H7 N O2'   89.093  
DBU 'peptide linking'   n '(2Z)-2-AMINOBUT-2-ENOIC ACID' Z-DEHYDROBUTYRINE    'C4 H7 N O2'   101.104 
DHA 'peptide linking'   n '2-AMINO-ACRYLIC ACID'         2,3-DIDEHYDROALANINE 'C3 H5 N O2'   87.077  
ILE 'L-peptide linking' y ISOLEUCINE                     ?                    'C6 H13 N O2'  131.173 
LEU 'L-peptide linking' y LEUCINE                        ?                    'C6 H13 N O2'  131.173 
# 
loop_
_pdbx_poly_seq_scheme.asym_id 
_pdbx_poly_seq_scheme.entity_id 
_pdbx_poly_seq_scheme.seq_id 
_pdbx_poly_seq_scheme.mon_id 
_pdbx_poly_seq_scheme.ndb_seq_num 
_pdbx_poly_seq_scheme.pdb_seq_num 
_pdbx_poly_seq_scheme.auth_seq_num 
_pdbx_poly_seq_scheme.pdb_mon_id 
_pdbx_poly_seq_scheme.auth_mon_id 
_pdbx_poly_seq_scheme.pdb_strand_id 
_pdbx_poly_seq_scheme.pdb_ins_code 
_pdbx_poly_seq_scheme.hetero 
A 1 1 ILE 1 1 1 ILE ILE A . n 
A 1 2 DBU 2 2 2 DBU DBU A . n 
A 1 3 DAL 3 3 3 DAL DAL A . n 
A 1 4 ILE 4 4 4 ILE ILE A . n 
A 1 5 DHA 5 5 5 DHA DHA A . n 
A 1 6 LEU 6 6 6 LEU LEU A . n 
A 1 7 CYS 7 7 7 CYS CYS A . n 
A 1 8 ALA 8 8 8 ALA ALA A . n 
# 
_exptl.absorpt_coefficient_mu     ? 
_exptl.absorpt_correction_T_max   ? 
_exptl.absorpt_correction_T_min   ? 
_exptl.absorpt_correction_type    ? 
_exptl.absorpt_process_details    ? 
_exptl.entry_id                   6QYW 
_exptl.crystals_number            ? 
_exptl.details                    ? 
_exptl.method                     'SOLUTION NMR' 
_exptl.method_details             ? 
# 
_struct.entry_id                     6QYW 
_struct.title                        'Solution NMR of synthetic analogues of nisin and mutacin ring A and ring B - nisin ring A' 
_struct.pdbx_model_details           ? 
_struct.pdbx_formula_weight          ? 
_struct.pdbx_formula_weight_method   ? 
_struct.pdbx_model_type_details      ? 
_struct.pdbx_CASP_flag               N 
# 
_struct_keywords.entry_id        6QYW 
_struct_keywords.text            'PEPTIDE ANTIBIOTIC, LANTIBIOTIC, ANTIMICROBIAL, BACTERIOCIN, THIOESTER, ANTIBIOTIC' 
_struct_keywords.pdbx_keywords   ANTIBIOTIC 
# 
_struct_asym.id                            A 
_struct_asym.pdbx_blank_PDB_chainid_flag   N 
_struct_asym.pdbx_modified                 N 
_struct_asym.entity_id                     1 
_struct_asym.details                       ? 
# 
_struct_ref.id                         1 
_struct_ref.db_name                    PDB 
_struct_ref.db_code                    6QYW 
_struct_ref.pdbx_db_accession          6QYW 
_struct_ref.pdbx_db_isoform            ? 
_struct_ref.entity_id                  1 
_struct_ref.pdbx_seq_one_letter_code   ? 
_struct_ref.pdbx_align_begin           1 
# 
_struct_ref_seq.align_id                      1 
_struct_ref_seq.ref_id                        1 
_struct_ref_seq.pdbx_PDB_id_code              6QYW 
_struct_ref_seq.pdbx_strand_id                A 
_struct_ref_seq.seq_align_beg                 1 
_struct_ref_seq.pdbx_seq_align_beg_ins_code   ? 
_struct_ref_seq.seq_align_end                 8 
_struct_ref_seq.pdbx_seq_align_end_ins_code   ? 
_struct_ref_seq.pdbx_db_accession             6QYW 
_struct_ref_seq.db_align_beg                  1 
_struct_ref_seq.pdbx_db_align_beg_ins_code    ? 
_struct_ref_seq.db_align_end                  8 
_struct_ref_seq.pdbx_db_align_end_ins_code    ? 
_struct_ref_seq.pdbx_auth_seq_align_beg       1 
_struct_ref_seq.pdbx_auth_seq_align_end       8 
# 
_pdbx_struct_assembly.id                   1 
_pdbx_struct_assembly.details              author_and_software_defined_assembly 
_pdbx_struct_assembly.method_details       PISA 
_pdbx_struct_assembly.oligomeric_details   monomeric 
_pdbx_struct_assembly.oligomeric_count     1 
# 
loop_
_pdbx_struct_assembly_prop.biol_id 
_pdbx_struct_assembly_prop.type 
_pdbx_struct_assembly_prop.value 
_pdbx_struct_assembly_prop.details 
1 'ABSA (A^2)' 0   ? 
1 MORE         0   ? 
1 'SSA (A^2)'  920 ? 
# 
_pdbx_struct_assembly_gen.assembly_id       1 
_pdbx_struct_assembly_gen.oper_expression   1 
_pdbx_struct_assembly_gen.asym_id_list      A 
# 
_pdbx_struct_assembly_auth_evidence.id                     1 
_pdbx_struct_assembly_auth_evidence.assembly_id            1 
_pdbx_struct_assembly_auth_evidence.experimental_support   none 
_pdbx_struct_assembly_auth_evidence.details                ? 
# 
_pdbx_struct_oper_list.id                   1 
_pdbx_struct_oper_list.type                 'identity operation' 
_pdbx_struct_oper_list.name                 1_555 
_pdbx_struct_oper_list.symmetry_operation   ? 
_pdbx_struct_oper_list.matrix[1][1]         1.0000000000 
_pdbx_struct_oper_list.matrix[1][2]         0.0000000000 
_pdbx_struct_oper_list.matrix[1][3]         0.0000000000 
_pdbx_struct_oper_list.vector[1]            0.0000000000 
_pdbx_struct_oper_list.matrix[2][1]         0.0000000000 
_pdbx_struct_oper_list.matrix[2][2]         1.0000000000 
_pdbx_struct_oper_list.matrix[2][3]         0.0000000000 
_pdbx_struct_oper_list.vector[2]            0.0000000000 
_pdbx_struct_oper_list.matrix[3][1]         0.0000000000 
_pdbx_struct_oper_list.matrix[3][2]         0.0000000000 
_pdbx_struct_oper_list.matrix[3][3]         1.0000000000 
_pdbx_struct_oper_list.vector[3]            0.0000000000 
# 
loop_
_struct_conn.id 
_struct_conn.conn_type_id 
_struct_conn.pdbx_leaving_atom_flag 
_struct_conn.pdbx_PDB_id 
_struct_conn.ptnr1_label_asym_id 
_struct_conn.ptnr1_label_comp_id 
_struct_conn.ptnr1_label_seq_id 
_struct_conn.ptnr1_label_atom_id 
_struct_conn.pdbx_ptnr1_label_alt_id 
_struct_conn.pdbx_ptnr1_PDB_ins_code 
_struct_conn.pdbx_ptnr1_standard_comp_id 
_struct_conn.ptnr1_symmetry 
_struct_conn.ptnr2_label_asym_id 
_struct_conn.ptnr2_label_comp_id 
_struct_conn.ptnr2_label_seq_id 
_struct_conn.ptnr2_label_atom_id 
_struct_conn.pdbx_ptnr2_label_alt_id 
_struct_conn.pdbx_ptnr2_PDB_ins_code 
_struct_conn.ptnr1_auth_asym_id 
_struct_conn.ptnr1_auth_comp_id 
_struct_conn.ptnr1_auth_seq_id 
_struct_conn.ptnr2_auth_asym_id 
_struct_conn.ptnr2_auth_comp_id 
_struct_conn.ptnr2_auth_seq_id 
_struct_conn.ptnr2_symmetry 
_struct_conn.pdbx_ptnr3_label_atom_id 
_struct_conn.pdbx_ptnr3_label_seq_id 
_struct_conn.pdbx_ptnr3_label_comp_id 
_struct_conn.pdbx_ptnr3_label_asym_id 
_struct_conn.pdbx_ptnr3_label_alt_id 
_struct_conn.pdbx_ptnr3_PDB_ins_code 
_struct_conn.details 
_struct_conn.pdbx_dist_value 
_struct_conn.pdbx_value_order 
_struct_conn.pdbx_role 
covale1 covale both ? A ILE 1 C  ? ? ? 1_555 A DBU 2 N  ? ? A ILE 1 A DBU 2 1_555 ? ? ? ? ? ? ? 1.345 ? ? 
covale2 covale both ? A DBU 2 C  ? ? ? 1_555 A DAL 3 N  ? ? A DBU 2 A DAL 3 1_555 ? ? ? ? ? ? ? 1.344 ? ? 
covale3 covale both ? A DAL 3 C  ? ? ? 1_555 A ILE 4 N  ? ? A DAL 3 A ILE 4 1_555 ? ? ? ? ? ? ? 1.328 ? ? 
covale4 covale none ? A DAL 3 CB ? ? ? 1_555 A CYS 7 SG ? ? A DAL 3 A CYS 7 1_555 ? ? ? ? ? ? ? 1.810 ? ? 
covale5 covale both ? A ILE 4 C  ? ? ? 1_555 A DHA 5 N  ? ? A ILE 4 A DHA 5 1_555 ? ? ? ? ? ? ? 1.345 ? ? 
covale6 covale both ? A DHA 5 C  ? ? ? 1_555 A LEU 6 N  ? ? A DHA 5 A LEU 6 1_555 ? ? ? ? ? ? ? 1.344 ? ? 
# 
_struct_conn_type.id          covale 
_struct_conn_type.criteria    ? 
_struct_conn_type.reference   ? 
# 
loop_
_pdbx_modification_feature.ordinal 
_pdbx_modification_feature.label_comp_id 
_pdbx_modification_feature.label_asym_id 
_pdbx_modification_feature.label_seq_id 
_pdbx_modification_feature.label_alt_id 
_pdbx_modification_feature.modified_residue_label_comp_id 
_pdbx_modification_feature.modified_residue_label_asym_id 
_pdbx_modification_feature.modified_residue_label_seq_id 
_pdbx_modification_feature.modified_residue_label_alt_id 
_pdbx_modification_feature.auth_comp_id 
_pdbx_modification_feature.auth_asym_id 
_pdbx_modification_feature.auth_seq_id 
_pdbx_modification_feature.PDB_ins_code 
_pdbx_modification_feature.symmetry 
_pdbx_modification_feature.modified_residue_auth_comp_id 
_pdbx_modification_feature.modified_residue_auth_asym_id 
_pdbx_modification_feature.modified_residue_auth_seq_id 
_pdbx_modification_feature.modified_residue_PDB_ins_code 
_pdbx_modification_feature.modified_residue_symmetry 
_pdbx_modification_feature.comp_id_linking_atom 
_pdbx_modification_feature.modified_residue_id_linking_atom 
_pdbx_modification_feature.modified_residue_id 
_pdbx_modification_feature.ref_pcm_id 
_pdbx_modification_feature.ref_comp_id 
_pdbx_modification_feature.type 
_pdbx_modification_feature.category 
1 DBU A 2 ? .   . . . DBU A 2 ? 1_555 .   . . . .     .  .  THR 1 DBU 'Dehydroamino acid' 'Named protein modification' 
2 DHA A 5 ? .   . . . DHA A 5 ? 1_555 .   . . . .     .  .  SER 1 DHA 'Dehydroamino acid' 'Named protein modification' 
3 DAL A 3 ? CYS A 7 ? DAL A 3 ? 1_555 CYS A 7 ? 1_555 CB SG .   . .   None                'Non-standard linkage'       
# 
_pdbx_entry_details.entry_id                   6QYW 
_pdbx_entry_details.compound_details           ? 
_pdbx_entry_details.source_details             ? 
_pdbx_entry_details.nonpolymer_details         ? 
_pdbx_entry_details.sequence_details           ? 
_pdbx_entry_details.has_ligand_of_interest     ? 
_pdbx_entry_details.has_protein_modification   Y 
# 
loop_
_pdbx_validate_torsion.id 
_pdbx_validate_torsion.PDB_model_num 
_pdbx_validate_torsion.auth_comp_id 
_pdbx_validate_torsion.auth_asym_id 
_pdbx_validate_torsion.auth_seq_id 
_pdbx_validate_torsion.PDB_ins_code 
_pdbx_validate_torsion.label_alt_id 
_pdbx_validate_torsion.phi 
_pdbx_validate_torsion.psi 
1  1  CYS A 7 ? ? -145.39 -15.76  
2  2  DAL A 3 ? ? -35.40  -33.76  
3  2  ILE A 4 ? ? -75.36  -86.23  
4  2  LEU A 6 ? ? -52.16  -174.18 
5  2  CYS A 7 ? ? 88.97   -78.66  
6  3  DAL A 3 ? ? -62.68  15.37   
7  3  CYS A 7 ? ? -125.15 -61.43  
8  4  DAL A 3 ? ? -147.48 -18.95  
9  4  CYS A 7 ? ? 85.40   -8.89   
10 5  DAL A 3 ? ? -149.81 2.38    
11 6  DAL A 3 ? ? -148.94 -9.30   
12 6  CYS A 7 ? ? -151.88 -13.28  
13 7  DAL A 3 ? ? -36.96  -23.53  
14 7  CYS A 7 ? ? -165.22 -20.79  
15 8  DAL A 3 ? ? -70.79  68.05   
16 8  ILE A 4 ? ? -52.43  76.29   
17 8  CYS A 7 ? ? -147.83 -36.49  
18 9  DAL A 3 ? ? -51.49  -4.38   
19 9  CYS A 7 ? ? -179.20 -4.71   
20 10 DAL A 3 ? ? -47.29  -16.08  
21 10 LEU A 6 ? ? -169.73 109.49  
22 10 CYS A 7 ? ? -151.95 -46.57  
23 11 DAL A 3 ? ? -64.28  6.78    
24 11 CYS A 7 ? ? -135.85 -48.72  
25 12 DAL A 3 ? ? -35.44  -32.81  
26 12 CYS A 7 ? ? 176.64  14.88   
27 13 DAL A 3 ? ? -38.94  -22.82  
28 13 CYS A 7 ? ? 153.67  -53.40  
29 14 DAL A 3 ? ? -148.32 25.77   
30 15 DAL A 3 ? ? -148.67 -36.86  
31 15 CYS A 7 ? ? -159.43 -43.48  
# 
_pdbx_nmr_ensemble.entry_id                             6QYW 
_pdbx_nmr_ensemble.conformers_calculated_total_number   150 
_pdbx_nmr_ensemble.conformers_submitted_total_number    15 
_pdbx_nmr_ensemble.conformer_selection_criteria         'structures with the lowest energy' 
# 
_pdbx_nmr_representative.entry_id             6QYW 
_pdbx_nmr_representative.conformer_id         1 
_pdbx_nmr_representative.selection_criteria   'closest to the average' 
# 
_pdbx_nmr_sample_details.solution_id      1 
_pdbx_nmr_sample_details.contents         '0.7 mg/mL nisin ring A, DMSO' 
_pdbx_nmr_sample_details.solvent_system   DMSO 
_pdbx_nmr_sample_details.label            sample_1 
_pdbx_nmr_sample_details.type             'lyophilized powder' 
_pdbx_nmr_sample_details.details          ? 
# 
_pdbx_nmr_exptl_sample.solution_id           1 
_pdbx_nmr_exptl_sample.component             'nisin ring A' 
_pdbx_nmr_exptl_sample.concentration         0.7 
_pdbx_nmr_exptl_sample.concentration_range   ? 
_pdbx_nmr_exptl_sample.concentration_units   mg/mL 
_pdbx_nmr_exptl_sample.isotopic_labeling     'natural abundance' 
# 
_pdbx_nmr_exptl_sample_conditions.conditions_id          1 
_pdbx_nmr_exptl_sample_conditions.temperature            298 
_pdbx_nmr_exptl_sample_conditions.pressure_units         atm 
_pdbx_nmr_exptl_sample_conditions.pressure               1 
_pdbx_nmr_exptl_sample_conditions.pH                     5.0 
_pdbx_nmr_exptl_sample_conditions.ionic_strength         'TFA salt' 
_pdbx_nmr_exptl_sample_conditions.details                ? 
_pdbx_nmr_exptl_sample_conditions.ionic_strength_err     ? 
_pdbx_nmr_exptl_sample_conditions.ionic_strength_units   'Not defined' 
_pdbx_nmr_exptl_sample_conditions.label                  DMSO_rt 
_pdbx_nmr_exptl_sample_conditions.pH_err                 ? 
_pdbx_nmr_exptl_sample_conditions.pH_units               pH 
_pdbx_nmr_exptl_sample_conditions.pressure_err           ? 
_pdbx_nmr_exptl_sample_conditions.temperature_err        ? 
_pdbx_nmr_exptl_sample_conditions.temperature_units      K 
# 
loop_
_pdbx_nmr_exptl.experiment_id 
_pdbx_nmr_exptl.conditions_id 
_pdbx_nmr_exptl.solution_id 
_pdbx_nmr_exptl.type 
_pdbx_nmr_exptl.spectrometer_id 
_pdbx_nmr_exptl.sample_state 
1 1 1 '2D 1H-1H COSY'  1 isotropic 
2 1 1 '2D 1H-1H NOESY' 1 isotropic 
3 1 1 '2D 1H-13C HSQC' 1 isotropic 
4 1 1 '2D 1H-13C HMBC' 1 isotropic 
# 
_pdbx_nmr_refine.entry_id           6QYW 
_pdbx_nmr_refine.method             'simulated annealing' 
_pdbx_nmr_refine.details            ? 
_pdbx_nmr_refine.software_ordinal   2 
# 
loop_
_pdbx_nmr_software.ordinal 
_pdbx_nmr_software.classification 
_pdbx_nmr_software.name 
_pdbx_nmr_software.version 
_pdbx_nmr_software.authors 
1 'structure calculation'     Xplor-NIH         2.45 'Schwieters, Kuszewski, Tjandra and Clore' 
2 refinement                  Xplor-NIH         2.45 'Schwieters, Kuszewski, Tjandra and Clore' 
3 'chemical shift assignment' 'CcpNmr Analysis' ?    CCPN                                       
4 'peak picking'              'CcpNmr Analysis' ?    CCPN                                       
# 
loop_
_chem_comp_atom.comp_id 
_chem_comp_atom.atom_id 
_chem_comp_atom.type_symbol 
_chem_comp_atom.pdbx_aromatic_flag 
_chem_comp_atom.pdbx_stereo_config 
_chem_comp_atom.pdbx_ordinal 
ALA N    N N N 1   
ALA CA   C N S 2   
ALA C    C N N 3   
ALA O    O N N 4   
ALA CB   C N N 5   
ALA OXT  O N N 6   
ALA H    H N N 7   
ALA H2   H N N 8   
ALA HA   H N N 9   
ALA HB1  H N N 10  
ALA HB2  H N N 11  
ALA HB3  H N N 12  
ALA HXT  H N N 13  
CYS N    N N N 14  
CYS CA   C N R 15  
CYS C    C N N 16  
CYS O    O N N 17  
CYS CB   C N N 18  
CYS SG   S N N 19  
CYS OXT  O N N 20  
CYS H    H N N 21  
CYS H2   H N N 22  
CYS HA   H N N 23  
CYS HB2  H N N 24  
CYS HB3  H N N 25  
CYS HG   H N N 26  
CYS HXT  H N N 27  
DAL N    N N N 28  
DAL CA   C N R 29  
DAL CB   C N N 30  
DAL C    C N N 31  
DAL O    O N N 32  
DAL OXT  O N N 33  
DAL H    H N N 34  
DAL H2   H N N 35  
DAL HA   H N N 36  
DAL HB1  H N N 37  
DAL HB2  H N N 38  
DAL HB3  H N N 39  
DAL HXT  H N N 40  
DBU N    N N N 41  
DBU CA   C N N 42  
DBU CB   C N N 43  
DBU CG   C N N 44  
DBU C    C N N 45  
DBU O    O N N 46  
DBU OXT  O N N 47  
DBU H    H N N 48  
DBU H2   H N N 49  
DBU HB   H N N 50  
DBU HG1  H N N 51  
DBU HG2  H N N 52  
DBU HG3  H N N 53  
DBU HXT  H N N 54  
DHA N    N N N 55  
DHA CA   C N N 56  
DHA CB   C N N 57  
DHA C    C N N 58  
DHA O    O N N 59  
DHA OXT  O N N 60  
DHA H    H N N 61  
DHA H2   H N N 62  
DHA HB1  H N N 63  
DHA HB2  H N N 64  
DHA HXT  H N N 65  
ILE N    N N N 66  
ILE CA   C N S 67  
ILE C    C N N 68  
ILE O    O N N 69  
ILE CB   C N S 70  
ILE CG1  C N N 71  
ILE CG2  C N N 72  
ILE CD1  C N N 73  
ILE OXT  O N N 74  
ILE H    H N N 75  
ILE H2   H N N 76  
ILE HA   H N N 77  
ILE HB   H N N 78  
ILE HG12 H N N 79  
ILE HG13 H N N 80  
ILE HG21 H N N 81  
ILE HG22 H N N 82  
ILE HG23 H N N 83  
ILE HD11 H N N 84  
ILE HD12 H N N 85  
ILE HD13 H N N 86  
ILE HXT  H N N 87  
LEU N    N N N 88  
LEU CA   C N S 89  
LEU C    C N N 90  
LEU O    O N N 91  
LEU CB   C N N 92  
LEU CG   C N N 93  
LEU CD1  C N N 94  
LEU CD2  C N N 95  
LEU OXT  O N N 96  
LEU H    H N N 97  
LEU H2   H N N 98  
LEU HA   H N N 99  
LEU HB2  H N N 100 
LEU HB3  H N N 101 
LEU HG   H N N 102 
LEU HD11 H N N 103 
LEU HD12 H N N 104 
LEU HD13 H N N 105 
LEU HD21 H N N 106 
LEU HD22 H N N 107 
LEU HD23 H N N 108 
LEU HXT  H N N 109 
# 
loop_
_chem_comp_bond.comp_id 
_chem_comp_bond.atom_id_1 
_chem_comp_bond.atom_id_2 
_chem_comp_bond.value_order 
_chem_comp_bond.pdbx_aromatic_flag 
_chem_comp_bond.pdbx_stereo_config 
_chem_comp_bond.pdbx_ordinal 
ALA N   CA   sing N N 1   
ALA N   H    sing N N 2   
ALA N   H2   sing N N 3   
ALA CA  C    sing N N 4   
ALA CA  CB   sing N N 5   
ALA CA  HA   sing N N 6   
ALA C   O    doub N N 7   
ALA C   OXT  sing N N 8   
ALA CB  HB1  sing N N 9   
ALA CB  HB2  sing N N 10  
ALA CB  HB3  sing N N 11  
ALA OXT HXT  sing N N 12  
CYS N   CA   sing N N 13  
CYS N   H    sing N N 14  
CYS N   H2   sing N N 15  
CYS CA  C    sing N N 16  
CYS CA  CB   sing N N 17  
CYS CA  HA   sing N N 18  
CYS C   O    doub N N 19  
CYS C   OXT  sing N N 20  
CYS CB  SG   sing N N 21  
CYS CB  HB2  sing N N 22  
CYS CB  HB3  sing N N 23  
CYS SG  HG   sing N N 24  
CYS OXT HXT  sing N N 25  
DAL N   CA   sing N N 26  
DAL N   H    sing N N 27  
DAL N   H2   sing N N 28  
DAL CA  CB   sing N N 29  
DAL CA  C    sing N N 30  
DAL CA  HA   sing N N 31  
DAL CB  HB1  sing N N 32  
DAL CB  HB2  sing N N 33  
DAL CB  HB3  sing N N 34  
DAL C   O    doub N N 35  
DAL C   OXT  sing N N 36  
DAL OXT HXT  sing N N 37  
DBU N   CA   sing N N 38  
DBU N   H    sing N N 39  
DBU N   H2   sing N N 40  
DBU CA  CB   doub N Z 41  
DBU CA  C    sing N N 42  
DBU CB  CG   sing N N 43  
DBU CB  HB   sing N N 44  
DBU CG  HG1  sing N N 45  
DBU CG  HG2  sing N N 46  
DBU CG  HG3  sing N N 47  
DBU C   O    doub N N 48  
DBU C   OXT  sing N N 49  
DBU OXT HXT  sing N N 50  
DHA N   CA   sing N N 51  
DHA N   H    sing N N 52  
DHA N   H2   sing N N 53  
DHA CA  CB   doub N N 54  
DHA CA  C    sing N N 55  
DHA CB  HB1  sing N N 56  
DHA CB  HB2  sing N N 57  
DHA C   O    doub N N 58  
DHA C   OXT  sing N N 59  
DHA OXT HXT  sing N N 60  
ILE N   CA   sing N N 61  
ILE N   H    sing N N 62  
ILE N   H2   sing N N 63  
ILE CA  C    sing N N 64  
ILE CA  CB   sing N N 65  
ILE CA  HA   sing N N 66  
ILE C   O    doub N N 67  
ILE C   OXT  sing N N 68  
ILE CB  CG1  sing N N 69  
ILE CB  CG2  sing N N 70  
ILE CB  HB   sing N N 71  
ILE CG1 CD1  sing N N 72  
ILE CG1 HG12 sing N N 73  
ILE CG1 HG13 sing N N 74  
ILE CG2 HG21 sing N N 75  
ILE CG2 HG22 sing N N 76  
ILE CG2 HG23 sing N N 77  
ILE CD1 HD11 sing N N 78  
ILE CD1 HD12 sing N N 79  
ILE CD1 HD13 sing N N 80  
ILE OXT HXT  sing N N 81  
LEU N   CA   sing N N 82  
LEU N   H    sing N N 83  
LEU N   H2   sing N N 84  
LEU CA  C    sing N N 85  
LEU CA  CB   sing N N 86  
LEU CA  HA   sing N N 87  
LEU C   O    doub N N 88  
LEU C   OXT  sing N N 89  
LEU CB  CG   sing N N 90  
LEU CB  HB2  sing N N 91  
LEU CB  HB3  sing N N 92  
LEU CG  CD1  sing N N 93  
LEU CG  CD2  sing N N 94  
LEU CG  HG   sing N N 95  
LEU CD1 HD11 sing N N 96  
LEU CD1 HD12 sing N N 97  
LEU CD1 HD13 sing N N 98  
LEU CD2 HD21 sing N N 99  
LEU CD2 HD22 sing N N 100 
LEU CD2 HD23 sing N N 101 
LEU OXT HXT  sing N N 102 
# 
_pdbx_audit_support.funding_organization   'Engineering and Physical Sciences Research Council' 
_pdbx_audit_support.country                'United Kingdom' 
_pdbx_audit_support.grant_number           EP/L504889/1 
_pdbx_audit_support.ordinal                1 
# 
_pdbx_nmr_spectrometer.spectrometer_id   1 
_pdbx_nmr_spectrometer.model             AVANCE 
_pdbx_nmr_spectrometer.type              ? 
_pdbx_nmr_spectrometer.manufacturer      Bruker 
_pdbx_nmr_spectrometer.field_strength    600 
_pdbx_nmr_spectrometer.details           ? 
# 
_atom_sites.entry_id                    6QYW 
_atom_sites.fract_transf_matrix[1][1]   1.000000 
_atom_sites.fract_transf_matrix[1][2]   0.000000 
_atom_sites.fract_transf_matrix[1][3]   0.000000 
_atom_sites.fract_transf_matrix[2][1]   0.000000 
_atom_sites.fract_transf_matrix[2][2]   1.000000 
_atom_sites.fract_transf_matrix[2][3]   0.000000 
_atom_sites.fract_transf_matrix[3][1]   0.000000 
_atom_sites.fract_transf_matrix[3][2]   0.000000 
_atom_sites.fract_transf_matrix[3][3]   1.000000 
_atom_sites.fract_transf_vector[1]      0.00000 
_atom_sites.fract_transf_vector[2]      0.00000 
_atom_sites.fract_transf_vector[3]      0.00000 
# 
loop_
_atom_type.symbol 
C 
H 
N 
O 
S 
# 
loop_
_atom_site.group_PDB 
_atom_site.id 
_atom_site.type_symbol 
_atom_site.label_atom_id 
_atom_site.label_alt_id 
_atom_site.label_comp_id 
_atom_site.label_asym_id 
_atom_site.label_entity_id 
_atom_site.label_seq_id 
_atom_site.pdbx_PDB_ins_code 
_atom_site.Cartn_x 
_atom_site.Cartn_y 
_atom_site.Cartn_z 
_atom_site.occupancy 
_atom_site.B_iso_or_equiv 
_atom_site.pdbx_formal_charge 
_atom_site.auth_seq_id 
_atom_site.auth_comp_id 
_atom_site.auth_asym_id 
_atom_site.auth_atom_id 
_atom_site.pdbx_PDB_model_num 
ATOM   1    N N    . ILE A 1 1 ? 2.518  2.719  -6.031  1.00 0.00 1 1 ILE A N    1  
ATOM   2    C CA   . ILE A 1 1 ? 2.671  3.727  -4.943  1.00 0.00 ? 1 ILE A CA   1  
ATOM   3    C C    . ILE A 1 1 ? 1.472  3.642  -4.005  1.00 0.00 ? 1 ILE A C    1  
ATOM   4    O O    . ILE A 1 1 ? 0.403  3.165  -4.385  1.00 0.00 ? 1 ILE A O    1  
ATOM   5    C CB   . ILE A 1 1 ? 2.763  5.127  -5.554  1.00 0.00 ? 1 ILE A CB   1  
ATOM   6    C CG1  . ILE A 1 1 ? 1.379  5.564  -6.046  1.00 0.00 ? 1 ILE A CG1  1  
ATOM   7    C CG2  . ILE A 1 1 ? 3.739  5.107  -6.732  1.00 0.00 ? 1 ILE A CG2  1  
ATOM   8    C CD1  . ILE A 1 1 ? 0.847  4.548  -7.057  1.00 0.00 ? 1 ILE A CD1  1  
ATOM   9    H H1   . ILE A 1 1 ? 1.575  2.287  -5.975  1.00 0.00 ? 1 ILE A H1   1  
ATOM   10   H H2   . ILE A 1 1 ? 3.247  1.983  -5.925  1.00 0.00 ? 1 ILE A H2   1  
ATOM   11   H H3   . ILE A 1 1 ? 2.629  3.186  -6.953  1.00 0.00 ? 1 ILE A H3   1  
ATOM   12   H HA   . ILE A 1 1 ? 3.573  3.517  -4.388  1.00 0.00 ? 1 ILE A HA   1  
ATOM   13   H HB   . ILE A 1 1 ? 3.117  5.821  -4.806  1.00 0.00 ? 1 ILE A HB   1  
ATOM   14   H HG12 . ILE A 1 1 ? 0.703  5.629  -5.207  1.00 0.00 ? 1 ILE A HG12 1  
ATOM   15   H HG13 . ILE A 1 1 ? 1.457  6.532  -6.519  1.00 0.00 ? 1 ILE A HG13 1  
ATOM   16   H HG21 . ILE A 1 1 ? 3.201  4.883  -7.641  1.00 0.00 ? 1 ILE A HG21 1  
ATOM   17   H HG22 . ILE A 1 1 ? 4.490  4.350  -6.564  1.00 0.00 ? 1 ILE A HG22 1  
ATOM   18   H HG23 . ILE A 1 1 ? 4.213  6.073  -6.822  1.00 0.00 ? 1 ILE A HG23 1  
ATOM   19   H HD11 . ILE A 1 1 ? 0.010  4.975  -7.590  1.00 0.00 ? 1 ILE A HD11 1  
ATOM   20   H HD12 . ILE A 1 1 ? 0.525  3.658  -6.537  1.00 0.00 ? 1 ILE A HD12 1  
ATOM   21   H HD13 . ILE A 1 1 ? 1.626  4.294  -7.759  1.00 0.00 ? 1 ILE A HD13 1  
HETATM 22   N N    . DBU A 1 2 ? 1.649  4.117  -2.759  1.00 0.00 ? 2 DBU A N    1  
HETATM 23   C CA   . DBU A 1 2 ? 0.602  4.076  -1.844  1.00 0.00 ? 2 DBU A CA   1  
HETATM 24   C CB   . DBU A 1 2 ? -0.167 5.083  -1.407  1.00 0.00 ? 2 DBU A CB   1  
HETATM 25   C CG   . DBU A 1 2 ? -0.024 6.538  -1.861  1.00 0.00 ? 2 DBU A CG   1  
HETATM 26   C C    . DBU A 1 2 ? 0.390  2.690  -1.347  1.00 0.00 ? 2 DBU A C    1  
HETATM 27   O O    . DBU A 1 2 ? 1.050  2.221  -0.419  1.00 0.00 ? 2 DBU A O    1  
HETATM 28   H H    . DBU A 1 2 ? 2.496  4.498  -2.449  1.00 0.00 ? 2 DBU A H    1  
HETATM 29   H HB   . DBU A 1 2 ? -0.939 4.853  -0.688  1.00 0.00 ? 2 DBU A HB   1  
HETATM 30   H HG1  . DBU A 1 2 ? 0.135  6.568  -2.929  1.00 0.00 ? 2 DBU A HG1  1  
HETATM 31   H HG2  . DBU A 1 2 ? 0.818  6.991  -1.358  1.00 0.00 ? 2 DBU A HG2  1  
HETATM 32   H HG3  . DBU A 1 2 ? -0.926 7.081  -1.616  1.00 0.00 ? 2 DBU A HG3  1  
HETATM 33   N N    . DAL A 1 3 ? -0.566 1.979  -1.971  1.00 0.00 ? 3 DAL A N    1  
HETATM 34   C CA   . DAL A 1 3 ? -0.829 0.612  -1.536  1.00 0.00 ? 3 DAL A CA   1  
HETATM 35   C CB   . DAL A 1 3 ? -1.173 0.594  -0.046  1.00 0.00 ? 3 DAL A CB   1  
HETATM 36   C C    . DAL A 1 3 ? 0.384  -0.276 -1.795  1.00 0.00 ? 3 DAL A C    1  
HETATM 37   O O    . DAL A 1 3 ? 0.389  -1.454 -1.440  1.00 0.00 ? 3 DAL A O    1  
HETATM 38   H H    . DAL A 1 3 ? -1.091 2.353  -2.709  1.00 0.00 ? 3 DAL A H    1  
HETATM 39   H HA   . DAL A 1 3 ? -1.672 0.225  -2.092  1.00 0.00 ? 3 DAL A HA   1  
HETATM 40   H HB1  . DAL A 1 3 ? -1.147 1.602  0.342   1.00 0.00 ? 3 DAL A HB1  1  
HETATM 41   H HB2  . DAL A 1 3 ? -0.452 -0.013 0.484   1.00 0.00 ? 3 DAL A HB2  1  
ATOM   42   N N    . ILE A 1 4 ? 1.409  0.299  -2.415  1.00 0.00 ? 4 ILE A N    1  
ATOM   43   C CA   . ILE A 1 4 ? 2.624  -0.452 -2.715  1.00 0.00 ? 4 ILE A CA   1  
ATOM   44   C C    . ILE A 1 4 ? 3.218  -1.040 -1.439  1.00 0.00 ? 4 ILE A C    1  
ATOM   45   O O    . ILE A 1 4 ? 3.802  -2.124 -1.454  1.00 0.00 ? 4 ILE A O    1  
ATOM   46   C CB   . ILE A 1 4 ? 3.648  0.464  -3.393  1.00 0.00 ? 4 ILE A CB   1  
ATOM   47   C CG1  . ILE A 1 4 ? 4.502  -0.358 -4.363  1.00 0.00 ? 4 ILE A CG1  1  
ATOM   48   C CG2  . ILE A 1 4 ? 4.553  1.102  -2.337  1.00 0.00 ? 4 ILE A CG2  1  
ATOM   49   C CD1  . ILE A 1 4 ? 5.179  -1.501 -3.605  1.00 0.00 ? 4 ILE A CD1  1  
ATOM   50   H H    . ILE A 1 4 ? 1.349  1.241  -2.675  1.00 0.00 ? 4 ILE A H    1  
ATOM   51   H HA   . ILE A 1 4 ? 2.379  -1.258 -3.391  1.00 0.00 ? 4 ILE A HA   1  
ATOM   52   H HB   . ILE A 1 4 ? 3.130  1.239  -3.937  1.00 0.00 ? 4 ILE A HB   1  
ATOM   53   H HG12 . ILE A 1 4 ? 3.870  -0.764 -5.141  1.00 0.00 ? 4 ILE A HG12 1  
ATOM   54   H HG13 . ILE A 1 4 ? 5.256  0.276  -4.805  1.00 0.00 ? 4 ILE A HG13 1  
ATOM   55   H HG21 . ILE A 1 4 ? 3.944  1.541  -1.560  1.00 0.00 ? 4 ILE A HG21 1  
ATOM   56   H HG22 . ILE A 1 4 ? 5.159  1.869  -2.796  1.00 0.00 ? 4 ILE A HG22 1  
ATOM   57   H HG23 . ILE A 1 4 ? 5.194  0.346  -1.908  1.00 0.00 ? 4 ILE A HG23 1  
ATOM   58   H HD11 . ILE A 1 4 ? 5.431  -1.171 -2.609  1.00 0.00 ? 4 ILE A HD11 1  
ATOM   59   H HD12 . ILE A 1 4 ? 6.078  -1.794 -4.127  1.00 0.00 ? 4 ILE A HD12 1  
ATOM   60   H HD13 . ILE A 1 4 ? 4.505  -2.343 -3.548  1.00 0.00 ? 4 ILE A HD13 1  
HETATM 61   N N    . DHA A 1 5 ? 3.066  -0.316 -0.316  1.00 0.00 ? 5 DHA A N    1  
HETATM 62   C CA   . DHA A 1 5 ? 3.577  -0.783 0.889   1.00 0.00 ? 5 DHA A CA   1  
HETATM 63   C CB   . DHA A 1 5 ? 4.721  -0.446 1.500   1.00 0.00 ? 5 DHA A CB   1  
HETATM 64   C C    . DHA A 1 5 ? 2.657  -1.782 1.498   1.00 0.00 ? 5 DHA A C    1  
HETATM 65   O O    . DHA A 1 5 ? 2.782  -2.990 1.297   1.00 0.00 ? 5 DHA A O    1  
HETATM 66   H H    . DHA A 1 5 ? 2.602  0.548  -0.297  1.00 0.00 ? 5 DHA A H    1  
HETATM 67   H HB1  . DHA A 1 5 ? 5.384  0.281  1.053   1.00 0.00 ? 5 DHA A HB1  1  
HETATM 68   H HB2  . DHA A 1 5 ? 4.987  -0.900 2.445   1.00 0.00 ? 5 DHA A HB2  1  
ATOM   69   N N    . LEU A 1 6 ? 1.682  -1.286 2.278   1.00 0.00 ? 6 LEU A N    1  
ATOM   70   C CA   . LEU A 1 6 ? 0.742  -2.207 2.907   1.00 0.00 ? 6 LEU A CA   1  
ATOM   71   C C    . LEU A 1 6 ? -0.547 -1.484 3.282   1.00 0.00 ? 6 LEU A C    1  
ATOM   72   O O    . LEU A 1 6 ? -0.594 -0.753 4.271   1.00 0.00 ? 6 LEU A O    1  
ATOM   73   C CB   . LEU A 1 6 ? 1.371  -2.818 4.161   1.00 0.00 ? 6 LEU A CB   1  
ATOM   74   C CG   . LEU A 1 6 ? 0.809  -4.223 4.382   1.00 0.00 ? 6 LEU A CG   1  
ATOM   75   C CD1  . LEU A 1 6 ? -0.716 -4.158 4.471   1.00 0.00 ? 6 LEU A CD1  1  
ATOM   76   C CD2  . LEU A 1 6 ? 1.212  -5.124 3.212   1.00 0.00 ? 6 LEU A CD2  1  
ATOM   77   H H    . LEU A 1 6 ? 1.582  -0.324 2.437   1.00 0.00 ? 6 LEU A H    1  
ATOM   78   H HA   . LEU A 1 6 ? 0.511  -2.999 2.210   1.00 0.00 ? 6 LEU A HA   1  
ATOM   79   H HB2  . LEU A 1 6 ? 2.443  -2.874 4.034   1.00 0.00 ? 6 LEU A HB2  1  
ATOM   80   H HB3  . LEU A 1 6 ? 1.141  -2.201 5.016   1.00 0.00 ? 6 LEU A HB3  1  
ATOM   81   H HG   . LEU A 1 6 ? 1.207  -4.627 5.302   1.00 0.00 ? 6 LEU A HG   1  
ATOM   82   H HD11 . LEU A 1 6 ? -1.002 -3.415 5.202   1.00 0.00 ? 6 LEU A HD11 1  
ATOM   83   H HD12 . LEU A 1 6 ? -1.101 -5.123 4.770   1.00 0.00 ? 6 LEU A HD12 1  
ATOM   84   H HD13 . LEU A 1 6 ? -1.123 -3.890 3.507   1.00 0.00 ? 6 LEU A HD13 1  
ATOM   85   H HD21 . LEU A 1 6 ? 0.381  -5.219 2.528   1.00 0.00 ? 6 LEU A HD21 1  
ATOM   86   H HD22 . LEU A 1 6 ? 1.484  -6.100 3.584   1.00 0.00 ? 6 LEU A HD22 1  
ATOM   87   H HD23 . LEU A 1 6 ? 2.054  -4.688 2.696   1.00 0.00 ? 6 LEU A HD23 1  
ATOM   88   N N    . CYS A 1 7 ? -1.589 -1.694 2.484   1.00 0.00 ? 7 CYS A N    1  
ATOM   89   C CA   . CYS A 1 7 ? -2.876 -1.058 2.741   1.00 0.00 ? 7 CYS A CA   1  
ATOM   90   C C    . CYS A 1 7 ? -4.020 -1.985 2.342   1.00 0.00 ? 7 CYS A C    1  
ATOM   91   O O    . CYS A 1 7 ? -5.167 -1.775 2.735   1.00 0.00 ? 7 CYS A O    1  
ATOM   92   C CB   . CYS A 1 7 ? -2.977 0.251  1.954   1.00 0.00 ? 7 CYS A CB   1  
ATOM   93   S SG   . CYS A 1 7 ? -2.829 -0.098 0.185   1.00 0.00 ? 7 CYS A SG   1  
ATOM   94   H H    . CYS A 1 7 ? -1.491 -2.287 1.710   1.00 0.00 ? 7 CYS A H    1  
ATOM   95   H HA   . CYS A 1 7 ? -2.953 -0.836 3.795   1.00 0.00 ? 7 CYS A HA   1  
ATOM   96   H HB2  . CYS A 1 7 ? -3.932 0.715  2.151   1.00 0.00 ? 7 CYS A HB2  1  
ATOM   97   H HB3  . CYS A 1 7 ? -2.184 0.917  2.258   1.00 0.00 ? 7 CYS A HB3  1  
ATOM   98   N N    . ALA A 1 8 ? -3.696 -3.010 1.563   1.00 0.00 ? 8 ALA A N    1  
ATOM   99   C CA   . ALA A 1 8 ? -4.706 -3.965 1.118   1.00 0.00 ? 8 ALA A CA   1  
ATOM   100  C C    . ALA A 1 8 ? -4.197 -5.395 1.279   1.00 0.00 ? 8 ALA A C    1  
ATOM   101  O O    . ALA A 1 8 ? -4.968 -6.309 1.028   1.00 0.00 ? 8 ALA A O    1  
ATOM   102  C CB   . ALA A 1 8 ? -5.056 -3.708 -0.349  1.00 0.00 ? 8 ALA A CB   1  
ATOM   103  O OXT  . ALA A 1 8 ? -3.047 -5.555 1.649   1.00 0.00 ? 8 ALA A OXT  1  
ATOM   104  H H    . ALA A 1 8 ? -2.765 -3.128 1.281   1.00 0.00 ? 8 ALA A H    1  
ATOM   105  H HA   . ALA A 1 8 ? -5.595 -3.840 1.716   1.00 0.00 ? 8 ALA A HA   1  
ATOM   106  H HB1  . ALA A 1 8 ? -4.669 -2.746 -0.649  1.00 0.00 ? 8 ALA A HB1  1  
ATOM   107  H HB2  . ALA A 1 8 ? -6.130 -3.718 -0.469  1.00 0.00 ? 8 ALA A HB2  1  
ATOM   108  H HB3  . ALA A 1 8 ? -4.619 -4.481 -0.964  1.00 0.00 ? 8 ALA A HB3  1  
ATOM   109  N N    . ILE A 1 1 ? 4.094  4.850  -1.493  1.00 0.00 1 1 ILE A N    2  
ATOM   110  C CA   . ILE A 1 1 ? 4.717  4.144  -0.337  1.00 0.00 ? 1 ILE A CA   2  
ATOM   111  C C    . ILE A 1 1 ? 3.621  3.550  0.542   1.00 0.00 ? 1 ILE A C    2  
ATOM   112  O O    . ILE A 1 1 ? 3.886  3.089  1.653   1.00 0.00 ? 1 ILE A O    2  
ATOM   113  C CB   . ILE A 1 1 ? 5.556  5.136  0.470   1.00 0.00 ? 1 ILE A CB   2  
ATOM   114  C CG1  . ILE A 1 1 ? 6.791  5.537  -0.342  1.00 0.00 ? 1 ILE A CG1  2  
ATOM   115  C CG2  . ILE A 1 1 ? 5.998  4.483  1.782   1.00 0.00 ? 1 ILE A CG2  2  
ATOM   116  C CD1  . ILE A 1 1 ? 7.910  4.518  -0.116  1.00 0.00 ? 1 ILE A CD1  2  
ATOM   117  H H1   . ILE A 1 1 ? 3.163  4.434  -1.693  1.00 0.00 ? 1 ILE A H1   2  
ATOM   118  H H2   . ILE A 1 1 ? 4.705  4.750  -2.329  1.00 0.00 ? 1 ILE A H2   2  
ATOM   119  H H3   . ILE A 1 1 ? 3.979  5.857  -1.264  1.00 0.00 ? 1 ILE A H3   2  
ATOM   120  H HA   . ILE A 1 1 ? 5.351  3.350  -0.703  1.00 0.00 ? 1 ILE A HA   2  
ATOM   121  H HB   . ILE A 1 1 ? 4.965  6.014  0.687   1.00 0.00 ? 1 ILE A HB   2  
ATOM   122  H HG12 . ILE A 1 1 ? 6.536  5.567  -1.392  1.00 0.00 ? 1 ILE A HG12 2  
ATOM   123  H HG13 . ILE A 1 1 ? 7.128  6.514  -0.026  1.00 0.00 ? 1 ILE A HG13 2  
ATOM   124  H HG21 . ILE A 1 1 ? 6.139  3.423  1.627   1.00 0.00 ? 1 ILE A HG21 2  
ATOM   125  H HG22 . ILE A 1 1 ? 5.240  4.640  2.534   1.00 0.00 ? 1 ILE A HG22 2  
ATOM   126  H HG23 . ILE A 1 1 ? 6.928  4.927  2.108   1.00 0.00 ? 1 ILE A HG23 2  
ATOM   127  H HD11 . ILE A 1 1 ? 8.422  4.746  0.807   1.00 0.00 ? 1 ILE A HD11 2  
ATOM   128  H HD12 . ILE A 1 1 ? 8.611  4.565  -0.938  1.00 0.00 ? 1 ILE A HD12 2  
ATOM   129  H HD13 . ILE A 1 1 ? 7.488  3.526  -0.059  1.00 0.00 ? 1 ILE A HD13 2  
HETATM 130  N N    . DBU A 1 2 ? 2.374  3.560  0.042   1.00 0.00 ? 2 DBU A N    2  
HETATM 131  C CA   . DBU A 1 2 ? 1.321  3.038  0.786   1.00 0.00 ? 2 DBU A CA   2  
HETATM 132  C CB   . DBU A 1 2 ? 0.903  3.392  2.009   1.00 0.00 ? 2 DBU A CB   2  
HETATM 133  C CG   . DBU A 1 2 ? 1.540  4.496  2.855   1.00 0.00 ? 2 DBU A CG   2  
HETATM 134  C C    . DBU A 1 2 ? 0.634  1.949  0.038   1.00 0.00 ? 2 DBU A C    2  
HETATM 135  O O    . DBU A 1 2 ? 0.873  0.762  0.252   1.00 0.00 ? 2 DBU A O    2  
HETATM 136  H H    . DBU A 1 2 ? 2.156  3.926  -0.841  1.00 0.00 ? 2 DBU A H    2  
HETATM 137  H HB   . DBU A 1 2 ? 0.058  2.862  2.424   1.00 0.00 ? 2 DBU A HB   2  
HETATM 138  H HG1  . DBU A 1 2 ? 2.392  4.903  2.332   1.00 0.00 ? 2 DBU A HG1  2  
HETATM 139  H HG2  . DBU A 1 2 ? 1.861  4.083  3.801   1.00 0.00 ? 2 DBU A HG2  2  
HETATM 140  H HG3  . DBU A 1 2 ? 0.816  5.277  3.031   1.00 0.00 ? 2 DBU A HG3  2  
HETATM 141  N N    . DAL A 1 3 ? -0.266 2.341  -0.881  1.00 0.00 ? 3 DAL A N    2  
HETATM 142  C CA   . DAL A 1 3 ? -0.981 1.327  -1.646  1.00 0.00 ? 3 DAL A CA   2  
HETATM 143  C CB   . DAL A 1 3 ? -2.208 0.859  -0.861  1.00 0.00 ? 3 DAL A CB   2  
HETATM 144  C C    . DAL A 1 3 ? -0.077 0.133  -1.931  1.00 0.00 ? 3 DAL A C    2  
HETATM 145  O O    . DAL A 1 3 ? -0.535 -1.008 -1.975  1.00 0.00 ? 3 DAL A O    2  
HETATM 146  H H    . DAL A 1 3 ? -0.459 3.288  -1.050  1.00 0.00 ? 3 DAL A H    2  
HETATM 147  H HA   . DAL A 1 3 ? -1.308 1.754  -2.582  1.00 0.00 ? 3 DAL A HA   2  
HETATM 148  H HB1  . DAL A 1 3 ? -2.683 0.045  -1.387  1.00 0.00 ? 3 DAL A HB1  2  
HETATM 149  H HB2  . DAL A 1 3 ? -2.904 1.678  -0.758  1.00 0.00 ? 3 DAL A HB2  2  
ATOM   150  N N    . ILE A 1 4 ? 1.211  0.403  -2.119  1.00 0.00 ? 4 ILE A N    2  
ATOM   151  C CA   . ILE A 1 4 ? 2.169  -0.662 -2.390  1.00 0.00 ? 4 ILE A CA   2  
ATOM   152  C C    . ILE A 1 4 ? 2.472  -1.425 -1.106  1.00 0.00 ? 4 ILE A C    2  
ATOM   153  O O    . ILE A 1 4 ? 1.835  -2.435 -0.809  1.00 0.00 ? 4 ILE A O    2  
ATOM   154  C CB   . ILE A 1 4 ? 3.460  -0.071 -2.964  1.00 0.00 ? 4 ILE A CB   2  
ATOM   155  C CG1  . ILE A 1 4 ? 3.317  1.448  -3.068  1.00 0.00 ? 4 ILE A CG1  2  
ATOM   156  C CG2  . ILE A 1 4 ? 3.719  -0.653 -4.355  1.00 0.00 ? 4 ILE A CG2  2  
ATOM   157  C CD1  . ILE A 1 4 ? 4.499  2.021  -3.850  1.00 0.00 ? 4 ILE A CD1  2  
ATOM   158  H H    . ILE A 1 4 ? 1.522  1.329  -2.067  1.00 0.00 ? 4 ILE A H    2  
ATOM   159  H HA   . ILE A 1 4 ? 1.742  -1.344 -3.110  1.00 0.00 ? 4 ILE A HA   2  
ATOM   160  H HB   . ILE A 1 4 ? 4.289  -0.314 -2.315  1.00 0.00 ? 4 ILE A HB   2  
ATOM   161  H HG12 . ILE A 1 4 ? 2.395  1.688  -3.578  1.00 0.00 ? 4 ILE A HG12 2  
ATOM   162  H HG13 . ILE A 1 4 ? 3.302  1.878  -2.076  1.00 0.00 ? 4 ILE A HG13 2  
ATOM   163  H HG21 . ILE A 1 4 ? 3.774  -1.729 -4.292  1.00 0.00 ? 4 ILE A HG21 2  
ATOM   164  H HG22 . ILE A 1 4 ? 4.652  -0.266 -4.739  1.00 0.00 ? 4 ILE A HG22 2  
ATOM   165  H HG23 . ILE A 1 4 ? 2.914  -0.373 -5.018  1.00 0.00 ? 4 ILE A HG23 2  
ATOM   166  H HD11 . ILE A 1 4 ? 4.401  1.757  -4.893  1.00 0.00 ? 4 ILE A HD11 2  
ATOM   167  H HD12 . ILE A 1 4 ? 5.420  1.614  -3.461  1.00 0.00 ? 4 ILE A HD12 2  
ATOM   168  H HD13 . ILE A 1 4 ? 4.510  3.096  -3.750  1.00 0.00 ? 4 ILE A HD13 2  
HETATM 169  N N    . DHA A 1 5 ? 3.445  -0.929 -0.322  1.00 0.00 ? 5 DHA A N    2  
HETATM 170  C CA   . DHA A 1 5 ? 3.758  -1.565 0.870   1.00 0.00 ? 5 DHA A CA   2  
HETATM 171  C CB   . DHA A 1 5 ? 4.956  -1.911 1.355   1.00 0.00 ? 5 DHA A CB   2  
HETATM 172  C C    . DHA A 1 5 ? 2.517  -1.849 1.635   1.00 0.00 ? 5 DHA A C    2  
HETATM 173  O O    . DHA A 1 5 ? 1.868  -2.883 1.468   1.00 0.00 ? 5 DHA A O    2  
HETATM 174  H H    . DHA A 1 5 ? 3.950  -0.118 -0.544  1.00 0.00 ? 5 DHA A H    2  
HETATM 175  H HB1  . DHA A 1 5 ? 5.854  -1.700 0.793   1.00 0.00 ? 5 DHA A HB1  2  
HETATM 176  H HB2  . DHA A 1 5 ? 5.030  -2.406 2.313   1.00 0.00 ? 5 DHA A HB2  2  
ATOM   177  N N    . LEU A 1 6 ? 2.139  -0.905 2.512   1.00 0.00 ? 6 LEU A N    2  
ATOM   178  C CA   . LEU A 1 6 ? 0.926  -1.111 3.289   1.00 0.00 ? 6 LEU A CA   2  
ATOM   179  C C    . LEU A 1 6 ? -0.242 -1.452 2.367   1.00 0.00 ? 6 LEU A C    2  
ATOM   180  O O    . LEU A 1 6 ? -0.059 -1.630 1.163   1.00 0.00 ? 6 LEU A O    2  
ATOM   181  C CB   . LEU A 1 6 ? 0.603  0.150  4.089   1.00 0.00 ? 6 LEU A CB   2  
ATOM   182  C CG   . LEU A 1 6 ? 1.118  -0.008 5.521   1.00 0.00 ? 6 LEU A CG   2  
ATOM   183  C CD1  . LEU A 1 6 ? 2.645  0.039  5.521   1.00 0.00 ? 6 LEU A CD1  2  
ATOM   184  C CD2  . LEU A 1 6 ? 0.574  1.132  6.386   1.00 0.00 ? 6 LEU A CD2  2  
ATOM   185  H H    . LEU A 1 6 ? 2.654  -0.080 2.639   1.00 0.00 ? 6 LEU A H    2  
ATOM   186  H HA   . LEU A 1 6 ? 1.082  -1.929 3.972   1.00 0.00 ? 6 LEU A HA   2  
ATOM   187  H HB2  . LEU A 1 6 ? 1.080  1.001  3.626   1.00 0.00 ? 6 LEU A HB2  2  
ATOM   188  H HB3  . LEU A 1 6 ? -0.466 0.300  4.106   1.00 0.00 ? 6 LEU A HB3  2  
ATOM   189  H HG   . LEU A 1 6 ? 0.786  -0.956 5.920   1.00 0.00 ? 6 LEU A HG   2  
ATOM   190  H HD11 . LEU A 1 6 ? 2.975  1.066  5.586   1.00 0.00 ? 6 LEU A HD11 2  
ATOM   191  H HD12 . LEU A 1 6 ? 3.020  -0.403 4.609   1.00 0.00 ? 6 LEU A HD12 2  
ATOM   192  H HD13 . LEU A 1 6 ? 3.022  -0.514 6.370   1.00 0.00 ? 6 LEU A HD13 2  
ATOM   193  H HD21 . LEU A 1 6 ? 0.204  1.923  5.750   1.00 0.00 ? 6 LEU A HD21 2  
ATOM   194  H HD22 . LEU A 1 6 ? 1.365  1.515  7.014   1.00 0.00 ? 6 LEU A HD22 2  
ATOM   195  H HD23 . LEU A 1 6 ? -0.230 0.760  7.005   1.00 0.00 ? 6 LEU A HD23 2  
ATOM   196  N N    . CYS A 1 7 ? -1.439 -1.548 2.940   1.00 0.00 ? 7 CYS A N    2  
ATOM   197  C CA   . CYS A 1 7 ? -2.632 -1.874 2.162   1.00 0.00 ? 7 CYS A CA   2  
ATOM   198  C C    . CYS A 1 7 ? -2.826 -3.385 2.095   1.00 0.00 ? 7 CYS A C    2  
ATOM   199  O O    . CYS A 1 7 ? -3.648 -3.949 2.817   1.00 0.00 ? 7 CYS A O    2  
ATOM   200  C CB   . CYS A 1 7 ? -2.520 -1.313 0.740   1.00 0.00 ? 7 CYS A CB   2  
ATOM   201  S SG   . CYS A 1 7 ? -1.691 0.295  0.781   1.00 0.00 ? 7 CYS A SG   2  
ATOM   202  H H    . CYS A 1 7 ? -1.522 -1.400 3.906   1.00 0.00 ? 7 CYS A H    2  
ATOM   203  H HA   . CYS A 1 7 ? -3.493 -1.434 2.642   1.00 0.00 ? 7 CYS A HA   2  
ATOM   204  H HB2  . CYS A 1 7 ? -1.954 -1.995 0.127   1.00 0.00 ? 7 CYS A HB2  2  
ATOM   205  H HB3  . CYS A 1 7 ? -3.511 -1.194 0.325   1.00 0.00 ? 7 CYS A HB3  2  
ATOM   206  N N    . ALA A 1 8 ? -2.062 -4.036 1.224   1.00 0.00 ? 8 ALA A N    2  
ATOM   207  C CA   . ALA A 1 8 ? -2.157 -5.484 1.073   1.00 0.00 ? 8 ALA A CA   2  
ATOM   208  C C    . ALA A 1 8 ? -1.867 -6.181 2.397   1.00 0.00 ? 8 ALA A C    2  
ATOM   209  O O    . ALA A 1 8 ? -1.783 -5.492 3.400   1.00 0.00 ? 8 ALA A O    2  
ATOM   210  C CB   . ALA A 1 8 ? -1.161 -5.963 0.013   1.00 0.00 ? 8 ALA A CB   2  
ATOM   211  O OXT  . ALA A 1 8 ? -1.733 -7.394 2.390   1.00 0.00 ? 8 ALA A OXT  2  
ATOM   212  H H    . ALA A 1 8 ? -1.422 -3.535 0.675   1.00 0.00 ? 8 ALA A H    2  
ATOM   213  H HA   . ALA A 1 8 ? -3.156 -5.739 0.753   1.00 0.00 ? 8 ALA A HA   2  
ATOM   214  H HB1  . ALA A 1 8 ? -1.181 -7.042 -0.037  1.00 0.00 ? 8 ALA A HB1  2  
ATOM   215  H HB2  . ALA A 1 8 ? -0.168 -5.634 0.278   1.00 0.00 ? 8 ALA A HB2  2  
ATOM   216  H HB3  . ALA A 1 8 ? -1.432 -5.552 -0.948  1.00 0.00 ? 8 ALA A HB3  2  
ATOM   217  N N    . ILE A 1 1 ? 0.525  2.218  -6.265  1.00 0.00 1 1 ILE A N    3  
ATOM   218  C CA   . ILE A 1 1 ? 0.095  3.448  -5.541  1.00 0.00 ? 1 ILE A CA   3  
ATOM   219  C C    . ILE A 1 1 ? -0.606 3.053  -4.244  1.00 0.00 ? 1 ILE A C    3  
ATOM   220  O O    . ILE A 1 1 ? -1.301 2.038  -4.185  1.00 0.00 ? 1 ILE A O    3  
ATOM   221  C CB   . ILE A 1 1 ? -0.860 4.250  -6.425  1.00 0.00 ? 1 ILE A CB   3  
ATOM   222  C CG1  . ILE A 1 1 ? -0.388 4.176  -7.881  1.00 0.00 ? 1 ILE A CG1  3  
ATOM   223  C CG2  . ILE A 1 1 ? -0.875 5.711  -5.968  1.00 0.00 ? 1 ILE A CG2  3  
ATOM   224  C CD1  . ILE A 1 1 ? -1.187 3.106  -8.623  1.00 0.00 ? 1 ILE A CD1  3  
ATOM   225  H H1   . ILE A 1 1 ? -0.284 1.813  -6.774  1.00 0.00 ? 1 ILE A H1   3  
ATOM   226  H H2   . ILE A 1 1 ? 0.890  1.523  -5.581  1.00 0.00 ? 1 ILE A H2   3  
ATOM   227  H H3   . ILE A 1 1 ? 1.273  2.461  -6.945  1.00 0.00 ? 1 ILE A H3   3  
ATOM   228  H HA   . ILE A 1 1 ? 0.963  4.049  -5.310  1.00 0.00 ? 1 ILE A HA   3  
ATOM   229  H HB   . ILE A 1 1 ? -1.856 3.839  -6.347  1.00 0.00 ? 1 ILE A HB   3  
ATOM   230  H HG12 . ILE A 1 1 ? -0.539 5.135  -8.356  1.00 0.00 ? 1 ILE A HG12 3  
ATOM   231  H HG13 . ILE A 1 1 ? 0.662  3.924  -7.906  1.00 0.00 ? 1 ILE A HG13 3  
ATOM   232  H HG21 . ILE A 1 1 ? -0.347 5.799  -5.031  1.00 0.00 ? 1 ILE A HG21 3  
ATOM   233  H HG22 . ILE A 1 1 ? -1.896 6.037  -5.838  1.00 0.00 ? 1 ILE A HG22 3  
ATOM   234  H HG23 . ILE A 1 1 ? -0.393 6.326  -6.712  1.00 0.00 ? 1 ILE A HG23 3  
ATOM   235  H HD11 . ILE A 1 1 ? -2.080 3.546  -9.039  1.00 0.00 ? 1 ILE A HD11 3  
ATOM   236  H HD12 . ILE A 1 1 ? -1.459 2.318  -7.936  1.00 0.00 ? 1 ILE A HD12 3  
ATOM   237  H HD13 . ILE A 1 1 ? -0.584 2.694  -9.420  1.00 0.00 ? 1 ILE A HD13 3  
HETATM 238  N N    . DBU A 1 2 ? -0.421 3.868  -3.190  1.00 0.00 ? 2 DBU A N    3  
HETATM 239  C CA   . DBU A 1 2 ? -1.027 3.578  -1.972  1.00 0.00 ? 2 DBU A CA   3  
HETATM 240  C CB   . DBU A 1 2 ? -1.875 4.332  -1.258  1.00 0.00 ? 2 DBU A CB   3  
HETATM 241  C CG   . DBU A 1 2 ? -2.353 5.724  -1.676  1.00 0.00 ? 2 DBU A CG   3  
HETATM 242  C C    . DBU A 1 2 ? -0.614 2.231  -1.486  1.00 0.00 ? 2 DBU A C    3  
HETATM 243  O O    . DBU A 1 2 ? 0.250  2.089  -0.621  1.00 0.00 ? 2 DBU A O    3  
HETATM 244  H H    . DBU A 1 2 ? 0.129  4.677  -3.231  1.00 0.00 ? 2 DBU A H    3  
HETATM 245  H HB   . DBU A 1 2 ? -2.243 3.931  -0.325  1.00 0.00 ? 2 DBU A HB   3  
HETATM 246  H HG1  . DBU A 1 2 ? -3.309 5.929  -1.217  1.00 0.00 ? 2 DBU A HG1  3  
HETATM 247  H HG2  . DBU A 1 2 ? -2.453 5.762  -2.750  1.00 0.00 ? 2 DBU A HG2  3  
HETATM 248  H HG3  . DBU A 1 2 ? -1.634 6.464  -1.355  1.00 0.00 ? 2 DBU A HG3  3  
HETATM 249  N N    . DAL A 1 3 ? -1.241 1.182  -2.050  1.00 0.00 ? 3 DAL A N    3  
HETATM 250  C CA   . DAL A 1 3 ? -0.890 -0.170 -1.625  1.00 0.00 ? 3 DAL A CA   3  
HETATM 251  C CB   . DAL A 1 3 ? -1.133 -0.327 -0.121  1.00 0.00 ? 3 DAL A CB   3  
HETATM 252  C C    . DAL A 1 3 ? 0.570  -0.482 -1.943  1.00 0.00 ? 3 DAL A C    3  
HETATM 253  O O    . DAL A 1 3 ? 0.984  -1.641 -1.924  1.00 0.00 ? 3 DAL A O    3  
HETATM 254  H H    . DAL A 1 3 ? -1.927 1.299  -2.739  1.00 0.00 ? 3 DAL A H    3  
HETATM 255  H HA   . DAL A 1 3 ? -1.518 -0.873 -2.151  1.00 0.00 ? 3 DAL A HA   3  
HETATM 256  H HB1  . DAL A 1 3 ? -1.084 0.639  0.351   1.00 0.00 ? 3 DAL A HB1  3  
HETATM 257  H HB2  . DAL A 1 3 ? -0.373 -0.971 0.300   1.00 0.00 ? 3 DAL A HB2  3  
ATOM   258  N N    . ILE A 1 4 ? 1.348  0.556  -2.233  1.00 0.00 ? 4 ILE A N    3  
ATOM   259  C CA   . ILE A 1 4 ? 2.759  0.373  -2.552  1.00 0.00 ? 4 ILE A CA   3  
ATOM   260  C C    . ILE A 1 4 ? 3.406  -0.588 -1.560  1.00 0.00 ? 4 ILE A C    3  
ATOM   261  O O    . ILE A 1 4 ? 4.215  -1.436 -1.936  1.00 0.00 ? 4 ILE A O    3  
ATOM   262  C CB   . ILE A 1 4 ? 3.485  1.719  -2.506  1.00 0.00 ? 4 ILE A CB   3  
ATOM   263  C CG1  . ILE A 1 4 ? 2.717  2.743  -3.344  1.00 0.00 ? 4 ILE A CG1  3  
ATOM   264  C CG2  . ILE A 1 4 ? 4.898  1.559  -3.070  1.00 0.00 ? 4 ILE A CG2  3  
ATOM   265  C CD1  . ILE A 1 4 ? 3.337  4.129  -3.151  1.00 0.00 ? 4 ILE A CD1  3  
ATOM   266  H H    . ILE A 1 4 ? 0.968  1.458  -2.233  1.00 0.00 ? 4 ILE A H    3  
ATOM   267  H HA   . ILE A 1 4 ? 2.845  -0.036 -3.546  1.00 0.00 ? 4 ILE A HA   3  
ATOM   268  H HB   . ILE A 1 4 ? 3.543  2.061  -1.481  1.00 0.00 ? 4 ILE A HB   3  
ATOM   269  H HG12 . ILE A 1 4 ? 2.770  2.466  -4.388  1.00 0.00 ? 4 ILE A HG12 3  
ATOM   270  H HG13 . ILE A 1 4 ? 1.686  2.766  -3.031  1.00 0.00 ? 4 ILE A HG13 3  
ATOM   271  H HG21 . ILE A 1 4 ? 5.239  2.506  -3.460  1.00 0.00 ? 4 ILE A HG21 3  
ATOM   272  H HG22 . ILE A 1 4 ? 4.888  0.826  -3.862  1.00 0.00 ? 4 ILE A HG22 3  
ATOM   273  H HG23 . ILE A 1 4 ? 5.564  1.233  -2.284  1.00 0.00 ? 4 ILE A HG23 3  
ATOM   274  H HD11 . ILE A 1 4 ? 3.954  4.371  -4.004  1.00 0.00 ? 4 ILE A HD11 3  
ATOM   275  H HD12 . ILE A 1 4 ? 3.944  4.130  -2.258  1.00 0.00 ? 4 ILE A HD12 3  
ATOM   276  H HD13 . ILE A 1 4 ? 2.552  4.864  -3.054  1.00 0.00 ? 4 ILE A HD13 3  
HETATM 277  N N    . DHA A 1 5 ? 3.041  -0.453 -0.273  1.00 0.00 ? 5 DHA A N    3  
HETATM 278  C CA   . DHA A 1 5 ? 3.580  -1.291 0.695   1.00 0.00 ? 5 DHA A CA   3  
HETATM 279  C CB   . DHA A 1 5 ? 4.860  -1.437 1.058   1.00 0.00 ? 5 DHA A CB   3  
HETATM 280  C C    . DHA A 1 5 ? 2.507  -2.082 1.358   1.00 0.00 ? 5 DHA A C    3  
HETATM 281  O O    . DHA A 1 5 ? 2.345  -3.282 1.128   1.00 0.00 ? 5 DHA A O    3  
HETATM 282  H H    . DHA A 1 5 ? 2.396  0.220  0.031   1.00 0.00 ? 5 DHA A H    3  
HETATM 283  H HB1  . DHA A 1 5 ? 5.632  -0.858 0.573   1.00 0.00 ? 5 DHA A HB1  3  
HETATM 284  H HB2  . DHA A 1 5 ? 5.127  -2.136 1.838   1.00 0.00 ? 5 DHA A HB2  3  
ATOM   285  N N    . LEU A 1 6 ? 1.727  -1.408 2.220   1.00 0.00 ? 6 LEU A N    3  
ATOM   286  C CA   . LEU A 1 6 ? 0.655  -2.118 2.908   1.00 0.00 ? 6 LEU A CA   3  
ATOM   287  C C    . LEU A 1 6 ? -0.512 -1.179 3.198   1.00 0.00 ? 6 LEU A C    3  
ATOM   288  O O    . LEU A 1 6 ? -0.359 -0.186 3.909   1.00 0.00 ? 6 LEU A O    3  
ATOM   289  C CB   . LEU A 1 6 ? 1.175  -2.707 4.219   1.00 0.00 ? 6 LEU A CB   3  
ATOM   290  C CG   . LEU A 1 6 ? 1.574  -4.167 4.001   1.00 0.00 ? 6 LEU A CG   3  
ATOM   291  C CD1  . LEU A 1 6 ? 2.366  -4.668 5.212   1.00 0.00 ? 6 LEU A CD1  3  
ATOM   292  C CD2  . LEU A 1 6 ? 0.313  -5.020 3.826   1.00 0.00 ? 6 LEU A CD2  3  
ATOM   293  H H    . LEU A 1 6 ? 1.859  -0.454 2.402   1.00 0.00 ? 6 LEU A H    3  
ATOM   294  H HA   . LEU A 1 6 ? 0.308  -2.923 2.277   1.00 0.00 ? 6 LEU A HA   3  
ATOM   295  H HB2  . LEU A 1 6 ? 2.035  -2.143 4.551   1.00 0.00 ? 6 LEU A HB2  3  
ATOM   296  H HB3  . LEU A 1 6 ? 0.401  -2.656 4.970   1.00 0.00 ? 6 LEU A HB3  3  
ATOM   297  H HG   . LEU A 1 6 ? 2.187  -4.242 3.114   1.00 0.00 ? 6 LEU A HG   3  
ATOM   298  H HD11 . LEU A 1 6 ? 3.099  -5.391 4.888   1.00 0.00 ? 6 LEU A HD11 3  
ATOM   299  H HD12 . LEU A 1 6 ? 1.691  -5.131 5.916   1.00 0.00 ? 6 LEU A HD12 3  
ATOM   300  H HD13 . LEU A 1 6 ? 2.865  -3.836 5.685   1.00 0.00 ? 6 LEU A HD13 3  
ATOM   301  H HD21 . LEU A 1 6 ? -0.560 -4.387 3.875   1.00 0.00 ? 6 LEU A HD21 3  
ATOM   302  H HD22 . LEU A 1 6 ? 0.266  -5.760 4.610   1.00 0.00 ? 6 LEU A HD22 3  
ATOM   303  H HD23 . LEU A 1 6 ? 0.346  -5.515 2.866   1.00 0.00 ? 6 LEU A HD23 3  
ATOM   304  N N    . CYS A 1 7 ? -1.678 -1.501 2.647   1.00 0.00 ? 7 CYS A N    3  
ATOM   305  C CA   . CYS A 1 7 ? -2.864 -0.681 2.859   1.00 0.00 ? 7 CYS A CA   3  
ATOM   306  C C    . CYS A 1 7 ? -4.005 -1.529 3.408   1.00 0.00 ? 7 CYS A C    3  
ATOM   307  O O    . CYS A 1 7 ? -4.495 -1.290 4.512   1.00 0.00 ? 7 CYS A O    3  
ATOM   308  C CB   . CYS A 1 7 ? -3.303 -0.033 1.543   1.00 0.00 ? 7 CYS A CB   3  
ATOM   309  S SG   . CYS A 1 7 ? -2.767 -1.063 0.148   1.00 0.00 ? 7 CYS A SG   3  
ATOM   310  H H    . CYS A 1 7 ? -1.742 -2.307 2.092   1.00 0.00 ? 7 CYS A H    3  
ATOM   311  H HA   . CYS A 1 7 ? -2.631 0.098  3.570   1.00 0.00 ? 7 CYS A HA   3  
ATOM   312  H HB2  . CYS A 1 7 ? -4.380 0.051  1.531   1.00 0.00 ? 7 CYS A HB2  3  
ATOM   313  H HB3  . CYS A 1 7 ? -2.868 0.949  1.461   1.00 0.00 ? 7 CYS A HB3  3  
ATOM   314  N N    . ALA A 1 8 ? -4.424 -2.522 2.629   1.00 0.00 ? 8 ALA A N    3  
ATOM   315  C CA   . ALA A 1 8 ? -5.509 -3.401 3.047   1.00 0.00 ? 8 ALA A CA   3  
ATOM   316  C C    . ALA A 1 8 ? -5.164 -4.091 4.363   1.00 0.00 ? 8 ALA A C    3  
ATOM   317  O O    . ALA A 1 8 ? -6.042 -4.728 4.922   1.00 0.00 ? 8 ALA A O    3  
ATOM   318  C CB   . ALA A 1 8 ? -5.772 -4.454 1.969   1.00 0.00 ? 8 ALA A CB   3  
ATOM   319  O OXT  . ALA A 1 8 ? -4.029 -3.972 4.792   1.00 0.00 ? 8 ALA A OXT  3  
ATOM   320  H H    . ALA A 1 8 ? -3.994 -2.662 1.759   1.00 0.00 ? 8 ALA A H    3  
ATOM   321  H HA   . ALA A 1 8 ? -6.404 -2.812 3.182   1.00 0.00 ? 8 ALA A HA   3  
ATOM   322  H HB1  . ALA A 1 8 ? -6.552 -4.106 1.309   1.00 0.00 ? 8 ALA A HB1  3  
ATOM   323  H HB2  . ALA A 1 8 ? -6.078 -5.378 2.435   1.00 0.00 ? 8 ALA A HB2  3  
ATOM   324  H HB3  . ALA A 1 8 ? -4.868 -4.620 1.400   1.00 0.00 ? 8 ALA A HB3  3  
ATOM   325  N N    . ILE A 1 1 ? 4.377  3.265  0.267   1.00 0.00 1 1 ILE A N    4  
ATOM   326  C CA   . ILE A 1 1 ? 3.423  2.775  1.301   1.00 0.00 ? 1 ILE A CA   4  
ATOM   327  C C    . ILE A 1 1 ? 2.013  3.231  0.944   1.00 0.00 ? 1 ILE A C    4  
ATOM   328  O O    . ILE A 1 1 ? 1.031  2.761  1.520   1.00 0.00 ? 1 ILE A O    4  
ATOM   329  C CB   . ILE A 1 1 ? 3.823  3.338  2.666   1.00 0.00 ? 1 ILE A CB   4  
ATOM   330  C CG1  . ILE A 1 1 ? 5.350  3.377  2.771   1.00 0.00 ? 1 ILE A CG1  4  
ATOM   331  C CG2  . ILE A 1 1 ? 3.257  2.448  3.773   1.00 0.00 ? 1 ILE A CG2  4  
ATOM   332  C CD1  . ILE A 1 1 ? 5.843  4.806  2.538   1.00 0.00 ? 1 ILE A CD1  4  
ATOM   333  H H1   . ILE A 1 1 ? 4.830  2.453  -0.199  1.00 0.00 ? 1 ILE A H1   4  
ATOM   334  H H2   . ILE A 1 1 ? 5.104  3.856  0.719   1.00 0.00 ? 1 ILE A H2   4  
ATOM   335  H H3   . ILE A 1 1 ? 3.864  3.826  -0.441  1.00 0.00 ? 1 ILE A H3   4  
ATOM   336  H HA   . ILE A 1 1 ? 3.452  1.697  1.335   1.00 0.00 ? 1 ILE A HA   4  
ATOM   337  H HB   . ILE A 1 1 ? 3.428  4.338  2.772   1.00 0.00 ? 1 ILE A HB   4  
ATOM   338  H HG12 . ILE A 1 1 ? 5.650  3.047  3.755   1.00 0.00 ? 1 ILE A HG12 4  
ATOM   339  H HG13 . ILE A 1 1 ? 5.778  2.724  2.027   1.00 0.00 ? 1 ILE A HG13 4  
ATOM   340  H HG21 . ILE A 1 1 ? 3.462  2.894  4.735   1.00 0.00 ? 1 ILE A HG21 4  
ATOM   341  H HG22 . ILE A 1 1 ? 3.719  1.472  3.722   1.00 0.00 ? 1 ILE A HG22 4  
ATOM   342  H HG23 . ILE A 1 1 ? 2.189  2.347  3.643   1.00 0.00 ? 1 ILE A HG23 4  
ATOM   343  H HD11 . ILE A 1 1 ? 5.245  5.272  1.768   1.00 0.00 ? 1 ILE A HD11 4  
ATOM   344  H HD12 . ILE A 1 1 ? 6.877  4.784  2.226   1.00 0.00 ? 1 ILE A HD12 4  
ATOM   345  H HD13 . ILE A 1 1 ? 5.755  5.371  3.454   1.00 0.00 ? 1 ILE A HD13 4  
HETATM 346  N N    . DBU A 1 2 ? 1.909  4.164  -0.020  1.00 0.00 ? 2 DBU A N    4  
HETATM 347  C CA   . DBU A 1 2 ? 0.659  4.632  -0.402  1.00 0.00 ? 2 DBU A CA   4  
HETATM 348  C CB   . DBU A 1 2 ? 0.282  5.891  -0.661  1.00 0.00 ? 2 DBU A CB   4  
HETATM 349  C CG   . DBU A 1 2 ? 1.211  7.103  -0.576  1.00 0.00 ? 2 DBU A CG   4  
HETATM 350  C C    . DBU A 1 2 ? -0.314 3.509  -0.508  1.00 0.00 ? 2 DBU A C    4  
HETATM 351  O O    . DBU A 1 2 ? -1.357 3.498  0.140   1.00 0.00 ? 2 DBU A O    4  
HETATM 352  H H    . DBU A 1 2 ? 2.687  4.542  -0.482  1.00 0.00 ? 2 DBU A H    4  
HETATM 353  H HB   . DBU A 1 2 ? -0.746 6.061  -0.947  1.00 0.00 ? 2 DBU A HB   4  
HETATM 354  H HG1  . DBU A 1 2 ? 1.288  7.427  0.451   1.00 0.00 ? 2 DBU A HG1  4  
HETATM 355  H HG2  . DBU A 1 2 ? 0.810  7.906  -1.178  1.00 0.00 ? 2 DBU A HG2  4  
HETATM 356  H HG3  . DBU A 1 2 ? 2.189  6.832  -0.944  1.00 0.00 ? 2 DBU A HG3  4  
HETATM 357  N N    . DAL A 1 3 ? 0.033  2.514  -1.355  1.00 0.00 ? 3 DAL A N    4  
HETATM 358  C CA   . DAL A 1 3 ? -0.839 1.353  -1.537  1.00 0.00 ? 3 DAL A CA   4  
HETATM 359  C CB   . DAL A 1 3 ? -1.713 1.135  -0.287  1.00 0.00 ? 3 DAL A CB   4  
HETATM 360  C C    . DAL A 1 3 ? 0.024  0.120  -1.816  1.00 0.00 ? 3 DAL A C    4  
HETATM 361  O O    . DAL A 1 3 ? -0.414 -1.019 -1.678  1.00 0.00 ? 3 DAL A O    4  
HETATM 362  H H    . DAL A 1 3 ? 0.873  2.543  -1.855  1.00 0.00 ? 3 DAL A H    4  
HETATM 363  H HA   . DAL A 1 3 ? -1.483 1.529  -2.387  1.00 0.00 ? 3 DAL A HA   4  
HETATM 364  H HB1  . DAL A 1 3 ? -2.562 1.801  -0.328  1.00 0.00 ? 3 DAL A HB1  4  
HETATM 365  H HB2  . DAL A 1 3 ? -1.132 1.351  0.598   1.00 0.00 ? 3 DAL A HB2  4  
ATOM   366  N N    . ILE A 1 4 ? 1.267  0.366  -2.226  1.00 0.00 ? 4 ILE A N    4  
ATOM   367  C CA   . ILE A 1 4 ? 2.191  -0.722 -2.528  1.00 0.00 ? 4 ILE A CA   4  
ATOM   368  C C    . ILE A 1 4 ? 2.558  -1.472 -1.252  1.00 0.00 ? 4 ILE A C    4  
ATOM   369  O O    . ILE A 1 4 ? 2.170  -2.625 -1.063  1.00 0.00 ? 4 ILE A O    4  
ATOM   370  C CB   . ILE A 1 4 ? 3.459  -0.171 -3.182  1.00 0.00 ? 4 ILE A CB   4  
ATOM   371  C CG1  . ILE A 1 4 ? 3.590  1.319  -2.862  1.00 0.00 ? 4 ILE A CG1  4  
ATOM   372  C CG2  . ILE A 1 4 ? 3.376  -0.359 -4.698  1.00 0.00 ? 4 ILE A CG2  4  
ATOM   373  C CD1  . ILE A 1 4 ? 4.993  1.800  -3.235  1.00 0.00 ? 4 ILE A CD1  4  
ATOM   374  H H    . ILE A 1 4 ? 1.566  1.295  -2.330  1.00 0.00 ? 4 ILE A H    4  
ATOM   375  H HA   . ILE A 1 4 ? 1.714  -1.408 -3.212  1.00 0.00 ? 4 ILE A HA   4  
ATOM   376  H HB   . ILE A 1 4 ? 4.320  -0.700 -2.800  1.00 0.00 ? 4 ILE A HB   4  
ATOM   377  H HG12 . ILE A 1 4 ? 2.854  1.874  -3.427  1.00 0.00 ? 4 ILE A HG12 4  
ATOM   378  H HG13 . ILE A 1 4 ? 3.427  1.476  -1.807  1.00 0.00 ? 4 ILE A HG13 4  
ATOM   379  H HG21 . ILE A 1 4 ? 2.357  -0.215 -5.024  1.00 0.00 ? 4 ILE A HG21 4  
ATOM   380  H HG22 . ILE A 1 4 ? 3.700  -1.357 -4.955  1.00 0.00 ? 4 ILE A HG22 4  
ATOM   381  H HG23 . ILE A 1 4 ? 4.015  0.364  -5.186  1.00 0.00 ? 4 ILE A HG23 4  
ATOM   382  H HD11 . ILE A 1 4 ? 4.929  2.777  -3.694  1.00 0.00 ? 4 ILE A HD11 4  
ATOM   383  H HD12 . ILE A 1 4 ? 5.438  1.105  -3.932  1.00 0.00 ? 4 ILE A HD12 4  
ATOM   384  H HD13 . ILE A 1 4 ? 5.603  1.861  -2.346  1.00 0.00 ? 4 ILE A HD13 4  
HETATM 385  N N    . DHA A 1 5 ? 3.312  -0.805 -0.358  1.00 0.00 ? 5 DHA A N    4  
HETATM 386  C CA   . DHA A 1 5 ? 3.681  -1.420 0.832   1.00 0.00 ? 5 DHA A CA   4  
HETATM 387  C CB   . DHA A 1 5 ? 4.909  -1.677 1.300   1.00 0.00 ? 5 DHA A CB   4  
HETATM 388  C C    . DHA A 1 5 ? 2.472  -1.802 1.614   1.00 0.00 ? 5 DHA A C    4  
HETATM 389  O O    . DHA A 1 5 ? 1.873  -2.857 1.413   1.00 0.00 ? 5 DHA A O    4  
HETATM 390  H H    . DHA A 1 5 ? 3.620  0.114  -0.499  1.00 0.00 ? 5 DHA A H    4  
HETATM 391  H HB1  . DHA A 1 5 ? 5.779  -1.395 0.725   1.00 0.00 ? 5 DHA A HB1  4  
HETATM 392  H HB2  . DHA A 1 5 ? 5.035  -2.167 2.255   1.00 0.00 ? 5 DHA A HB2  4  
ATOM   393  N N    . LEU A 1 6 ? 2.069  -0.921 2.547   1.00 0.00 ? 6 LEU A N    4  
ATOM   394  C CA   . LEU A 1 6 ? 0.887  -1.231 3.342   1.00 0.00 ? 6 LEU A CA   4  
ATOM   395  C C    . LEU A 1 6 ? -0.366 -1.181 2.469   1.00 0.00 ? 6 LEU A C    4  
ATOM   396  O O    . LEU A 1 6 ? -0.368 -0.554 1.411   1.00 0.00 ? 6 LEU A O    4  
ATOM   397  C CB   . LEU A 1 6 ? 0.751  -0.228 4.490   1.00 0.00 ? 6 LEU A CB   4  
ATOM   398  C CG   . LEU A 1 6 ? 0.578  -0.980 5.812   1.00 0.00 ? 6 LEU A CG   4  
ATOM   399  C CD1  . LEU A 1 6 ? 0.615  0.013  6.976   1.00 0.00 ? 6 LEU A CD1  4  
ATOM   400  C CD2  . LEU A 1 6 ? -0.768 -1.710 5.806   1.00 0.00 ? 6 LEU A CD2  4  
ATOM   401  H H    . LEU A 1 6 ? 2.543  -0.077 2.706   1.00 0.00 ? 6 LEU A H    4  
ATOM   402  H HA   . LEU A 1 6 ? 0.989  -2.224 3.752   1.00 0.00 ? 6 LEU A HA   4  
ATOM   403  H HB2  . LEU A 1 6 ? 1.639  0.385  4.538   1.00 0.00 ? 6 LEU A HB2  4  
ATOM   404  H HB3  . LEU A 1 6 ? -0.111 0.400  4.321   1.00 0.00 ? 6 LEU A HB3  4  
ATOM   405  H HG   . LEU A 1 6 ? 1.378  -1.697 5.925   1.00 0.00 ? 6 LEU A HG   4  
ATOM   406  H HD11 . LEU A 1 6 ? 0.646  1.020  6.590   1.00 0.00 ? 6 LEU A HD11 4  
ATOM   407  H HD12 . LEU A 1 6 ? 1.495  -0.169 7.576   1.00 0.00 ? 6 LEU A HD12 4  
ATOM   408  H HD13 . LEU A 1 6 ? -0.267 -0.113 7.586   1.00 0.00 ? 6 LEU A HD13 4  
ATOM   409  H HD21 . LEU A 1 6 ? -0.664 -2.652 5.288   1.00 0.00 ? 6 LEU A HD21 4  
ATOM   410  H HD22 . LEU A 1 6 ? -1.505 -1.102 5.304   1.00 0.00 ? 6 LEU A HD22 4  
ATOM   411  H HD23 . LEU A 1 6 ? -1.083 -1.891 6.823   1.00 0.00 ? 6 LEU A HD23 4  
ATOM   412  N N    . CYS A 1 7 ? -1.424 -1.844 2.921   1.00 0.00 ? 7 CYS A N    4  
ATOM   413  C CA   . CYS A 1 7 ? -2.679 -1.867 2.177   1.00 0.00 ? 7 CYS A CA   4  
ATOM   414  C C    . CYS A 1 7 ? -2.669 -2.972 1.124   1.00 0.00 ? 7 CYS A C    4  
ATOM   415  O O    . CYS A 1 7 ? -3.692 -3.260 0.505   1.00 0.00 ? 7 CYS A O    4  
ATOM   416  C CB   . CYS A 1 7 ? -2.909 -0.514 1.502   1.00 0.00 ? 7 CYS A CB   4  
ATOM   417  S SG   . CYS A 1 7 ? -2.311 -0.573 -0.206  1.00 0.00 ? 7 CYS A SG   4  
ATOM   418  H H    . CYS A 1 7 ? -1.363 -2.324 3.771   1.00 0.00 ? 7 CYS A H    4  
ATOM   419  H HA   . CYS A 1 7 ? -3.490 -2.051 2.866   1.00 0.00 ? 7 CYS A HA   4  
ATOM   420  H HB2  . CYS A 1 7 ? -3.965 -0.285 1.505   1.00 0.00 ? 7 CYS A HB2  4  
ATOM   421  H HB3  . CYS A 1 7 ? -2.374 0.252  2.044   1.00 0.00 ? 7 CYS A HB3  4  
ATOM   422  N N    . ALA A 1 8 ? -1.507 -3.587 0.928   1.00 0.00 ? 8 ALA A N    4  
ATOM   423  C CA   . ALA A 1 8 ? -1.382 -4.659 -0.054  1.00 0.00 ? 8 ALA A CA   4  
ATOM   424  C C    . ALA A 1 8 ? -2.115 -5.908 0.423   1.00 0.00 ? 8 ALA A C    4  
ATOM   425  O O    . ALA A 1 8 ? -2.106 -6.889 -0.302  1.00 0.00 ? 8 ALA A O    4  
ATOM   426  C CB   . ALA A 1 8 ? 0.094  -4.988 -0.288  1.00 0.00 ? 8 ALA A CB   4  
ATOM   427  O OXT  . ALA A 1 8 ? -2.674 -5.867 1.507   1.00 0.00 ? 8 ALA A OXT  4  
ATOM   428  H H    . ALA A 1 8 ? -0.723 -3.315 1.449   1.00 0.00 ? 8 ALA A H    4  
ATOM   429  H HA   . ALA A 1 8 ? -1.818 -4.333 -0.987  1.00 0.00 ? 8 ALA A HA   4  
ATOM   430  H HB1  . ALA A 1 8 ? 0.258  -6.045 -0.126  1.00 0.00 ? 8 ALA A HB1  4  
ATOM   431  H HB2  . ALA A 1 8 ? 0.702  -4.422 0.400   1.00 0.00 ? 8 ALA A HB2  4  
ATOM   432  H HB3  . ALA A 1 8 ? 0.364  -4.733 -1.302  1.00 0.00 ? 8 ALA A HB3  4  
ATOM   433  N N    . ILE A 1 1 ? 1.916  5.205  -4.143  1.00 0.00 1 1 ILE A N    5  
ATOM   434  C CA   . ILE A 1 1 ? 0.453  4.957  -4.285  1.00 0.00 ? 1 ILE A CA   5  
ATOM   435  C C    . ILE A 1 1 ? -0.132 4.581  -2.928  1.00 0.00 ? 1 ILE A C    5  
ATOM   436  O O    . ILE A 1 1 ? 0.598  4.390  -1.955  1.00 0.00 ? 1 ILE A O    5  
ATOM   437  C CB   . ILE A 1 1 ? 0.224  3.819  -5.281  1.00 0.00 ? 1 ILE A CB   5  
ATOM   438  C CG1  . ILE A 1 1 ? 1.211  3.949  -6.443  1.00 0.00 ? 1 ILE A CG1  5  
ATOM   439  C CG2  . ILE A 1 1 ? -1.206 3.894  -5.818  1.00 0.00 ? 1 ILE A CG2  5  
ATOM   440  C CD1  . ILE A 1 1 ? 1.081  5.337  -7.072  1.00 0.00 ? 1 ILE A CD1  5  
ATOM   441  H H1   . ILE A 1 1 ? 2.426  4.299  -4.174  1.00 0.00 ? 1 ILE A H1   5  
ATOM   442  H H2   . ILE A 1 1 ? 2.102  5.676  -3.234  1.00 0.00 ? 1 ILE A H2   5  
ATOM   443  H H3   . ILE A 1 1 ? 2.244  5.811  -4.921  1.00 0.00 ? 1 ILE A H3   5  
ATOM   444  H HA   . ILE A 1 1 ? -0.028 5.854  -4.647  1.00 0.00 ? 1 ILE A HA   5  
ATOM   445  H HB   . ILE A 1 1 ? 0.372  2.871  -4.784  1.00 0.00 ? 1 ILE A HB   5  
ATOM   446  H HG12 . ILE A 1 1 ? 2.219  3.811  -6.077  1.00 0.00 ? 1 ILE A HG12 5  
ATOM   447  H HG13 . ILE A 1 1 ? 0.992  3.196  -7.187  1.00 0.00 ? 1 ILE A HG13 5  
ATOM   448  H HG21 . ILE A 1 1 ? -1.303 3.243  -6.673  1.00 0.00 ? 1 ILE A HG21 5  
ATOM   449  H HG22 . ILE A 1 1 ? -1.426 4.909  -6.112  1.00 0.00 ? 1 ILE A HG22 5  
ATOM   450  H HG23 . ILE A 1 1 ? -1.897 3.583  -5.048  1.00 0.00 ? 1 ILE A HG23 5  
ATOM   451  H HD11 . ILE A 1 1 ? 0.075  5.702  -6.932  1.00 0.00 ? 1 ILE A HD11 5  
ATOM   452  H HD12 . ILE A 1 1 ? 1.297  5.272  -8.129  1.00 0.00 ? 1 ILE A HD12 5  
ATOM   453  H HD13 . ILE A 1 1 ? 1.781  6.012  -6.603  1.00 0.00 ? 1 ILE A HD13 5  
HETATM 454  N N    . DBU A 1 2 ? -1.472 4.471  -2.861  1.00 0.00 ? 2 DBU A N    5  
HETATM 455  C CA   . DBU A 1 2 ? -2.081 4.127  -1.659  1.00 0.00 ? 2 DBU A CA   5  
HETATM 456  C CB   . DBU A 1 2 ? -2.428 4.918  -0.641  1.00 0.00 ? 2 DBU A CB   5  
HETATM 457  C CG   . DBU A 1 2 ? -2.212 6.432  -0.609  1.00 0.00 ? 2 DBU A CG   5  
HETATM 458  C C    . DBU A 1 2 ? -2.334 2.664  -1.598  1.00 0.00 ? 2 DBU A C    5  
HETATM 459  O O    . DBU A 1 2 ? -3.358 2.203  -1.092  1.00 0.00 ? 2 DBU A O    5  
HETATM 460  H H    . DBU A 1 2 ? -2.059 4.620  -3.632  1.00 0.00 ? 2 DBU A H    5  
HETATM 461  H HB   . DBU A 1 2 ? -2.890 4.456  0.214   1.00 0.00 ? 2 DBU A HB   5  
HETATM 462  H HG1  . DBU A 1 2 ? -2.923 6.912  -1.264  1.00 0.00 ? 2 DBU A HG1  5  
HETATM 463  H HG2  . DBU A 1 2 ? -1.209 6.661  -0.939  1.00 0.00 ? 2 DBU A HG2  5  
HETATM 464  H HG3  . DBU A 1 2 ? -2.348 6.794  0.400   1.00 0.00 ? 2 DBU A HG3  5  
HETATM 465  N N    . DAL A 1 3 ? -1.371 1.887  -2.126  1.00 0.00 ? 3 DAL A N    5  
HETATM 466  C CA   . DAL A 1 3 ? -1.511 0.433  -2.111  1.00 0.00 ? 3 DAL A CA   5  
HETATM 467  C CB   . DAL A 1 3 ? -2.340 0.000  -0.902  1.00 0.00 ? 3 DAL A CB   5  
HETATM 468  C C    . DAL A 1 3 ? -0.134 -0.215 -2.035  1.00 0.00 ? 3 DAL A C    5  
HETATM 469  O O    . DAL A 1 3 ? -0.002 -1.439 -2.069  1.00 0.00 ? 3 DAL A O    5  
HETATM 470  H H    . DAL A 1 3 ? -0.565 2.273  -2.514  1.00 0.00 ? 3 DAL A H    5  
HETATM 471  H HA   . DAL A 1 3 ? -2.007 0.113  -3.014  1.00 0.00 ? 3 DAL A HA   5  
HETATM 472  H HB1  . DAL A 1 3 ? -3.389 0.006  -1.161  1.00 0.00 ? 3 DAL A HB1  5  
HETATM 473  H HB2  . DAL A 1 3 ? -2.167 0.689  -0.091  1.00 0.00 ? 3 DAL A HB2  5  
ATOM   474  N N    . ILE A 1 4 ? 0.893  0.623  -1.949  1.00 0.00 ? 4 ILE A N    5  
ATOM   475  C CA   . ILE A 1 4 ? 2.265  0.134  -1.885  1.00 0.00 ? 4 ILE A CA   5  
ATOM   476  C C    . ILE A 1 4 ? 2.596  -0.378 -0.488  1.00 0.00 ? 4 ILE A C    5  
ATOM   477  O O    . ILE A 1 4 ? 2.008  0.055  0.502   1.00 0.00 ? 4 ILE A O    5  
ATOM   478  C CB   . ILE A 1 4 ? 3.239  1.253  -2.261  1.00 0.00 ? 4 ILE A CB   5  
ATOM   479  C CG1  . ILE A 1 4 ? 2.539  2.608  -2.137  1.00 0.00 ? 4 ILE A CG1  5  
ATOM   480  C CG2  . ILE A 1 4 ? 3.712  1.055  -3.701  1.00 0.00 ? 4 ILE A CG2  5  
ATOM   481  C CD1  . ILE A 1 4 ? 2.061  2.809  -0.696  1.00 0.00 ? 4 ILE A CD1  5  
ATOM   482  H H    . ILE A 1 4 ? 0.724  1.588  -1.939  1.00 0.00 ? 4 ILE A H    5  
ATOM   483  H HA   . ILE A 1 4 ? 2.381  -0.676 -2.590  1.00 0.00 ? 4 ILE A HA   5  
ATOM   484  H HB   . ILE A 1 4 ? 4.091  1.224  -1.597  1.00 0.00 ? 4 ILE A HB   5  
ATOM   485  H HG12 . ILE A 1 4 ? 3.230  3.396  -2.400  1.00 0.00 ? 4 ILE A HG12 5  
ATOM   486  H HG13 . ILE A 1 4 ? 1.689  2.638  -2.804  1.00 0.00 ? 4 ILE A HG13 5  
ATOM   487  H HG21 . ILE A 1 4 ? 4.095  0.051  -3.819  1.00 0.00 ? 4 ILE A HG21 5  
ATOM   488  H HG22 . ILE A 1 4 ? 4.492  1.767  -3.925  1.00 0.00 ? 4 ILE A HG22 5  
ATOM   489  H HG23 . ILE A 1 4 ? 2.882  1.205  -4.375  1.00 0.00 ? 4 ILE A HG23 5  
ATOM   490  H HD11 . ILE A 1 4 ? 2.263  3.824  -0.388  1.00 0.00 ? 4 ILE A HD11 5  
ATOM   491  H HD12 . ILE A 1 4 ? 2.583  2.125  -0.046  1.00 0.00 ? 4 ILE A HD12 5  
ATOM   492  H HD13 . ILE A 1 4 ? 0.999  2.620  -0.638  1.00 0.00 ? 4 ILE A HD13 5  
HETATM 493  N N    . DHA A 1 5 ? 3.560  -1.311 -0.409  1.00 0.00 ? 5 DHA A N    5  
HETATM 494  C CA   . DHA A 1 5 ? 3.933  -1.832 0.826   1.00 0.00 ? 5 DHA A CA   5  
HETATM 495  C CB   . DHA A 1 5 ? 5.165  -2.007 1.321   1.00 0.00 ? 5 DHA A CB   5  
HETATM 496  C C    . DHA A 1 5 ? 2.736  -2.215 1.627   1.00 0.00 ? 5 DHA A C    5  
HETATM 497  O O    . DHA A 1 5 ? 2.233  -3.334 1.551   1.00 0.00 ? 5 DHA A O    5  
HETATM 498  H H    . DHA A 1 5 ? 4.035  -1.655 -1.195  1.00 0.00 ? 5 DHA A H    5  
HETATM 499  H HB1  . DHA A 1 5 ? 6.031  -1.728 0.737   1.00 0.00 ? 5 DHA A HB1  5  
HETATM 500  H HB2  . DHA A 1 5 ? 5.298  -2.427 2.307   1.00 0.00 ? 5 DHA A HB2  5  
ATOM   501  N N    . LEU A 1 6 ? 2.244  -1.267 2.444   1.00 0.00 ? 6 LEU A N    5  
ATOM   502  C CA   . LEU A 1 6 ? 1.079  -1.579 3.265   1.00 0.00 ? 6 LEU A CA   5  
ATOM   503  C C    . LEU A 1 6 ? -0.167 -0.870 2.739   1.00 0.00 ? 6 LEU A C    5  
ATOM   504  O O    . LEU A 1 6 ? -0.129 0.317  2.417   1.00 0.00 ? 6 LEU A O    5  
ATOM   505  C CB   . LEU A 1 6 ? 1.333  -1.159 4.716   1.00 0.00 ? 6 LEU A CB   5  
ATOM   506  C CG   . LEU A 1 6 ? 2.753  -0.609 4.853   1.00 0.00 ? 6 LEU A CG   5  
ATOM   507  C CD1  . LEU A 1 6 ? 2.919  0.044  6.227   1.00 0.00 ? 6 LEU A CD1  5  
ATOM   508  C CD2  . LEU A 1 6 ? 3.755  -1.756 4.711   1.00 0.00 ? 6 LEU A CD2  5  
ATOM   509  H H    . LEU A 1 6 ? 2.647  -0.376 2.507   1.00 0.00 ? 6 LEU A H    5  
ATOM   510  H HA   . LEU A 1 6 ? 0.911  -2.645 3.237   1.00 0.00 ? 6 LEU A HA   5  
ATOM   511  H HB2  . LEU A 1 6 ? 0.622  -0.397 5.001   1.00 0.00 ? 6 LEU A HB2  5  
ATOM   512  H HB3  . LEU A 1 6 ? 1.218  -2.016 5.363   1.00 0.00 ? 6 LEU A HB3  5  
ATOM   513  H HG   . LEU A 1 6 ? 2.931  0.127  4.083   1.00 0.00 ? 6 LEU A HG   5  
ATOM   514  H HD11 . LEU A 1 6 ? 2.064  -0.192 6.844   1.00 0.00 ? 6 LEU A HD11 5  
ATOM   515  H HD12 . LEU A 1 6 ? 2.994  1.115  6.108   1.00 0.00 ? 6 LEU A HD12 5  
ATOM   516  H HD13 . LEU A 1 6 ? 3.817  -0.330 6.697   1.00 0.00 ? 6 LEU A HD13 5  
ATOM   517  H HD21 . LEU A 1 6 ? 4.627  -1.409 4.178   1.00 0.00 ? 6 LEU A HD21 5  
ATOM   518  H HD22 . LEU A 1 6 ? 3.298  -2.567 4.164   1.00 0.00 ? 6 LEU A HD22 5  
ATOM   519  H HD23 . LEU A 1 6 ? 4.046  -2.103 5.691   1.00 0.00 ? 6 LEU A HD23 5  
ATOM   520  N N    . CYS A 1 7 ? -1.270 -1.607 2.666   1.00 0.00 ? 7 CYS A N    5  
ATOM   521  C CA   . CYS A 1 7 ? -2.527 -1.042 2.190   1.00 0.00 ? 7 CYS A CA   5  
ATOM   522  C C    . CYS A 1 7 ? -3.573 -1.084 3.293   1.00 0.00 ? 7 CYS A C    5  
ATOM   523  O O    . CYS A 1 7 ? -4.767 -0.917 3.045   1.00 0.00 ? 7 CYS A O    5  
ATOM   524  C CB   . CYS A 1 7 ? -3.031 -1.828 0.979   1.00 0.00 ? 7 CYS A CB   5  
ATOM   525  S SG   . CYS A 1 7 ? -1.855 -1.666 -0.387  1.00 0.00 ? 7 CYS A SG   5  
ATOM   526  H H    . CYS A 1 7 ? -1.242 -2.546 2.941   1.00 0.00 ? 7 CYS A H    5  
ATOM   527  H HA   . CYS A 1 7 ? -2.364 -0.017 1.905   1.00 0.00 ? 7 CYS A HA   5  
ATOM   528  H HB2  . CYS A 1 7 ? -3.132 -2.870 1.245   1.00 0.00 ? 7 CYS A HB2  5  
ATOM   529  H HB3  . CYS A 1 7 ? -3.992 -1.441 0.675   1.00 0.00 ? 7 CYS A HB3  5  
ATOM   530  N N    . ALA A 1 8 ? -3.110 -1.312 4.513   1.00 0.00 ? 8 ALA A N    5  
ATOM   531  C CA   . ALA A 1 8 ? -4.004 -1.381 5.664   1.00 0.00 ? 8 ALA A CA   5  
ATOM   532  C C    . ALA A 1 8 ? -3.734 -0.227 6.624   1.00 0.00 ? 8 ALA A C    5  
ATOM   533  O O    . ALA A 1 8 ? -2.609 -0.118 7.085   1.00 0.00 ? 8 ALA A O    5  
ATOM   534  C CB   . ALA A 1 8 ? -3.812 -2.710 6.395   1.00 0.00 ? 8 ALA A CB   5  
ATOM   535  O OXT  . ALA A 1 8 ? -4.654 0.530  6.884   1.00 0.00 ? 8 ALA A OXT  5  
ATOM   536  H H    . ALA A 1 8 ? -2.147 -1.437 4.641   1.00 0.00 ? 8 ALA A H    5  
ATOM   537  H HA   . ALA A 1 8 ? -5.025 -1.316 5.318   1.00 0.00 ? 8 ALA A HA   5  
ATOM   538  H HB1  . ALA A 1 8 ? -4.769 -3.070 6.743   1.00 0.00 ? 8 ALA A HB1  5  
ATOM   539  H HB2  . ALA A 1 8 ? -3.153 -2.566 7.238   1.00 0.00 ? 8 ALA A HB2  5  
ATOM   540  H HB3  . ALA A 1 8 ? -3.381 -3.433 5.719   1.00 0.00 ? 8 ALA A HB3  5  
ATOM   541  N N    . ILE A 1 1 ? -1.204 3.450  -5.676  1.00 0.00 1 1 ILE A N    6  
ATOM   542  C CA   . ILE A 1 1 ? -0.197 4.435  -5.190  1.00 0.00 ? 1 ILE A CA   6  
ATOM   543  C C    . ILE A 1 1 ? -0.117 4.370  -3.668  1.00 0.00 ? 1 ILE A C    6  
ATOM   544  O O    . ILE A 1 1 ? 0.959  4.512  -3.087  1.00 0.00 ? 1 ILE A O    6  
ATOM   545  C CB   . ILE A 1 1 ? -0.609 5.842  -5.629  1.00 0.00 ? 1 ILE A CB   6  
ATOM   546  C CG1  . ILE A 1 1 ? -2.112 6.030  -5.387  1.00 0.00 ? 1 ILE A CG1  6  
ATOM   547  C CG2  . ILE A 1 1 ? -0.295 6.024  -7.116  1.00 0.00 ? 1 ILE A CG2  6  
ATOM   548  C CD1  . ILE A 1 1 ? -2.894 5.661  -6.651  1.00 0.00 ? 1 ILE A CD1  6  
ATOM   549  H H1   . ILE A 1 1 ? -0.991 3.197  -6.662  1.00 0.00 ? 1 ILE A H1   6  
ATOM   550  H H2   . ILE A 1 1 ? -2.154 3.870  -5.622  1.00 0.00 ? 1 ILE A H2   6  
ATOM   551  H H3   . ILE A 1 1 ? -1.166 2.596  -5.086  1.00 0.00 ? 1 ILE A H3   6  
ATOM   552  H HA   . ILE A 1 1 ? 0.768  4.198  -5.609  1.00 0.00 ? 1 ILE A HA   6  
ATOM   553  H HB   . ILE A 1 1 ? -0.057 6.572  -5.055  1.00 0.00 ? 1 ILE A HB   6  
ATOM   554  H HG12 . ILE A 1 1 ? -2.425 5.393  -4.572  1.00 0.00 ? 1 ILE A HG12 6  
ATOM   555  H HG13 . ILE A 1 1 ? -2.308 7.061  -5.133  1.00 0.00 ? 1 ILE A HG13 6  
ATOM   556  H HG21 . ILE A 1 1 ? -0.824 6.888  -7.492  1.00 0.00 ? 1 ILE A HG21 6  
ATOM   557  H HG22 . ILE A 1 1 ? -0.610 5.146  -7.661  1.00 0.00 ? 1 ILE A HG22 6  
ATOM   558  H HG23 . ILE A 1 1 ? 0.766  6.168  -7.245  1.00 0.00 ? 1 ILE A HG23 6  
ATOM   559  H HD11 . ILE A 1 1 ? -2.767 6.435  -7.392  1.00 0.00 ? 1 ILE A HD11 6  
ATOM   560  H HD12 . ILE A 1 1 ? -3.943 5.564  -6.409  1.00 0.00 ? 1 ILE A HD12 6  
ATOM   561  H HD13 . ILE A 1 1 ? -2.527 4.723  -7.041  1.00 0.00 ? 1 ILE A HD13 6  
HETATM 562  N N    . DBU A 1 2 ? -1.271 4.154  -3.011  1.00 0.00 ? 2 DBU A N    6  
HETATM 563  C CA   . DBU A 1 2 ? -1.274 4.084  -1.622  1.00 0.00 ? 2 DBU A CA   6  
HETATM 564  C CB   . DBU A 1 2 ? -1.143 5.076  -0.737  1.00 0.00 ? 2 DBU A CB   6  
HETATM 565  C CG   . DBU A 1 2 ? -0.961 6.550  -1.108  1.00 0.00 ? 2 DBU A CG   6  
HETATM 566  C C    . DBU A 1 2 ? -1.446 2.678  -1.163  1.00 0.00 ? 2 DBU A C    6  
HETATM 567  O O    . DBU A 1 2 ? -2.196 2.386  -0.235  1.00 0.00 ? 2 DBU A O    6  
HETATM 568  H H    . DBU A 1 2 ? -2.132 4.041  -3.465  1.00 0.00 ? 2 DBU A H    6  
HETATM 569  H HB   . DBU A 1 2 ? -1.169 4.819  0.311   1.00 0.00 ? 2 DBU A HB   6  
HETATM 570  H HG1  . DBU A 1 2 ? -0.380 7.045  -0.344  1.00 0.00 ? 2 DBU A HG1  6  
HETATM 571  H HG2  . DBU A 1 2 ? -1.928 7.024  -1.190  1.00 0.00 ? 2 DBU A HG2  6  
HETATM 572  H HG3  . DBU A 1 2 ? -0.445 6.620  -2.056  1.00 0.00 ? 2 DBU A HG3  6  
HETATM 573  N N    . DAL A 1 3 ? -0.726 1.758  -1.833  1.00 0.00 ? 3 DAL A N    6  
HETATM 574  C CA   . DAL A 1 3 ? -0.806 0.342  -1.465  1.00 0.00 ? 3 DAL A CA   6  
HETATM 575  C CB   . DAL A 1 3 ? -1.131 0.176  0.023   1.00 0.00 ? 3 DAL A CB   6  
HETATM 576  C C    . DAL A 1 3 ? 0.524  -0.345 -1.748  1.00 0.00 ? 3 DAL A C    6  
HETATM 577  O O    . DAL A 1 3 ? 0.736  -1.494 -1.358  1.00 0.00 ? 3 DAL A O    6  
HETATM 578  H H    . DAL A 1 3 ? -0.133 2.016  -2.569  1.00 0.00 ? 3 DAL A H    6  
HETATM 579  H HA   . DAL A 1 3 ? -1.582 -0.131 -2.051  1.00 0.00 ? 3 DAL A HA   6  
HETATM 580  H HB1  . DAL A 1 3 ? -0.756 1.025  0.573   1.00 0.00 ? 3 DAL A HB1  6  
HETATM 581  H HB2  . DAL A 1 3 ? -0.657 -0.721 0.391   1.00 0.00 ? 3 DAL A HB2  6  
ATOM   582  N N    . ILE A 1 4 ? 1.416  0.364  -2.428  1.00 0.00 ? 4 ILE A N    6  
ATOM   583  C CA   . ILE A 1 4 ? 2.724  -0.189 -2.755  1.00 0.00 ? 4 ILE A CA   6  
ATOM   584  C C    . ILE A 1 4 ? 3.332  -0.877 -1.537  1.00 0.00 ? 4 ILE A C    6  
ATOM   585  O O    . ILE A 1 4 ? 4.041  -1.875 -1.663  1.00 0.00 ? 4 ILE A O    6  
ATOM   586  C CB   . ILE A 1 4 ? 3.654  0.925  -3.237  1.00 0.00 ? 4 ILE A CB   6  
ATOM   587  C CG1  . ILE A 1 4 ? 2.987  1.677  -4.392  1.00 0.00 ? 4 ILE A CG1  6  
ATOM   588  C CG2  . ILE A 1 4 ? 4.971  0.316  -3.721  1.00 0.00 ? 4 ILE A CG2  6  
ATOM   589  C CD1  . ILE A 1 4 ? 4.060  2.341  -5.258  1.00 0.00 ? 4 ILE A CD1  6  
ATOM   590  H H    . ILE A 1 4 ? 1.193  1.274  -2.714  1.00 0.00 ? 4 ILE A H    6  
ATOM   591  H HA   . ILE A 1 4 ? 2.611  -0.915 -3.546  1.00 0.00 ? 4 ILE A HA   6  
ATOM   592  H HB   . ILE A 1 4 ? 3.850  1.609  -2.425  1.00 0.00 ? 4 ILE A HB   6  
ATOM   593  H HG12 . ILE A 1 4 ? 2.418  0.982  -4.992  1.00 0.00 ? 4 ILE A HG12 6  
ATOM   594  H HG13 . ILE A 1 4 ? 2.329  2.434  -3.995  1.00 0.00 ? 4 ILE A HG13 6  
ATOM   595  H HG21 . ILE A 1 4 ? 5.276  -0.468 -3.043  1.00 0.00 ? 4 ILE A HG21 6  
ATOM   596  H HG22 . ILE A 1 4 ? 5.733  1.082  -3.750  1.00 0.00 ? 4 ILE A HG22 6  
ATOM   597  H HG23 . ILE A 1 4 ? 4.836  -0.094 -4.710  1.00 0.00 ? 4 ILE A HG23 6  
ATOM   598  H HD11 . ILE A 1 4 ? 4.378  1.653  -6.027  1.00 0.00 ? 4 ILE A HD11 6  
ATOM   599  H HD12 . ILE A 1 4 ? 4.906  2.608  -4.641  1.00 0.00 ? 4 ILE A HD12 6  
ATOM   600  H HD13 . ILE A 1 4 ? 3.653  3.231  -5.715  1.00 0.00 ? 4 ILE A HD13 6  
HETATM 601  N N    . DHA A 1 5 ? 3.046  -0.337 -0.338  1.00 0.00 ? 5 DHA A N    6  
HETATM 602  C CA   . DHA A 1 5 ? 3.558  -0.908 0.822   1.00 0.00 ? 5 DHA A CA   6  
HETATM 603  C CB   . DHA A 1 5 ? 4.747  -0.702 1.403   1.00 0.00 ? 5 DHA A CB   6  
HETATM 604  C C    . DHA A 1 5 ? 2.574  -1.854 1.416   1.00 0.00 ? 5 DHA A C    6  
HETATM 605  O O    . DHA A 1 5 ? 2.584  -3.056 1.151   1.00 0.00 ? 5 DHA A O    6  
HETATM 606  H H    . DHA A 1 5 ? 2.479  0.456  -0.231  1.00 0.00 ? 5 DHA A H    6  
HETATM 607  H HB1  . DHA A 1 5 ? 5.453  -0.012 0.964   1.00 0.00 ? 5 DHA A HB1  6  
HETATM 608  H HB2  . DHA A 1 5 ? 5.004  -1.224 2.313   1.00 0.00 ? 5 DHA A HB2  6  
ATOM   609  N N    . LEU A 1 6 ? 1.672  -1.319 2.259   1.00 0.00 ? 6 LEU A N    6  
ATOM   610  C CA   . LEU A 1 6 ? 0.677  -2.188 2.877   1.00 0.00 ? 6 LEU A CA   6  
ATOM   611  C C    . LEU A 1 6 ? -0.568 -1.391 3.254   1.00 0.00 ? 6 LEU A C    6  
ATOM   612  O O    . LEU A 1 6 ? -0.539 -0.571 4.172   1.00 0.00 ? 6 LEU A O    6  
ATOM   613  C CB   . LEU A 1 6 ? 1.260  -2.849 4.128   1.00 0.00 ? 6 LEU A CB   6  
ATOM   614  C CG   . LEU A 1 6 ? 0.792  -4.303 4.205   1.00 0.00 ? 6 LEU A CG   6  
ATOM   615  C CD1  . LEU A 1 6 ? -0.736 -4.357 4.120   1.00 0.00 ? 6 LEU A CD1  6  
ATOM   616  C CD2  . LEU A 1 6 ? 1.394  -5.094 3.041   1.00 0.00 ? 6 LEU A CD2  6  
ATOM   617  H H    . LEU A 1 6 ? 1.663  -0.362 2.469   1.00 0.00 ? 6 LEU A H    6  
ATOM   618  H HA   . LEU A 1 6 ? 0.400  -2.958 2.172   1.00 0.00 ? 6 LEU A HA   6  
ATOM   619  H HB2  . LEU A 1 6 ? 2.339  -2.818 4.082   1.00 0.00 ? 6 LEU A HB2  6  
ATOM   620  H HB3  . LEU A 1 6 ? 0.922  -2.318 5.005   1.00 0.00 ? 6 LEU A HB3  6  
ATOM   621  H HG   . LEU A 1 6 ? 1.115  -4.734 5.142   1.00 0.00 ? 6 LEU A HG   6  
ATOM   622  H HD11 . LEU A 1 6 ? -1.153 -3.482 4.597   1.00 0.00 ? 6 LEU A HD11 6  
ATOM   623  H HD12 . LEU A 1 6 ? -1.093 -5.244 4.622   1.00 0.00 ? 6 LEU A HD12 6  
ATOM   624  H HD13 . LEU A 1 6 ? -1.039 -4.383 3.085   1.00 0.00 ? 6 LEU A HD13 6  
ATOM   625  H HD21 . LEU A 1 6 ? 0.680  -5.144 2.231   1.00 0.00 ? 6 LEU A HD21 6  
ATOM   626  H HD22 . LEU A 1 6 ? 1.634  -6.095 3.371   1.00 0.00 ? 6 LEU A HD22 6  
ATOM   627  H HD23 . LEU A 1 6 ? 2.292  -4.603 2.699   1.00 0.00 ? 6 LEU A HD23 6  
ATOM   628  N N    . CYS A 1 7 ? -1.661 -1.642 2.540   1.00 0.00 ? 7 CYS A N    6  
ATOM   629  C CA   . CYS A 1 7 ? -2.912 -0.943 2.807   1.00 0.00 ? 7 CYS A CA   6  
ATOM   630  C C    . CYS A 1 7 ? -4.102 -1.811 2.411   1.00 0.00 ? 7 CYS A C    6  
ATOM   631  O O    . CYS A 1 7 ? -5.242 -1.523 2.774   1.00 0.00 ? 7 CYS A O    6  
ATOM   632  C CB   . CYS A 1 7 ? -2.955 0.375  2.032   1.00 0.00 ? 7 CYS A CB   6  
ATOM   633  S SG   . CYS A 1 7 ? -2.924 0.036  0.252   1.00 0.00 ? 7 CYS A SG   6  
ATOM   634  H H    . CYS A 1 7 ? -1.624 -2.306 1.820   1.00 0.00 ? 7 CYS A H    6  
ATOM   635  H HA   . CYS A 1 7 ? -2.973 -0.727 3.864   1.00 0.00 ? 7 CYS A HA   6  
ATOM   636  H HB2  . CYS A 1 7 ? -3.862 0.908  2.280   1.00 0.00 ? 7 CYS A HB2  6  
ATOM   637  H HB3  . CYS A 1 7 ? -2.101 0.979  2.300   1.00 0.00 ? 7 CYS A HB3  6  
ATOM   638  N N    . ALA A 1 8 ? -3.825 -2.877 1.667   1.00 0.00 ? 8 ALA A N    6  
ATOM   639  C CA   . ALA A 1 8 ? -4.877 -3.785 1.226   1.00 0.00 ? 8 ALA A CA   6  
ATOM   640  C C    . ALA A 1 8 ? -4.702 -5.159 1.868   1.00 0.00 ? 8 ALA A C    6  
ATOM   641  O O    . ALA A 1 8 ? -3.593 -5.465 2.272   1.00 0.00 ? 8 ALA A O    6  
ATOM   642  C CB   . ALA A 1 8 ? -4.842 -3.925 -0.296  1.00 0.00 ? 8 ALA A CB   6  
ATOM   643  O OXT  . ALA A 1 8 ? -5.681 -5.883 1.947   1.00 0.00 ? 8 ALA A OXT  6  
ATOM   644  H H    . ALA A 1 8 ? -2.897 -3.057 1.411   1.00 0.00 ? 8 ALA A H    6  
ATOM   645  H HA   . ALA A 1 8 ? -5.836 -3.381 1.517   1.00 0.00 ? 8 ALA A HA   6  
ATOM   646  H HB1  . ALA A 1 8 ? -5.530 -3.221 -0.739  1.00 0.00 ? 8 ALA A HB1  6  
ATOM   647  H HB2  . ALA A 1 8 ? -5.126 -4.930 -0.573  1.00 0.00 ? 8 ALA A HB2  6  
ATOM   648  H HB3  . ALA A 1 8 ? -3.842 -3.723 -0.652  1.00 0.00 ? 8 ALA A HB3  6  
ATOM   649  N N    . ILE A 1 1 ? -0.619 5.236  -4.269  1.00 0.00 1 1 ILE A N    7  
ATOM   650  C CA   . ILE A 1 1 ? -0.550 5.654  -2.840  1.00 0.00 ? 1 ILE A CA   7  
ATOM   651  C C    . ILE A 1 1 ? -1.293 4.640  -1.976  1.00 0.00 ? 1 ILE A C    7  
ATOM   652  O O    . ILE A 1 1 ? -2.473 4.371  -2.195  1.00 0.00 ? 1 ILE A O    7  
ATOM   653  C CB   . ILE A 1 1 ? -1.187 7.037  -2.689  1.00 0.00 ? 1 ILE A CB   7  
ATOM   654  C CG1  . ILE A 1 1 ? -1.326 7.373  -1.201  1.00 0.00 ? 1 ILE A CG1  7  
ATOM   655  C CG2  . ILE A 1 1 ? -2.571 7.039  -3.343  1.00 0.00 ? 1 ILE A CG2  7  
ATOM   656  C CD1  . ILE A 1 1 ? -1.336 8.891  -1.019  1.00 0.00 ? 1 ILE A CD1  7  
ATOM   657  H H1   . ILE A 1 1 ? -1.250 5.876  -4.789  1.00 0.00 ? 1 ILE A H1   7  
ATOM   658  H H2   . ILE A 1 1 ? -0.986 4.263  -4.325  1.00 0.00 ? 1 ILE A H2   7  
ATOM   659  H H3   . ILE A 1 1 ? 0.332  5.272  -4.687  1.00 0.00 ? 1 ILE A H3   7  
ATOM   660  H HA   . ILE A 1 1 ? 0.484  5.701  -2.530  1.00 0.00 ? 1 ILE A HA   7  
ATOM   661  H HB   . ILE A 1 1 ? -0.563 7.776  -3.169  1.00 0.00 ? 1 ILE A HB   7  
ATOM   662  H HG12 . ILE A 1 1 ? -2.249 6.959  -0.823  1.00 0.00 ? 1 ILE A HG12 7  
ATOM   663  H HG13 . ILE A 1 1 ? -0.492 6.952  -0.658  1.00 0.00 ? 1 ILE A HG13 7  
ATOM   664  H HG21 . ILE A 1 1 ? -2.548 7.652  -4.231  1.00 0.00 ? 1 ILE A HG21 7  
ATOM   665  H HG22 . ILE A 1 1 ? -3.297 7.436  -2.649  1.00 0.00 ? 1 ILE A HG22 7  
ATOM   666  H HG23 . ILE A 1 1 ? -2.844 6.028  -3.610  1.00 0.00 ? 1 ILE A HG23 7  
ATOM   667  H HD11 . ILE A 1 1 ? -0.387 9.298  -1.336  1.00 0.00 ? 1 ILE A HD11 7  
ATOM   668  H HD12 . ILE A 1 1 ? -1.499 9.129  0.022   1.00 0.00 ? 1 ILE A HD12 7  
ATOM   669  H HD13 . ILE A 1 1 ? -2.128 9.321  -1.615  1.00 0.00 ? 1 ILE A HD13 7  
HETATM 670  N N    . DBU A 1 2 ? -0.589 4.068  -0.983  1.00 0.00 ? 2 DBU A N    7  
HETATM 671  C CA   . DBU A 1 2 ? -1.197 3.133  -0.152  1.00 0.00 ? 2 DBU A CA   7  
HETATM 672  C CB   . DBU A 1 2 ? -1.956 3.343  0.932   1.00 0.00 ? 2 DBU A CB   7  
HETATM 673  C CG   . DBU A 1 2 ? -2.312 4.726  1.480   1.00 0.00 ? 2 DBU A CG   7  
HETATM 674  C C    . DBU A 1 2 ? -0.901 1.749  -0.616  1.00 0.00 ? 2 DBU A C    7  
HETATM 675  O O    . DBU A 1 2 ? -0.078 1.031  -0.046  1.00 0.00 ? 2 DBU A O    7  
HETATM 676  H H    . DBU A 1 2 ? 0.350  4.278  -0.804  1.00 0.00 ? 2 DBU A H    7  
HETATM 677  H HB   . DBU A 1 2 ? -2.342 2.480  1.452   1.00 0.00 ? 2 DBU A HB   7  
HETATM 678  H HG1  . DBU A 1 2 ? -3.127 4.636  2.183   1.00 0.00 ? 2 DBU A HG1  7  
HETATM 679  H HG2  . DBU A 1 2 ? -2.609 5.372  0.665   1.00 0.00 ? 2 DBU A HG2  7  
HETATM 680  H HG3  . DBU A 1 2 ? -1.451 5.148  1.978   1.00 0.00 ? 2 DBU A HG3  7  
HETATM 681  N N    . DAL A 1 3 ? -1.588 1.330  -1.694  1.00 0.00 ? 3 DAL A N    7  
HETATM 682  C CA   . DAL A 1 3 ? -1.350 -0.016 -2.206  1.00 0.00 ? 3 DAL A CA   7  
HETATM 683  C CB   . DAL A 1 3 ? -2.199 -1.027 -1.435  1.00 0.00 ? 3 DAL A CB   7  
HETATM 684  C C    . DAL A 1 3 ? 0.125  -0.385 -2.082  1.00 0.00 ? 3 DAL A C    7  
HETATM 685  O O    . DAL A 1 3 ? 0.477  -1.564 -2.038  1.00 0.00 ? 3 DAL A O    7  
HETATM 686  H H    . DAL A 1 3 ? -2.242 1.901  -2.146  1.00 0.00 ? 3 DAL A H    7  
HETATM 687  H HA   . DAL A 1 3 ? -1.631 -0.048 -3.248  1.00 0.00 ? 3 DAL A HA   7  
HETATM 688  H HB1  . DAL A 1 3 ? -2.188 -1.975 -1.952  1.00 0.00 ? 3 DAL A HB1  7  
HETATM 689  H HB2  . DAL A 1 3 ? -3.215 -0.667 -1.366  1.00 0.00 ? 3 DAL A HB2  7  
ATOM   690  N N    . ILE A 1 4 ? 0.981  0.630  -2.025  1.00 0.00 ? 4 ILE A N    7  
ATOM   691  C CA   . ILE A 1 4 ? 2.415  0.398  -1.906  1.00 0.00 ? 4 ILE A CA   7  
ATOM   692  C C    . ILE A 1 4 ? 2.762  -0.128 -0.517  1.00 0.00 ? 4 ILE A C    7  
ATOM   693  O O    . ILE A 1 4 ? 2.300  0.404  0.491   1.00 0.00 ? 4 ILE A O    7  
ATOM   694  C CB   . ILE A 1 4 ? 3.180  1.696  -2.166  1.00 0.00 ? 4 ILE A CB   7  
ATOM   695  C CG1  . ILE A 1 4 ? 2.690  2.328  -3.470  1.00 0.00 ? 4 ILE A CG1  7  
ATOM   696  C CG2  . ILE A 1 4 ? 4.675  1.395  -2.278  1.00 0.00 ? 4 ILE A CG2  7  
ATOM   697  C CD1  . ILE A 1 4 ? 2.639  3.850  -3.314  1.00 0.00 ? 4 ILE A CD1  7  
ATOM   698  H H    . ILE A 1 4 ? 0.644  1.549  -2.065  1.00 0.00 ? 4 ILE A H    7  
ATOM   699  H HA   . ILE A 1 4 ? 2.714  -0.334 -2.642  1.00 0.00 ? 4 ILE A HA   7  
ATOM   700  H HB   . ILE A 1 4 ? 3.013  2.382  -1.346  1.00 0.00 ? 4 ILE A HB   7  
ATOM   701  H HG12 . ILE A 1 4 ? 3.366  2.071  -4.272  1.00 0.00 ? 4 ILE A HG12 7  
ATOM   702  H HG13 . ILE A 1 4 ? 1.701  1.961  -3.700  1.00 0.00 ? 4 ILE A HG13 7  
ATOM   703  H HG21 . ILE A 1 4 ? 5.223  2.318  -2.388  1.00 0.00 ? 4 ILE A HG21 7  
ATOM   704  H HG22 . ILE A 1 4 ? 4.852  0.766  -3.139  1.00 0.00 ? 4 ILE A HG22 7  
ATOM   705  H HG23 . ILE A 1 4 ? 5.007  0.883  -1.386  1.00 0.00 ? 4 ILE A HG23 7  
ATOM   706  H HD11 . ILE A 1 4 ? 2.250  4.292  -4.219  1.00 0.00 ? 4 ILE A HD11 7  
ATOM   707  H HD12 . ILE A 1 4 ? 3.636  4.225  -3.129  1.00 0.00 ? 4 ILE A HD12 7  
ATOM   708  H HD13 . ILE A 1 4 ? 1.999  4.105  -2.482  1.00 0.00 ? 4 ILE A HD13 7  
HETATM 709  N N    . DHA A 1 5 ? 3.590  -1.186 -0.464  1.00 0.00 ? 5 DHA A N    7  
HETATM 710  C CA   . DHA A 1 5 ? 3.956  -1.721 0.767   1.00 0.00 ? 5 DHA A CA   7  
HETATM 711  C CB   . DHA A 1 5 ? 5.176  -1.796 1.316   1.00 0.00 ? 5 DHA A CB   7  
HETATM 712  C C    . DHA A 1 5 ? 2.765  -2.251 1.486   1.00 0.00 ? 5 DHA A C    7  
HETATM 713  O O    . DHA A 1 5 ? 2.415  -3.427 1.389   1.00 0.00 ? 5 DHA A O    7  
HETATM 714  H H    . DHA A 1 5 ? 3.963  -1.612 -1.263  1.00 0.00 ? 5 DHA A H    7  
HETATM 715  H HB1  . DHA A 1 5 ? 6.034  -1.408 0.788   1.00 0.00 ? 5 DHA A HB1  7  
HETATM 716  H HB2  . DHA A 1 5 ? 5.304  -2.244 2.290   1.00 0.00 ? 5 DHA A HB2  7  
ATOM   717  N N    . LEU A 1 6 ? 2.096  -1.368 2.251   1.00 0.00 ? 6 LEU A N    7  
ATOM   718  C CA   . LEU A 1 6 ? 0.921  -1.821 2.988   1.00 0.00 ? 6 LEU A CA   7  
ATOM   719  C C    . LEU A 1 6 ? -0.282 -0.932 2.685   1.00 0.00 ? 6 LEU A C    7  
ATOM   720  O O    . LEU A 1 6 ? -0.128 0.220  2.282   1.00 0.00 ? 6 LEU A O    7  
ATOM   721  C CB   . LEU A 1 6 ? 1.206  -1.795 4.490   1.00 0.00 ? 6 LEU A CB   7  
ATOM   722  C CG   . LEU A 1 6 ? 2.162  -2.933 4.851   1.00 0.00 ? 6 LEU A CG   7  
ATOM   723  C CD1  . LEU A 1 6 ? 2.629  -2.766 6.299   1.00 0.00 ? 6 LEU A CD1  7  
ATOM   724  C CD2  . LEU A 1 6 ? 1.439  -4.273 4.700   1.00 0.00 ? 6 LEU A CD2  7  
ATOM   725  H H    . LEU A 1 6 ? 2.376  -0.434 2.330   1.00 0.00 ? 6 LEU A H    7  
ATOM   726  H HA   . LEU A 1 6 ? 0.691  -2.834 2.694   1.00 0.00 ? 6 LEU A HA   7  
ATOM   727  H HB2  . LEU A 1 6 ? 1.655  -0.850 4.755   1.00 0.00 ? 6 LEU A HB2  7  
ATOM   728  H HB3  . LEU A 1 6 ? 0.282  -1.919 5.034   1.00 0.00 ? 6 LEU A HB3  7  
ATOM   729  H HG   . LEU A 1 6 ? 3.019  -2.906 4.192   1.00 0.00 ? 6 LEU A HG   7  
ATOM   730  H HD11 . LEU A 1 6 ? 2.882  -3.733 6.709   1.00 0.00 ? 6 LEU A HD11 7  
ATOM   731  H HD12 . LEU A 1 6 ? 1.836  -2.324 6.884   1.00 0.00 ? 6 LEU A HD12 7  
ATOM   732  H HD13 . LEU A 1 6 ? 3.497  -2.125 6.325   1.00 0.00 ? 6 LEU A HD13 7  
ATOM   733  H HD21 . LEU A 1 6 ? 1.839  -4.803 3.847   1.00 0.00 ? 6 LEU A HD21 7  
ATOM   734  H HD22 . LEU A 1 6 ? 0.383  -4.099 4.551   1.00 0.00 ? 6 LEU A HD22 7  
ATOM   735  H HD23 . LEU A 1 6 ? 1.585  -4.865 5.591   1.00 0.00 ? 6 LEU A HD23 7  
ATOM   736  N N    . CYS A 1 7 ? -1.476 -1.477 2.890   1.00 0.00 ? 7 CYS A N    7  
ATOM   737  C CA   . CYS A 1 7 ? -2.704 -0.726 2.642   1.00 0.00 ? 7 CYS A CA   7  
ATOM   738  C C    . CYS A 1 7 ? -3.895 -1.429 3.287   1.00 0.00 ? 7 CYS A C    7  
ATOM   739  O O    . CYS A 1 7 ? -4.931 -0.811 3.536   1.00 0.00 ? 7 CYS A O    7  
ATOM   740  C CB   . CYS A 1 7 ? -2.945 -0.588 1.137   1.00 0.00 ? 7 CYS A CB   7  
ATOM   741  S SG   . CYS A 1 7 ? -1.522 -1.242 0.230   1.00 0.00 ? 7 CYS A SG   7  
ATOM   742  H H    . CYS A 1 7 ? -1.535 -2.399 3.216   1.00 0.00 ? 7 CYS A H    7  
ATOM   743  H HA   . CYS A 1 7 ? -2.604 0.258  3.071   1.00 0.00 ? 7 CYS A HA   7  
ATOM   744  H HB2  . CYS A 1 7 ? -3.830 -1.141 0.861   1.00 0.00 ? 7 CYS A HB2  7  
ATOM   745  H HB3  . CYS A 1 7 ? -3.081 0.454  0.890   1.00 0.00 ? 7 CYS A HB3  7  
ATOM   746  N N    . ALA A 1 8 ? -3.739 -2.721 3.556   1.00 0.00 ? 8 ALA A N    7  
ATOM   747  C CA   . ALA A 1 8 ? -4.808 -3.498 4.173   1.00 0.00 ? 8 ALA A CA   7  
ATOM   748  C C    . ALA A 1 8 ? -4.824 -3.287 5.683   1.00 0.00 ? 8 ALA A C    7  
ATOM   749  O O    . ALA A 1 8 ? -3.873 -3.694 6.329   1.00 0.00 ? 8 ALA A O    7  
ATOM   750  C CB   . ALA A 1 8 ? -4.615 -4.985 3.867   1.00 0.00 ? 8 ALA A CB   7  
ATOM   751  O OXT  . ALA A 1 8 ? -5.787 -2.719 6.172   1.00 0.00 ? 8 ALA A OXT  7  
ATOM   752  H H    . ALA A 1 8 ? -2.891 -3.159 3.336   1.00 0.00 ? 8 ALA A H    7  
ATOM   753  H HA   . ALA A 1 8 ? -5.754 -3.178 3.764   1.00 0.00 ? 8 ALA A HA   7  
ATOM   754  H HB1  . ALA A 1 8 ? -5.546 -5.509 4.026   1.00 0.00 ? 8 ALA A HB1  7  
ATOM   755  H HB2  . ALA A 1 8 ? -3.857 -5.392 4.520   1.00 0.00 ? 8 ALA A HB2  7  
ATOM   756  H HB3  . ALA A 1 8 ? -4.306 -5.103 2.839   1.00 0.00 ? 8 ALA A HB3  7  
ATOM   757  N N    . ILE A 1 1 ? 0.813  -0.763 -7.350  1.00 0.00 1 1 ILE A N    8  
ATOM   758  C CA   . ILE A 1 1 ? 0.438  0.647  -7.659  1.00 0.00 ? 1 ILE A CA   8  
ATOM   759  C C    . ILE A 1 1 ? -0.525 1.158  -6.593  1.00 0.00 ? 1 ILE A C    8  
ATOM   760  O O    . ILE A 1 1 ? -0.618 2.362  -6.350  1.00 0.00 ? 1 ILE A O    8  
ATOM   761  C CB   . ILE A 1 1 ? -0.230 0.703  -9.032  1.00 0.00 ? 1 ILE A CB   8  
ATOM   762  C CG1  . ILE A 1 1 ? -0.467 2.166  -9.423  1.00 0.00 ? 1 ILE A CG1  8  
ATOM   763  C CG2  . ILE A 1 1 ? -1.570 -0.034 -8.979  1.00 0.00 ? 1 ILE A CG2  8  
ATOM   764  C CD1  . ILE A 1 1 ? 0.080  2.414  -10.829 1.00 0.00 ? 1 ILE A CD1  8  
ATOM   765  H H1   . ILE A 1 1 ? 1.525  -1.090 -8.031  1.00 0.00 ? 1 ILE A H1   8  
ATOM   766  H H2   . ILE A 1 1 ? -0.031 -1.367 -7.412  1.00 0.00 ? 1 ILE A H2   8  
ATOM   767  H H3   . ILE A 1 1 ? 1.208  -0.815 -6.388  1.00 0.00 ? 1 ILE A H3   8  
ATOM   768  H HA   . ILE A 1 1 ? 1.327  1.261  -7.665  1.00 0.00 ? 1 ILE A HA   8  
ATOM   769  H HB   . ILE A 1 1 ? 0.411  0.233  -9.764  1.00 0.00 ? 1 ILE A HB   8  
ATOM   770  H HG12 . ILE A 1 1 ? -1.527 2.377  -9.405  1.00 0.00 ? 1 ILE A HG12 8  
ATOM   771  H HG13 . ILE A 1 1 ? 0.041  2.813  -8.723  1.00 0.00 ? 1 ILE A HG13 8  
ATOM   772  H HG21 . ILE A 1 1 ? -2.375 0.685  -8.928  1.00 0.00 ? 1 ILE A HG21 8  
ATOM   773  H HG22 . ILE A 1 1 ? -1.598 -0.669 -8.105  1.00 0.00 ? 1 ILE A HG22 8  
ATOM   774  H HG23 . ILE A 1 1 ? -1.684 -0.638 -9.867  1.00 0.00 ? 1 ILE A HG23 8  
ATOM   775  H HD11 . ILE A 1 1 ? 1.154  2.519  -10.785 1.00 0.00 ? 1 ILE A HD11 8  
ATOM   776  H HD12 . ILE A 1 1 ? -0.354 3.318  -11.230 1.00 0.00 ? 1 ILE A HD12 8  
ATOM   777  H HD13 . ILE A 1 1 ? -0.174 1.580  -11.467 1.00 0.00 ? 1 ILE A HD13 8  
HETATM 778  N N    . DBU A 1 2 ? -1.252 0.230  -5.946  1.00 0.00 ? 2 DBU A N    8  
HETATM 779  C CA   . DBU A 1 2 ? -2.153 0.618  -4.962  1.00 0.00 ? 2 DBU A CA   8  
HETATM 780  C CB   . DBU A 1 2 ? -3.464 0.877  -5.080  1.00 0.00 ? 2 DBU A CB   8  
HETATM 781  C CG   . DBU A 1 2 ? -4.246 0.789  -6.392  1.00 0.00 ? 2 DBU A CG   8  
HETATM 782  C C    . DBU A 1 2 ? -1.471 0.734  -3.643  1.00 0.00 ? 2 DBU A C    8  
HETATM 783  O O    . DBU A 1 2 ? -0.767 1.700  -3.357  1.00 0.00 ? 2 DBU A O    8  
HETATM 784  H H    . DBU A 1 2 ? -1.184 -0.728 -6.135  1.00 0.00 ? 2 DBU A H    8  
HETATM 785  H HB   . DBU A 1 2 ? -4.001 1.169  -4.190  1.00 0.00 ? 2 DBU A HB   8  
HETATM 786  H HG1  . DBU A 1 2 ? -4.176 1.733  -6.915  1.00 0.00 ? 2 DBU A HG1  8  
HETATM 787  H HG2  . DBU A 1 2 ? -5.282 0.571  -6.180  1.00 0.00 ? 2 DBU A HG2  8  
HETATM 788  H HG3  . DBU A 1 2 ? -3.831 0.005  -7.007  1.00 0.00 ? 2 DBU A HG3  8  
HETATM 789  N N    . DAL A 1 3 ? -1.675 -0.281 -2.784  1.00 0.00 ? 3 DAL A N    8  
HETATM 790  C CA   . DAL A 1 3 ? -1.042 -0.235 -1.471  1.00 0.00 ? 3 DAL A CA   8  
HETATM 791  C CB   . DAL A 1 3 ? -1.320 1.112  -0.802  1.00 0.00 ? 3 DAL A CB   8  
HETATM 792  C C    . DAL A 1 3 ? 0.464  -0.443 -1.588  1.00 0.00 ? 3 DAL A C    8  
HETATM 793  O O    . DAL A 1 3 ? 0.997  -1.460 -1.143  1.00 0.00 ? 3 DAL A O    8  
HETATM 794  H H    . DAL A 1 3 ? -2.238 -1.049 -3.013  1.00 0.00 ? 3 DAL A H    8  
HETATM 795  H HA   . DAL A 1 3 ? -1.456 -1.021 -0.857  1.00 0.00 ? 3 DAL A HA   8  
HETATM 796  H HB1  . DAL A 1 3 ? -2.326 1.428  -1.034  1.00 0.00 ? 3 DAL A HB1  8  
HETATM 797  H HB2  . DAL A 1 3 ? -0.619 1.847  -1.168  1.00 0.00 ? 3 DAL A HB2  8  
ATOM   798  N N    . ILE A 1 4 ? 1.147  0.530  -2.182  1.00 0.00 ? 4 ILE A N    8  
ATOM   799  C CA   . ILE A 1 4 ? 2.595  0.445  -2.341  1.00 0.00 ? 4 ILE A CA   8  
ATOM   800  C C    . ILE A 1 4 ? 3.252  0.151  -0.995  1.00 0.00 ? 4 ILE A C    8  
ATOM   801  O O    . ILE A 1 4 ? 3.819  1.040  -0.357  1.00 0.00 ? 4 ILE A O    8  
ATOM   802  C CB   . ILE A 1 4 ? 3.136  1.760  -2.908  1.00 0.00 ? 4 ILE A CB   8  
ATOM   803  C CG1  . ILE A 1 4 ? 2.458  2.051  -4.250  1.00 0.00 ? 4 ILE A CG1  8  
ATOM   804  C CG2  . ILE A 1 4 ? 4.647  1.645  -3.120  1.00 0.00 ? 4 ILE A CG2  8  
ATOM   805  C CD1  . ILE A 1 4 ? 2.116  3.540  -4.338  1.00 0.00 ? 4 ILE A CD1  8  
ATOM   806  H H    . ILE A 1 4 ? 0.672  1.321  -2.512  1.00 0.00 ? 4 ILE A H    8  
ATOM   807  H HA   . ILE A 1 4 ? 2.827  -0.355 -3.028  1.00 0.00 ? 4 ILE A HA   8  
ATOM   808  H HB   . ILE A 1 4 ? 2.930  2.563  -2.216  1.00 0.00 ? 4 ILE A HB   8  
ATOM   809  H HG12 . ILE A 1 4 ? 3.127  1.786  -5.055  1.00 0.00 ? 4 ILE A HG12 8  
ATOM   810  H HG13 . ILE A 1 4 ? 1.552  1.469  -4.329  1.00 0.00 ? 4 ILE A HG13 8  
ATOM   811  H HG21 . ILE A 1 4 ? 4.842  1.094  -4.029  1.00 0.00 ? 4 ILE A HG21 8  
ATOM   812  H HG22 . ILE A 1 4 ? 5.090  1.126  -2.283  1.00 0.00 ? 4 ILE A HG22 8  
ATOM   813  H HG23 . ILE A 1 4 ? 5.076  2.633  -3.200  1.00 0.00 ? 4 ILE A HG23 8  
ATOM   814  H HD11 . ILE A 1 4 ? 1.448  3.804  -3.532  1.00 0.00 ? 4 ILE A HD11 8  
ATOM   815  H HD12 . ILE A 1 4 ? 1.637  3.743  -5.283  1.00 0.00 ? 4 ILE A HD12 8  
ATOM   816  H HD13 . ILE A 1 4 ? 3.022  4.121  -4.260  1.00 0.00 ? 4 ILE A HD13 8  
HETATM 817  N N    . DHA A 1 5 ? 3.160  -1.116 -0.553  1.00 0.00 ? 5 DHA A N    8  
HETATM 818  C CA   . DHA A 1 5 ? 3.717  -1.475 0.669   1.00 0.00 ? 5 DHA A CA   8  
HETATM 819  C CB   . DHA A 1 5 ? 4.962  -1.273 1.119   1.00 0.00 ? 5 DHA A CB   8  
HETATM 820  C C    . DHA A 1 5 ? 2.701  -2.172 1.507   1.00 0.00 ? 5 DHA A C    8  
HETATM 821  O O    . DHA A 1 5 ? 2.697  -3.395 1.646   1.00 0.00 ? 5 DHA A O    8  
HETATM 822  H H    . DHA A 1 5 ? 2.702  -1.821 -1.056  1.00 0.00 ? 5 DHA A H    8  
HETATM 823  H HB1  . DHA A 1 5 ? 5.686  -0.767 0.500   1.00 0.00 ? 5 DHA A HB1  8  
HETATM 824  H HB2  . DHA A 1 5 ? 5.245  -1.617 2.103   1.00 0.00 ? 5 DHA A HB2  8  
ATOM   825  N N    . LEU A 1 6 ? 1.779  -1.385 2.090   1.00 0.00 ? 6 LEU A N    8  
ATOM   826  C CA   . LEU A 1 6 ? 0.745  -2.000 2.914   1.00 0.00 ? 6 LEU A CA   8  
ATOM   827  C C    . LEU A 1 6 ? -0.448 -1.060 3.063   1.00 0.00 ? 6 LEU A C    8  
ATOM   828  O O    . LEU A 1 6 ? -0.354 -0.021 3.718   1.00 0.00 ? 6 LEU A O    8  
ATOM   829  C CB   . LEU A 1 6 ? 1.301  -2.348 4.297   1.00 0.00 ? 6 LEU A CB   8  
ATOM   830  C CG   . LEU A 1 6 ? 0.944  -3.794 4.647   1.00 0.00 ? 6 LEU A CG   8  
ATOM   831  C CD1  . LEU A 1 6 ? 1.600  -4.176 5.975   1.00 0.00 ? 6 LEU A CD1  8  
ATOM   832  C CD2  . LEU A 1 6 ? -0.575 -3.925 4.771   1.00 0.00 ? 6 LEU A CD2  8  
ATOM   833  H H    . LEU A 1 6 ? 1.778  -0.413 1.973   1.00 0.00 ? 6 LEU A H    8  
ATOM   834  H HA   . LEU A 1 6 ? 0.412  -2.906 2.432   1.00 0.00 ? 6 LEU A HA   8  
ATOM   835  H HB2  . LEU A 1 6 ? 2.376  -2.233 4.292   1.00 0.00 ? 6 LEU A HB2  8  
ATOM   836  H HB3  . LEU A 1 6 ? 0.874  -1.685 5.033   1.00 0.00 ? 6 LEU A HB3  8  
ATOM   837  H HG   . LEU A 1 6 ? 1.302  -4.451 3.868   1.00 0.00 ? 6 LEU A HG   8  
ATOM   838  H HD11 . LEU A 1 6 ? 1.412  -5.219 6.182   1.00 0.00 ? 6 LEU A HD11 8  
ATOM   839  H HD12 . LEU A 1 6 ? 1.185  -3.573 6.768   1.00 0.00 ? 6 LEU A HD12 8  
ATOM   840  H HD13 . LEU A 1 6 ? 2.665  -4.006 5.913   1.00 0.00 ? 6 LEU A HD13 8  
ATOM   841  H HD21 . LEU A 1 6 ? -1.053 -3.311 4.022   1.00 0.00 ? 6 LEU A HD21 8  
ATOM   842  H HD22 . LEU A 1 6 ? -0.886 -3.603 5.753   1.00 0.00 ? 6 LEU A HD22 8  
ATOM   843  H HD23 . LEU A 1 6 ? -0.860 -4.957 4.625   1.00 0.00 ? 6 LEU A HD23 8  
ATOM   844  N N    . CYS A 1 7 ? -1.565 -1.433 2.448   1.00 0.00 ? 7 CYS A N    8  
ATOM   845  C CA   . CYS A 1 7 ? -2.775 -0.621 2.515   1.00 0.00 ? 7 CYS A CA   8  
ATOM   846  C C    . CYS A 1 7 ? -4.014 -1.509 2.476   1.00 0.00 ? 7 CYS A C    8  
ATOM   847  O O    . CYS A 1 7 ? -5.013 -1.229 3.138   1.00 0.00 ? 7 CYS A O    8  
ATOM   848  C CB   . CYS A 1 7 ? -2.811 0.361  1.340   1.00 0.00 ? 7 CYS A CB   8  
ATOM   849  S SG   . CYS A 1 7 ? -1.135 0.946  0.992   1.00 0.00 ? 7 CYS A SG   8  
ATOM   850  H H    . CYS A 1 7 ? -1.578 -2.271 1.942   1.00 0.00 ? 7 CYS A H    8  
ATOM   851  H HA   . CYS A 1 7 ? -2.773 -0.061 3.438   1.00 0.00 ? 7 CYS A HA   8  
ATOM   852  H HB2  . CYS A 1 7 ? -3.208 -0.136 0.467   1.00 0.00 ? 7 CYS A HB2  8  
ATOM   853  H HB3  . CYS A 1 7 ? -3.440 1.202  1.595   1.00 0.00 ? 7 CYS A HB3  8  
ATOM   854  N N    . ALA A 1 8 ? -3.941 -2.585 1.696   1.00 0.00 ? 8 ALA A N    8  
ATOM   855  C CA   . ALA A 1 8 ? -5.062 -3.511 1.581   1.00 0.00 ? 8 ALA A CA   8  
ATOM   856  C C    . ALA A 1 8 ? -5.272 -4.260 2.893   1.00 0.00 ? 8 ALA A C    8  
ATOM   857  O O    . ALA A 1 8 ? -5.523 -5.453 2.837   1.00 0.00 ? 8 ALA A O    8  
ATOM   858  C CB   . ALA A 1 8 ? -4.801 -4.513 0.455   1.00 0.00 ? 8 ALA A CB   8  
ATOM   859  O OXT  . ALA A 1 8 ? -5.177 -3.630 3.934   1.00 0.00 ? 8 ALA A OXT  8  
ATOM   860  H H    . ALA A 1 8 ? -3.117 -2.760 1.193   1.00 0.00 ? 8 ALA A H    8  
ATOM   861  H HA   . ALA A 1 8 ? -5.955 -2.951 1.349   1.00 0.00 ? 8 ALA A HA   8  
ATOM   862  H HB1  . ALA A 1 8 ? -5.659 -5.160 0.343   1.00 0.00 ? 8 ALA A HB1  8  
ATOM   863  H HB2  . ALA A 1 8 ? -3.931 -5.108 0.696   1.00 0.00 ? 8 ALA A HB2  8  
ATOM   864  H HB3  . ALA A 1 8 ? -4.627 -3.982 -0.469  1.00 0.00 ? 8 ALA A HB3  8  
ATOM   865  N N    . ILE A 1 1 ? 1.342  3.915  -5.736  1.00 0.00 1 1 ILE A N    9  
ATOM   866  C CA   . ILE A 1 1 ? 1.418  4.656  -4.445  1.00 0.00 ? 1 ILE A CA   9  
ATOM   867  C C    . ILE A 1 1 ? 0.394  4.085  -3.471  1.00 0.00 ? 1 ILE A C    9  
ATOM   868  O O    . ILE A 1 1 ? -0.605 3.494  -3.881  1.00 0.00 ? 1 ILE A O    9  
ATOM   869  C CB   . ILE A 1 1 ? 1.130  6.138  -4.693  1.00 0.00 ? 1 ILE A CB   9  
ATOM   870  C CG1  . ILE A 1 1 ? 1.549  6.952  -3.465  1.00 0.00 ? 1 ILE A CG1  9  
ATOM   871  C CG2  . ILE A 1 1 ? -0.367 6.331  -4.946  1.00 0.00 ? 1 ILE A CG2  9  
ATOM   872  C CD1  . ILE A 1 1 ? 2.774  7.802  -3.807  1.00 0.00 ? 1 ILE A CD1  9  
ATOM   873  H H1   . ILE A 1 1 ? 1.090  2.924  -5.553  1.00 0.00 ? 1 ILE A H1   9  
ATOM   874  H H2   . ILE A 1 1 ? 2.265  3.956  -6.214  1.00 0.00 ? 1 ILE A H2   9  
ATOM   875  H H3   . ILE A 1 1 ? 0.617  4.348  -6.342  1.00 0.00 ? 1 ILE A H3   9  
ATOM   876  H HA   . ILE A 1 1 ? 2.410  4.548  -4.028  1.00 0.00 ? 1 ILE A HA   9  
ATOM   877  H HB   . ILE A 1 1 ? 1.687  6.472  -5.557  1.00 0.00 ? 1 ILE A HB   9  
ATOM   878  H HG12 . ILE A 1 1 ? 0.735  7.597  -3.166  1.00 0.00 ? 1 ILE A HG12 9  
ATOM   879  H HG13 . ILE A 1 1 ? 1.795  6.282  -2.655  1.00 0.00 ? 1 ILE A HG13 9  
ATOM   880  H HG21 . ILE A 1 1 ? -0.530 7.279  -5.437  1.00 0.00 ? 1 ILE A HG21 9  
ATOM   881  H HG22 . ILE A 1 1 ? -0.895 6.319  -4.004  1.00 0.00 ? 1 ILE A HG22 9  
ATOM   882  H HG23 . ILE A 1 1 ? -0.731 5.533  -5.575  1.00 0.00 ? 1 ILE A HG23 9  
ATOM   883  H HD11 . ILE A 1 1 ? 2.460  8.692  -4.331  1.00 0.00 ? 1 ILE A HD11 9  
ATOM   884  H HD12 . ILE A 1 1 ? 3.444  7.231  -4.435  1.00 0.00 ? 1 ILE A HD12 9  
ATOM   885  H HD13 . ILE A 1 1 ? 3.286  8.080  -2.897  1.00 0.00 ? 1 ILE A HD13 9  
HETATM 886  N N    . DBU A 1 2 ? 0.643  4.263  -2.162  1.00 0.00 ? 2 DBU A N    9  
HETATM 887  C CA   . DBU A 1 2 ? -0.243 3.772  -1.211  1.00 0.00 ? 2 DBU A CA   9  
HETATM 888  C CB   . DBU A 1 2 ? -1.150 4.442  -0.488  1.00 0.00 ? 2 DBU A CB   9  
HETATM 889  C CG   . DBU A 1 2 ? -1.384 5.950  -0.581  1.00 0.00 ? 2 DBU A CG   9  
HETATM 890  C C    . DBU A 1 2 ? -0.083 2.299  -1.054  1.00 0.00 ? 2 DBU A C    9  
HETATM 891  O O    . DBU A 1 2 ? 0.814  1.811  -0.369  1.00 0.00 ? 2 DBU A O    9  
HETATM 892  H H    . DBU A 1 2 ? 1.436  4.732  -1.829  1.00 0.00 ? 2 DBU A H    9  
HETATM 893  H HB   . DBU A 1 2 ? -1.755 3.880  0.208   1.00 0.00 ? 2 DBU A HB   9  
HETATM 894  H HG1  . DBU A 1 2 ? -0.453 6.472  -0.410  1.00 0.00 ? 2 DBU A HG1  9  
HETATM 895  H HG2  . DBU A 1 2 ? -2.108 6.250  0.163   1.00 0.00 ? 2 DBU A HG2  9  
HETATM 896  H HG3  . DBU A 1 2 ? -1.757 6.196  -1.565  1.00 0.00 ? 2 DBU A HG3  9  
HETATM 897  N N    . DAL A 1 3 ? -0.979 1.537  -1.706  1.00 0.00 ? 3 DAL A N    9  
HETATM 898  C CA   . DAL A 1 3 ? -0.883 0.086  -1.598  1.00 0.00 ? 3 DAL A CA   9  
HETATM 899  C CB   . DAL A 1 3 ? -1.261 -0.359 -0.183  1.00 0.00 ? 3 DAL A CB   9  
HETATM 900  C C    . DAL A 1 3 ? 0.531  -0.383 -1.924  1.00 0.00 ? 3 DAL A C    9  
HETATM 901  O O    . DAL A 1 3 ? 0.846  -1.568 -1.811  1.00 0.00 ? 3 DAL A O    9  
HETATM 902  H H    . DAL A 1 3 ? -1.695 1.926  -2.253  1.00 0.00 ? 3 DAL A H    9  
HETATM 903  H HA   . DAL A 1 3 ? -1.571 -0.364 -2.299  1.00 0.00 ? 3 DAL A HA   9  
HETATM 904  H HB1  . DAL A 1 3 ? -0.526 0.011  0.515   1.00 0.00 ? 3 DAL A HB1  9  
HETATM 905  H HB2  . DAL A 1 3 ? -1.288 -1.438 -0.141  1.00 0.00 ? 3 DAL A HB2  9  
ATOM   906  N N    . ILE A 1 4 ? 1.382  0.556  -2.327  1.00 0.00 ? 4 ILE A N    9  
ATOM   907  C CA   . ILE A 1 4 ? 2.762  0.228  -2.666  1.00 0.00 ? 4 ILE A CA   9  
ATOM   908  C C    . ILE A 1 4 ? 3.365  -0.687 -1.602  1.00 0.00 ? 4 ILE A C    9  
ATOM   909  O O    . ILE A 1 4 ? 4.166  -1.569 -1.909  1.00 0.00 ? 4 ILE A O    9  
ATOM   910  C CB   . ILE A 1 4 ? 3.586  1.522  -2.799  1.00 0.00 ? 4 ILE A CB   9  
ATOM   911  C CG1  . ILE A 1 4 ? 4.278  1.545  -4.164  1.00 0.00 ? 4 ILE A CG1  9  
ATOM   912  C CG2  . ILE A 1 4 ? 4.646  1.602  -1.695  1.00 0.00 ? 4 ILE A CG2  9  
ATOM   913  C CD1  . ILE A 1 4 ? 5.170  0.311  -4.307  1.00 0.00 ? 4 ILE A CD1  9  
ATOM   914  H H    . ILE A 1 4 ? 1.077  1.484  -2.398  1.00 0.00 ? 4 ILE A H    9  
ATOM   915  H HA   . ILE A 1 4 ? 2.772  -0.289 -3.613  1.00 0.00 ? 4 ILE A HA   9  
ATOM   916  H HB   . ILE A 1 4 ? 2.926  2.374  -2.719  1.00 0.00 ? 4 ILE A HB   9  
ATOM   917  H HG12 . ILE A 1 4 ? 3.532  1.545  -4.945  1.00 0.00 ? 4 ILE A HG12 9  
ATOM   918  H HG13 . ILE A 1 4 ? 4.884  2.436  -4.246  1.00 0.00 ? 4 ILE A HG13 9  
ATOM   919  H HG21 . ILE A 1 4 ? 4.167  1.540  -0.729  1.00 0.00 ? 4 ILE A HG21 9  
ATOM   920  H HG22 . ILE A 1 4 ? 5.179  2.538  -1.774  1.00 0.00 ? 4 ILE A HG22 9  
ATOM   921  H HG23 . ILE A 1 4 ? 5.343  0.783  -1.804  1.00 0.00 ? 4 ILE A HG23 9  
ATOM   922  H HD11 . ILE A 1 4 ? 4.620  -0.475 -4.803  1.00 0.00 ? 4 ILE A HD11 9  
ATOM   923  H HD12 . ILE A 1 4 ? 5.478  -0.026 -3.329  1.00 0.00 ? 4 ILE A HD12 9  
ATOM   924  H HD13 . ILE A 1 4 ? 6.043  0.563  -4.892  1.00 0.00 ? 4 ILE A HD13 9  
HETATM 925  N N    . DHA A 1 5 ? 2.969  -0.475 -0.334  1.00 0.00 ? 5 DHA A N    9  
HETATM 926  C CA   . DHA A 1 5 ? 3.468  -1.266 0.692   1.00 0.00 ? 5 DHA A CA   9  
HETATM 927  C CB   . DHA A 1 5 ? 4.739  -1.409 1.098   1.00 0.00 ? 5 DHA A CB   9  
HETATM 928  C C    . DHA A 1 5 ? 2.369  -2.012 1.364   1.00 0.00 ? 5 DHA A C    9  
HETATM 929  O O    . DHA A 1 5 ? 1.989  -3.112 0.966   1.00 0.00 ? 5 DHA A O    9  
HETATM 930  H H    . DHA A 1 5 ? 2.330  0.225  -0.085  1.00 0.00 ? 5 DHA A H    9  
HETATM 931  H HB1  . DHA A 1 5 ? 5.530  -0.863 0.605   1.00 0.00 ? 5 DHA A HB1  9  
HETATM 932  H HB2  . DHA A 1 5 ? 4.974  -2.069 1.920   1.00 0.00 ? 5 DHA A HB2  9  
ATOM   933  N N    . LEU A 1 6 ? 1.815  -1.410 2.432   1.00 0.00 ? 6 LEU A N    9  
ATOM   934  C CA   . LEU A 1 6 ? 0.732  -2.083 3.138   1.00 0.00 ? 6 LEU A CA   9  
ATOM   935  C C    . LEU A 1 6 ? -0.488 -1.174 3.238   1.00 0.00 ? 6 LEU A C    9  
ATOM   936  O O    . LEU A 1 6 ? -0.418 -0.083 3.805   1.00 0.00 ? 6 LEU A O    9  
ATOM   937  C CB   . LEU A 1 6 ? 1.191  -2.477 4.543   1.00 0.00 ? 6 LEU A CB   9  
ATOM   938  C CG   . LEU A 1 6 ? 2.283  -1.515 5.012   1.00 0.00 ? 6 LEU A CG   9  
ATOM   939  C CD1  . LEU A 1 6 ? 2.375  -1.552 6.538   1.00 0.00 ? 6 LEU A CD1  9  
ATOM   940  C CD2  . LEU A 1 6 ? 3.626  -1.938 4.411   1.00 0.00 ? 6 LEU A CD2  9  
ATOM   941  H H    . LEU A 1 6 ? 2.118  -0.532 2.748   1.00 0.00 ? 6 LEU A H    9  
ATOM   942  H HA   . LEU A 1 6 ? 0.460  -2.975 2.596   1.00 0.00 ? 6 LEU A HA   9  
ATOM   943  H HB2  . LEU A 1 6 ? 0.353  -2.431 5.222   1.00 0.00 ? 6 LEU A HB2  9  
ATOM   944  H HB3  . LEU A 1 6 ? 1.583  -3.483 4.524   1.00 0.00 ? 6 LEU A HB3  9  
ATOM   945  H HG   . LEU A 1 6 ? 2.043  -0.513 4.690   1.00 0.00 ? 6 LEU A HG   9  
ATOM   946  H HD11 . LEU A 1 6 ? 3.393  -1.355 6.844   1.00 0.00 ? 6 LEU A HD11 9  
ATOM   947  H HD12 . LEU A 1 6 ? 2.074  -2.526 6.895   1.00 0.00 ? 6 LEU A HD12 9  
ATOM   948  H HD13 . LEU A 1 6 ? 1.723  -0.800 6.956   1.00 0.00 ? 6 LEU A HD13 9  
ATOM   949  H HD21 . LEU A 1 6 ? 4.259  -2.341 5.189   1.00 0.00 ? 6 LEU A HD21 9  
ATOM   950  H HD22 . LEU A 1 6 ? 4.107  -1.080 3.965   1.00 0.00 ? 6 LEU A HD22 9  
ATOM   951  H HD23 . LEU A 1 6 ? 3.461  -2.692 3.656   1.00 0.00 ? 6 LEU A HD23 9  
ATOM   952  N N    . CYS A 1 7 ? -1.607 -1.631 2.684   1.00 0.00 ? 7 CYS A N    9  
ATOM   953  C CA   . CYS A 1 7 ? -2.840 -0.852 2.718   1.00 0.00 ? 7 CYS A CA   9  
ATOM   954  C C    . CYS A 1 7 ? -3.973 -1.609 2.032   1.00 0.00 ? 7 CYS A C    9  
ATOM   955  O O    . CYS A 1 7 ? -5.119 -1.159 2.030   1.00 0.00 ? 7 CYS A O    9  
ATOM   956  C CB   . CYS A 1 7 ? -2.628 0.494  2.021   1.00 0.00 ? 7 CYS A CB   9  
ATOM   957  S SG   . CYS A 1 7 ? -2.892 0.304  0.240   1.00 0.00 ? 7 CYS A SG   9  
ATOM   958  H H    . CYS A 1 7 ? -1.604 -2.509 2.248   1.00 0.00 ? 7 CYS A H    9  
ATOM   959  H HA   . CYS A 1 7 ? -3.111 -0.672 3.747   1.00 0.00 ? 7 CYS A HA   9  
ATOM   960  H HB2  . CYS A 1 7 ? -3.331 1.214  2.413   1.00 0.00 ? 7 CYS A HB2  9  
ATOM   961  H HB3  . CYS A 1 7 ? -1.621 0.840  2.203   1.00 0.00 ? 7 CYS A HB3  9  
ATOM   962  N N    . ALA A 1 8 ? -3.646 -2.758 1.452   1.00 0.00 ? 8 ALA A N    9  
ATOM   963  C CA   . ALA A 1 8 ? -4.647 -3.568 0.767   1.00 0.00 ? 8 ALA A CA   9  
ATOM   964  C C    . ALA A 1 8 ? -5.025 -4.781 1.611   1.00 0.00 ? 8 ALA A C    9  
ATOM   965  O O    . ALA A 1 8 ? -5.257 -4.604 2.797   1.00 0.00 ? 8 ALA A O    9  
ATOM   966  C CB   . ALA A 1 8 ? -4.105 -4.034 -0.584  1.00 0.00 ? 8 ALA A CB   9  
ATOM   967  O OXT  . ALA A 1 8 ? -5.080 -5.867 1.061   1.00 0.00 ? 8 ALA A OXT  9  
ATOM   968  H H    . ALA A 1 8 ? -2.716 -3.068 1.487   1.00 0.00 ? 8 ALA A H    9  
ATOM   969  H HA   . ALA A 1 8 ? -5.529 -2.968 0.600   1.00 0.00 ? 8 ALA A HA   9  
ATOM   970  H HB1  . ALA A 1 8 ? -4.668 -4.892 -0.922  1.00 0.00 ? 8 ALA A HB1  9  
ATOM   971  H HB2  . ALA A 1 8 ? -3.065 -4.305 -0.482  1.00 0.00 ? 8 ALA A HB2  9  
ATOM   972  H HB3  . ALA A 1 8 ? -4.200 -3.237 -1.306  1.00 0.00 ? 8 ALA A HB3  9  
ATOM   973  N N    . ILE A 1 1 ? 0.934  2.842  -6.437  1.00 0.00 1 1 ILE A N    10 
ATOM   974  C CA   . ILE A 1 1 ? 1.369  4.173  -5.929  1.00 0.00 ? 1 ILE A CA   10 
ATOM   975  C C    . ILE A 1 1 ? 0.838  4.372  -4.513  1.00 0.00 ? 1 ILE A C    10 
ATOM   976  O O    . ILE A 1 1 ? -0.191 5.015  -4.309  1.00 0.00 ? 1 ILE A O    10 
ATOM   977  C CB   . ILE A 1 1 ? 0.827  5.269  -6.850  1.00 0.00 ? 1 ILE A CB   10 
ATOM   978  C CG1  . ILE A 1 1 ? 0.443  4.656  -8.198  1.00 0.00 ? 1 ILE A CG1  10 
ATOM   979  C CG2  . ILE A 1 1 ? 1.902  6.336  -7.062  1.00 0.00 ? 1 ILE A CG2  10 
ATOM   980  C CD1  . ILE A 1 1 ? -0.005 5.763  -9.157  1.00 0.00 ? 1 ILE A CD1  10 
ATOM   981  H H1   . ILE A 1 1 ? 1.391  2.652  -7.351  1.00 0.00 ? 1 ILE A H1   10 
ATOM   982  H H2   . ILE A 1 1 ? -0.100 2.837  -6.557  1.00 0.00 ? 1 ILE A H2   10 
ATOM   983  H H3   . ILE A 1 1 ? 1.207  2.104  -5.756  1.00 0.00 ? 1 ILE A H3   10 
ATOM   984  H HA   . ILE A 1 1 ? 2.448  4.217  -5.916  1.00 0.00 ? 1 ILE A HA   10 
ATOM   985  H HB   . ILE A 1 1 ? -0.044 5.722  -6.396  1.00 0.00 ? 1 ILE A HB   10 
ATOM   986  H HG12 . ILE A 1 1 ? 1.297  4.142  -8.615  1.00 0.00 ? 1 ILE A HG12 10 
ATOM   987  H HG13 . ILE A 1 1 ? -0.366 3.956  -8.059  1.00 0.00 ? 1 ILE A HG13 10 
ATOM   988  H HG21 . ILE A 1 1 ? 2.671  5.947  -7.713  1.00 0.00 ? 1 ILE A HG21 10 
ATOM   989  H HG22 . ILE A 1 1 ? 2.336  6.604  -6.111  1.00 0.00 ? 1 ILE A HG22 10 
ATOM   990  H HG23 . ILE A 1 1 ? 1.457  7.209  -7.515  1.00 0.00 ? 1 ILE A HG23 10 
ATOM   991  H HD11 . ILE A 1 1 ? -1.032 5.594  -9.444  1.00 0.00 ? 1 ILE A HD11 10 
ATOM   992  H HD12 . ILE A 1 1 ? 0.621  5.754  -10.036 1.00 0.00 ? 1 ILE A HD12 10 
ATOM   993  H HD13 . ILE A 1 1 ? 0.077  6.722  -8.665  1.00 0.00 ? 1 ILE A HD13 10 
HETATM 994  N N    . DBU A 1 2 ? 1.551  3.813  -3.519  1.00 0.00 ? 2 DBU A N    10 
HETATM 995  C CA   . DBU A 1 2 ? 1.131  3.948  -2.202  1.00 0.00 ? 2 DBU A CA   10 
HETATM 996  C CB   . DBU A 1 2 ? 1.056  5.059  -1.458  1.00 0.00 ? 2 DBU A CB   10 
HETATM 997  C CG   . DBU A 1 2 ? 1.435  6.457  -1.951  1.00 0.00 ? 2 DBU A CG   10 
HETATM 998  C C    . DBU A 1 2 ? 0.740  2.626  -1.638  1.00 0.00 ? 2 DBU A C    10 
HETATM 999  O O    . DBU A 1 2 ? 1.447  2.027  -0.828  1.00 0.00 ? 2 DBU A O    10 
HETATM 1000 H H    . DBU A 1 2 ? 2.372  3.300  -3.676  1.00 0.00 ? 2 DBU A H    10 
HETATM 1001 H HB   . DBU A 1 2 ? 0.701  4.962  -0.442  1.00 0.00 ? 2 DBU A HB   10 
HETATM 1002 H HG1  . DBU A 1 2 ? 1.786  6.395  -2.972  1.00 0.00 ? 2 DBU A HG1  10 
HETATM 1003 H HG2  . DBU A 1 2 ? 2.219  6.858  -1.325  1.00 0.00 ? 2 DBU A HG2  10 
HETATM 1004 H HG3  . DBU A 1 2 ? 0.572  7.102  -1.905  1.00 0.00 ? 2 DBU A HG3  10 
HETATM 1005 N N    . DAL A 1 3 ? -0.431 2.125  -2.068  1.00 0.00 ? 3 DAL A N    10 
HETATM 1006 C CA   . DAL A 1 3 ? -0.876 0.834  -1.561  1.00 0.00 ? 3 DAL A CA   10 
HETATM 1007 C CB   . DAL A 1 3 ? -1.360 0.977  -0.117  1.00 0.00 ? 3 DAL A CB   10 
HETATM 1008 C C    . DAL A 1 3 ? 0.259  -0.181 -1.624  1.00 0.00 ? 3 DAL A C    10 
HETATM 1009 O O    . DAL A 1 3 ? 0.200  -1.233 -0.986  1.00 0.00 ? 3 DAL A O    10 
HETATM 1010 H H    . DAL A 1 3 ? -0.993 2.600  -2.714  1.00 0.00 ? 3 DAL A H    10 
HETATM 1011 H HA   . DAL A 1 3 ? -1.695 0.481  -2.170  1.00 0.00 ? 3 DAL A HA   10 
HETATM 1012 H HB1  . DAL A 1 3 ? -1.637 2.003  0.070   1.00 0.00 ? 3 DAL A HB1  10 
HETATM 1013 H HB2  . DAL A 1 3 ? -0.569 0.688  0.559   1.00 0.00 ? 3 DAL A HB2  10 
ATOM   1014 N N    . ILE A 1 4 ? 1.291  0.141  -2.395  1.00 0.00 ? 4 ILE A N    10 
ATOM   1015 C CA   . ILE A 1 4 ? 2.435  -0.750 -2.536  1.00 0.00 ? 4 ILE A CA   10 
ATOM   1016 C C    . ILE A 1 4 ? 2.903  -1.241 -1.170  1.00 0.00 ? 4 ILE A C    10 
ATOM   1017 O O    . ILE A 1 4 ? 2.900  -2.440 -0.894  1.00 0.00 ? 4 ILE A O    10 
ATOM   1018 C CB   . ILE A 1 4 ? 3.581  -0.021 -3.239  1.00 0.00 ? 4 ILE A CB   10 
ATOM   1019 C CG1  . ILE A 1 4 ? 3.081  0.545  -4.573  1.00 0.00 ? 4 ILE A CG1  10 
ATOM   1020 C CG2  . ILE A 1 4 ? 4.729  -0.997 -3.498  1.00 0.00 ? 4 ILE A CG2  10 
ATOM   1021 C CD1  . ILE A 1 4 ? 2.547  -0.595 -5.442  1.00 0.00 ? 4 ILE A CD1  10 
ATOM   1022 H H    . ILE A 1 4 ? 1.281  0.994  -2.881  1.00 0.00 ? 4 ILE A H    10 
ATOM   1023 H HA   . ILE A 1 4 ? 2.147  -1.601 -3.134  1.00 0.00 ? 4 ILE A HA   10 
ATOM   1024 H HB   . ILE A 1 4 ? 3.931  0.788  -2.612  1.00 0.00 ? 4 ILE A HB   10 
ATOM   1025 H HG12 . ILE A 1 4 ? 2.291  1.258  -4.386  1.00 0.00 ? 4 ILE A HG12 10 
ATOM   1026 H HG13 . ILE A 1 4 ? 3.896  1.035  -5.084  1.00 0.00 ? 4 ILE A HG13 10 
ATOM   1027 H HG21 . ILE A 1 4 ? 4.394  -2.005 -3.306  1.00 0.00 ? 4 ILE A HG21 10 
ATOM   1028 H HG22 . ILE A 1 4 ? 5.557  -0.761 -2.845  1.00 0.00 ? 4 ILE A HG22 10 
ATOM   1029 H HG23 . ILE A 1 4 ? 5.049  -0.914 -4.527  1.00 0.00 ? 4 ILE A HG23 10 
ATOM   1030 H HD11 . ILE A 1 4 ? 2.517  -0.275 -6.474  1.00 0.00 ? 4 ILE A HD11 10 
ATOM   1031 H HD12 . ILE A 1 4 ? 1.551  -0.860 -5.118  1.00 0.00 ? 4 ILE A HD12 10 
ATOM   1032 H HD13 . ILE A 1 4 ? 3.196  -1.454 -5.350  1.00 0.00 ? 4 ILE A HD13 10 
HETATM 1033 N N    . DHA A 1 5 ? 3.311  -0.301 -0.299  1.00 0.00 ? 5 DHA A N    10 
HETATM 1034 C CA   . DHA A 1 5 ? 3.750  -0.670 0.967   1.00 0.00 ? 5 DHA A CA   10 
HETATM 1035 C CB   . DHA A 1 5 ? 4.818  -0.231 1.646   1.00 0.00 ? 5 DHA A CB   10 
HETATM 1036 C C    . DHA A 1 5 ? 2.843  -1.694 1.557   1.00 0.00 ? 5 DHA A C    10 
HETATM 1037 O O    . DHA A 1 5 ? 3.095  -2.897 1.505   1.00 0.00 ? 5 DHA A O    10 
HETATM 1038 H H    . DHA A 1 5 ? 3.316  0.657  -0.509  1.00 0.00 ? 5 DHA A H    10 
HETATM 1039 H HB1  . DHA A 1 5 ? 5.470  0.512  1.211   1.00 0.00 ? 5 DHA A HB1  10 
HETATM 1040 H HB2  . DHA A 1 5 ? 5.030  -0.617 2.632   1.00 0.00 ? 5 DHA A HB2  10 
ATOM   1041 N N    . LEU A 1 6 ? 1.730  -1.222 2.148   1.00 0.00 ? 6 LEU A N    10 
ATOM   1042 C CA   . LEU A 1 6 ? 0.794  -2.167 2.747   1.00 0.00 ? 6 LEU A CA   10 
ATOM   1043 C C    . LEU A 1 6 ? -0.501 -1.458 3.129   1.00 0.00 ? 6 LEU A C    10 
ATOM   1044 O O    . LEU A 1 6 ? -0.530 -0.659 4.064   1.00 0.00 ? 6 LEU A O    10 
ATOM   1045 C CB   . LEU A 1 6 ? 1.424  -2.809 3.987   1.00 0.00 ? 6 LEU A CB   10 
ATOM   1046 C CG   . LEU A 1 6 ? 0.430  -3.771 4.656   1.00 0.00 ? 6 LEU A CG   10 
ATOM   1047 C CD1  . LEU A 1 6 ? -0.601 -2.984 5.471   1.00 0.00 ? 6 LEU A CD1  10 
ATOM   1048 C CD2  . LEU A 1 6 ? -0.292 -4.595 3.587   1.00 0.00 ? 6 LEU A CD2  10 
ATOM   1049 H H    . LEU A 1 6 ? 1.529  -0.265 2.188   1.00 0.00 ? 6 LEU A H    10 
ATOM   1050 H HA   . LEU A 1 6 ? 0.572  -2.937 2.025   1.00 0.00 ? 6 LEU A HA   10 
ATOM   1051 H HB2  . LEU A 1 6 ? 2.308  -3.357 3.693   1.00 0.00 ? 6 LEU A HB2  10 
ATOM   1052 H HB3  . LEU A 1 6 ? 1.702  -2.036 4.688   1.00 0.00 ? 6 LEU A HB3  10 
ATOM   1053 H HG   . LEU A 1 6 ? 0.970  -4.436 5.314   1.00 0.00 ? 6 LEU A HG   10 
ATOM   1054 H HD11 . LEU A 1 6 ? -1.491 -2.835 4.878   1.00 0.00 ? 6 LEU A HD11 10 
ATOM   1055 H HD12 . LEU A 1 6 ? -0.190 -2.026 5.751   1.00 0.00 ? 6 LEU A HD12 10 
ATOM   1056 H HD13 . LEU A 1 6 ? -0.853 -3.540 6.361   1.00 0.00 ? 6 LEU A HD13 10 
ATOM   1057 H HD21 . LEU A 1 6 ? -0.785 -5.436 4.053   1.00 0.00 ? 6 LEU A HD21 10 
ATOM   1058 H HD22 . LEU A 1 6 ? 0.424  -4.954 2.862   1.00 0.00 ? 6 LEU A HD22 10 
ATOM   1059 H HD23 . LEU A 1 6 ? -1.029 -3.979 3.091   1.00 0.00 ? 6 LEU A HD23 10 
ATOM   1060 N N    . CYS A 1 7 ? -1.571 -1.752 2.398   1.00 0.00 ? 7 CYS A N    10 
ATOM   1061 C CA   . CYS A 1 7 ? -2.864 -1.134 2.669   1.00 0.00 ? 7 CYS A CA   10 
ATOM   1062 C C    . CYS A 1 7 ? -4.000 -2.057 2.238   1.00 0.00 ? 7 CYS A C    10 
ATOM   1063 O O    . CYS A 1 7 ? -4.960 -2.262 2.979   1.00 0.00 ? 7 CYS A O    10 
ATOM   1064 C CB   . CYS A 1 7 ? -2.974 0.196  1.923   1.00 0.00 ? 7 CYS A CB   10 
ATOM   1065 S SG   . CYS A 1 7 ? -2.798 -0.092 0.145   1.00 0.00 ? 7 CYS A SG   10 
ATOM   1066 H H    . CYS A 1 7 ? -1.489 -2.394 1.661   1.00 0.00 ? 7 CYS A H    10 
ATOM   1067 H HA   . CYS A 1 7 ? -2.946 -0.947 3.730   1.00 0.00 ? 7 CYS A HA   10 
ATOM   1068 H HB2  . CYS A 1 7 ? -3.939 0.641  2.122   1.00 0.00 ? 7 CYS A HB2  10 
ATOM   1069 H HB3  . CYS A 1 7 ? -2.195 0.864  2.260   1.00 0.00 ? 7 CYS A HB3  10 
ATOM   1070 N N    . ALA A 1 8 ? -3.882 -2.608 1.034   1.00 0.00 ? 8 ALA A N    10 
ATOM   1071 C CA   . ALA A 1 8 ? -4.906 -3.506 0.514   1.00 0.00 ? 8 ALA A CA   10 
ATOM   1072 C C    . ALA A 1 8 ? -4.277 -4.799 0.005   1.00 0.00 ? 8 ALA A C    10 
ATOM   1073 O O    . ALA A 1 8 ? -5.016 -5.653 -0.457  1.00 0.00 ? 8 ALA A O    10 
ATOM   1074 C CB   . ALA A 1 8 ? -5.669 -2.826 -0.623  1.00 0.00 ? 8 ALA A CB   10 
ATOM   1075 O OXT  . ALA A 1 8 ? -3.065 -4.916 0.084   1.00 0.00 ? 8 ALA A OXT  10 
ATOM   1076 H H    . ALA A 1 8 ? -3.095 -2.407 0.487   1.00 0.00 ? 8 ALA A H    10 
ATOM   1077 H HA   . ALA A 1 8 ? -5.601 -3.743 1.306   1.00 0.00 ? 8 ALA A HA   10 
ATOM   1078 H HB1  . ALA A 1 8 ? -6.464 -2.220 -0.213  1.00 0.00 ? 8 ALA A HB1  10 
ATOM   1079 H HB2  . ALA A 1 8 ? -6.089 -3.577 -1.277  1.00 0.00 ? 8 ALA A HB2  10 
ATOM   1080 H HB3  . ALA A 1 8 ? -4.992 -2.198 -1.186  1.00 0.00 ? 8 ALA A HB3  10 
ATOM   1081 N N    . ILE A 1 1 ? 2.034  4.723  -4.804  1.00 0.00 1 1 ILE A N    11 
ATOM   1082 C CA   . ILE A 1 1 ? 2.236  5.657  -3.659  1.00 0.00 ? 1 ILE A CA   11 
ATOM   1083 C C    . ILE A 1 1 ? 1.241  5.322  -2.552  1.00 0.00 ? 1 ILE A C    11 
ATOM   1084 O O    . ILE A 1 1 ? 1.152  6.030  -1.550  1.00 0.00 ? 1 ILE A O    11 
ATOM   1085 C CB   . ILE A 1 1 ? 2.025  7.097  -4.134  1.00 0.00 ? 1 ILE A CB   11 
ATOM   1086 C CG1  . ILE A 1 1 ? 0.847  7.146  -5.110  1.00 0.00 ? 1 ILE A CG1  11 
ATOM   1087 C CG2  . ILE A 1 1 ? 3.288  7.595  -4.839  1.00 0.00 ? 1 ILE A CG2  11 
ATOM   1088 C CD1  . ILE A 1 1 ? 0.367  8.592  -5.256  1.00 0.00 ? 1 ILE A CD1  11 
ATOM   1089 H H1   . ILE A 1 1 ? 1.936  3.753  -4.447  1.00 0.00 ? 1 ILE A H1   11 
ATOM   1090 H H2   . ILE A 1 1 ? 2.855  4.778  -5.443  1.00 0.00 ? 1 ILE A H2   11 
ATOM   1091 H H3   . ILE A 1 1 ? 1.173  4.988  -5.321  1.00 0.00 ? 1 ILE A H3   11 
ATOM   1092 H HA   . ILE A 1 1 ? 3.242  5.547  -3.280  1.00 0.00 ? 1 ILE A HA   11 
ATOM   1093 H HB   . ILE A 1 1 ? 1.816  7.728  -3.282  1.00 0.00 ? 1 ILE A HB   11 
ATOM   1094 H HG12 . ILE A 1 1 ? 1.164  6.772  -6.074  1.00 0.00 ? 1 ILE A HG12 11 
ATOM   1095 H HG13 . ILE A 1 1 ? 0.041  6.537  -4.733  1.00 0.00 ? 1 ILE A HG13 11 
ATOM   1096 H HG21 . ILE A 1 1 ? 3.766  6.771  -5.346  1.00 0.00 ? 1 ILE A HG21 11 
ATOM   1097 H HG22 . ILE A 1 1 ? 3.967  8.011  -4.109  1.00 0.00 ? 1 ILE A HG22 11 
ATOM   1098 H HG23 . ILE A 1 1 ? 3.022  8.355  -5.557  1.00 0.00 ? 1 ILE A HG23 11 
ATOM   1099 H HD11 . ILE A 1 1 ? 1.002  9.114  -5.959  1.00 0.00 ? 1 ILE A HD11 11 
ATOM   1100 H HD12 . ILE A 1 1 ? 0.412  9.084  -4.297  1.00 0.00 ? 1 ILE A HD12 11 
ATOM   1101 H HD13 . ILE A 1 1 ? -0.651 8.598  -5.617  1.00 0.00 ? 1 ILE A HD13 11 
HETATM 1102 N N    . DBU A 1 2 ? 0.479  4.227  -2.736  1.00 0.00 ? 2 DBU A N    11 
HETATM 1103 C CA   . DBU A 1 2 ? -0.453 3.862  -1.771  1.00 0.00 ? 2 DBU A CA   11 
HETATM 1104 C CB   . DBU A 1 2 ? -1.494 4.567  -1.305  1.00 0.00 ? 2 DBU A CB   11 
HETATM 1105 C CG   . DBU A 1 2 ? -1.859 5.975  -1.778  1.00 0.00 ? 2 DBU A CG   11 
HETATM 1106 C C    . DBU A 1 2 ? -0.170 2.493  -1.252  1.00 0.00 ? 2 DBU A C    11 
HETATM 1107 O O    . DBU A 1 2 ? 0.738  2.273  -0.452  1.00 0.00 ? 2 DBU A O    11 
HETATM 1108 H H    . DBU A 1 2 ? 0.543  3.660  -3.532  1.00 0.00 ? 2 DBU A H    11 
HETATM 1109 H HB   . DBU A 1 2 ? -2.113 4.113  -0.547  1.00 0.00 ? 2 DBU A HB   11 
HETATM 1110 H HG1  . DBU A 1 2 ? -2.591 6.402  -1.107  1.00 0.00 ? 2 DBU A HG1  11 
HETATM 1111 H HG2  . DBU A 1 2 ? -2.271 5.925  -2.774  1.00 0.00 ? 2 DBU A HG2  11 
HETATM 1112 H HG3  . DBU A 1 2 ? -0.974 6.594  -1.786  1.00 0.00 ? 2 DBU A HG3  11 
HETATM 1113 N N    . DAL A 1 3 ? -0.972 1.513  -1.710  1.00 0.00 ? 3 DAL A N    11 
HETATM 1114 C CA   . DAL A 1 3 ? -0.761 0.144  -1.245  1.00 0.00 ? 3 DAL A CA   11 
HETATM 1115 C CB   . DAL A 1 3 ? -0.838 0.087  0.282   1.00 0.00 ? 3 DAL A CB   11 
HETATM 1116 C C    . DAL A 1 3 ? 0.597  -0.381 -1.696  1.00 0.00 ? 3 DAL A C    11 
HETATM 1117 O O    . DAL A 1 3 ? 0.910  -1.555 -1.502  1.00 0.00 ? 3 DAL A O    11 
HETATM 1118 H H    . DAL A 1 3 ? -1.696 1.690  -2.345  1.00 0.00 ? 3 DAL A H    11 
HETATM 1119 H HA   . DAL A 1 3 ? -1.535 -0.487 -1.655  1.00 0.00 ? 3 DAL A HA   11 
HETATM 1120 H HB1  . DAL A 1 3 ? 0.057  0.519  0.704   1.00 0.00 ? 3 DAL A HB1  11 
HETATM 1121 H HB2  . DAL A 1 3 ? -0.924 -0.942 0.598   1.00 0.00 ? 3 DAL A HB2  11 
ATOM   1122 N N    . ILE A 1 4 ? 1.403  0.491  -2.288  1.00 0.00 ? 4 ILE A N    11 
ATOM   1123 C CA   . ILE A 1 4 ? 2.725  0.088  -2.747  1.00 0.00 ? 4 ILE A CA   11 
ATOM   1124 C C    . ILE A 1 4 ? 3.430  -0.711 -1.651  1.00 0.00 ? 4 ILE A C    11 
ATOM   1125 O O    . ILE A 1 4 ? 4.351  -1.481 -1.922  1.00 0.00 ? 4 ILE A O    11 
ATOM   1126 C CB   . ILE A 1 4 ? 3.546  1.333  -3.127  1.00 0.00 ? 4 ILE A CB   11 
ATOM   1127 C CG1  . ILE A 1 4 ? 4.083  1.171  -4.553  1.00 0.00 ? 4 ILE A CG1  11 
ATOM   1128 C CG2  . ILE A 1 4 ? 4.723  1.518  -2.162  1.00 0.00 ? 4 ILE A CG2  11 
ATOM   1129 C CD1  . ILE A 1 4 ? 5.118  0.045  -4.588  1.00 0.00 ? 4 ILE A CD1  11 
ATOM   1130 H H    . ILE A 1 4 ? 1.107  1.417  -2.412  1.00 0.00 ? 4 ILE A H    11 
ATOM   1131 H HA   . ILE A 1 4 ? 2.614  -0.538 -3.619  1.00 0.00 ? 4 ILE A HA   11 
ATOM   1132 H HB   . ILE A 1 4 ? 2.910  2.204  -3.082  1.00 0.00 ? 4 ILE A HB   11 
ATOM   1133 H HG12 . ILE A 1 4 ? 3.267  0.932  -5.220  1.00 0.00 ? 4 ILE A HG12 11 
ATOM   1134 H HG13 . ILE A 1 4 ? 4.548  2.093  -4.869  1.00 0.00 ? 4 ILE A HG13 11 
ATOM   1135 H HG21 . ILE A 1 4 ? 5.268  2.410  -2.429  1.00 0.00 ? 4 ILE A HG21 11 
ATOM   1136 H HG22 . ILE A 1 4 ? 5.379  0.663  -2.226  1.00 0.00 ? 4 ILE A HG22 11 
ATOM   1137 H HG23 . ILE A 1 4 ? 4.350  1.611  -1.154  1.00 0.00 ? 4 ILE A HG23 11 
ATOM   1138 H HD11 . ILE A 1 4 ? 5.229  -0.311 -5.601  1.00 0.00 ? 4 ILE A HD11 11 
ATOM   1139 H HD12 . ILE A 1 4 ? 4.787  -0.767 -3.956  1.00 0.00 ? 4 ILE A HD12 11 
ATOM   1140 H HD13 . ILE A 1 4 ? 6.067  0.415  -4.229  1.00 0.00 ? 4 ILE A HD13 11 
HETATM 1141 N N    . DHA A 1 5 ? 2.980  -0.528 -0.396  1.00 0.00 ? 5 DHA A N    11 
HETATM 1142 C CA   . DHA A 1 5 ? 3.558  -1.217 0.661   1.00 0.00 ? 5 DHA A CA   11 
HETATM 1143 C CB   . DHA A 1 5 ? 4.844  -1.251 1.039   1.00 0.00 ? 5 DHA A CB   11 
HETATM 1144 C C    . DHA A 1 5 ? 2.523  -1.988 1.407   1.00 0.00 ? 5 DHA A C    11 
HETATM 1145 O O    . DHA A 1 5 ? 2.406  -3.208 1.287   1.00 0.00 ? 5 DHA A O    11 
HETATM 1146 H H    . DHA A 1 5 ? 2.243  0.082  -0.180  1.00 0.00 ? 5 DHA A H    11 
HETATM 1147 H HB1  . DHA A 1 5 ? 5.585  -0.687 0.491   1.00 0.00 ? 5 DHA A HB1  11 
HETATM 1148 H HB2  . DHA A 1 5 ? 5.143  -1.840 1.892   1.00 0.00 ? 5 DHA A HB2  11 
ATOM   1149 N N    . LEU A 1 6 ? 1.721  -1.271 2.216   1.00 0.00 ? 6 LEU A N    11 
ATOM   1150 C CA   . LEU A 1 6 ? 0.683  -1.961 2.972   1.00 0.00 ? 6 LEU A CA   11 
ATOM   1151 C C    . LEU A 1 6 ? -0.576 -1.104 3.060   1.00 0.00 ? 6 LEU A C    11 
ATOM   1152 O O    . LEU A 1 6 ? -0.534 0.033  3.534   1.00 0.00 ? 6 LEU A O    11 
ATOM   1153 C CB   . LEU A 1 6 ? 1.182  -2.278 4.386   1.00 0.00 ? 6 LEU A CB   11 
ATOM   1154 C CG   . LEU A 1 6 ? 1.748  -3.702 4.426   1.00 0.00 ? 6 LEU A CG   11 
ATOM   1155 C CD1  . LEU A 1 6 ? 2.572  -3.892 5.703   1.00 0.00 ? 6 LEU A CD1  11 
ATOM   1156 C CD2  . LEU A 1 6 ? 0.595  -4.712 4.414   1.00 0.00 ? 6 LEU A CD2  11 
ATOM   1157 H H    . LEU A 1 6 ? 1.814  -0.300 2.311   1.00 0.00 ? 6 LEU A H    11 
ATOM   1158 H HA   . LEU A 1 6 ? 0.442  -2.885 2.473   1.00 0.00 ? 6 LEU A HA   11 
ATOM   1159 H HB2  . LEU A 1 6 ? 1.956  -1.575 4.657   1.00 0.00 ? 6 LEU A HB2  11 
ATOM   1160 H HB3  . LEU A 1 6 ? 0.363  -2.198 5.083   1.00 0.00 ? 6 LEU A HB3  11 
ATOM   1161 H HG   . LEU A 1 6 ? 2.378  -3.861 3.564   1.00 0.00 ? 6 LEU A HG   11 
ATOM   1162 H HD11 . LEU A 1 6 ? 3.514  -4.357 5.456   1.00 0.00 ? 6 LEU A HD11 11 
ATOM   1163 H HD12 . LEU A 1 6 ? 2.028  -4.525 6.389   1.00 0.00 ? 6 LEU A HD12 11 
ATOM   1164 H HD13 . LEU A 1 6 ? 2.753  -2.934 6.164   1.00 0.00 ? 6 LEU A HD13 11 
ATOM   1165 H HD21 . LEU A 1 6 ? 0.944  -5.659 4.799   1.00 0.00 ? 6 LEU A HD21 11 
ATOM   1166 H HD22 . LEU A 1 6 ? 0.241  -4.843 3.404   1.00 0.00 ? 6 LEU A HD22 11 
ATOM   1167 H HD23 . LEU A 1 6 ? -0.210 -4.346 5.035   1.00 0.00 ? 6 LEU A HD23 11 
ATOM   1168 N N    . CYS A 1 7 ? -1.695 -1.658 2.607   1.00 0.00 ? 7 CYS A N    11 
ATOM   1169 C CA   . CYS A 1 7 ? -2.965 -0.942 2.642   1.00 0.00 ? 7 CYS A CA   11 
ATOM   1170 C C    . CYS A 1 7 ? -4.075 -1.861 3.135   1.00 0.00 ? 7 CYS A C    11 
ATOM   1171 O O    . CYS A 1 7 ? -4.846 -1.500 4.024   1.00 0.00 ? 7 CYS A O    11 
ATOM   1172 C CB   . CYS A 1 7 ? -3.318 -0.418 1.248   1.00 0.00 ? 7 CYS A CB   11 
ATOM   1173 S SG   . CYS A 1 7 ? -2.283 1.013  0.854   1.00 0.00 ? 7 CYS A SG   11 
ATOM   1174 H H    . CYS A 1 7 ? -1.669 -2.571 2.244   1.00 0.00 ? 7 CYS A H    11 
ATOM   1175 H HA   . CYS A 1 7 ? -2.876 -0.104 3.317   1.00 0.00 ? 7 CYS A HA   11 
ATOM   1176 H HB2  . CYS A 1 7 ? -3.149 -1.196 0.517   1.00 0.00 ? 7 CYS A HB2  11 
ATOM   1177 H HB3  . CYS A 1 7 ? -4.357 -0.126 1.226   1.00 0.00 ? 7 CYS A HB3  11 
ATOM   1178 N N    . ALA A 1 8 ? -4.147 -3.054 2.554   1.00 0.00 ? 8 ALA A N    11 
ATOM   1179 C CA   . ALA A 1 8 ? -5.167 -4.022 2.943   1.00 0.00 ? 8 ALA A CA   11 
ATOM   1180 C C    . ALA A 1 8 ? -4.884 -4.569 4.339   1.00 0.00 ? 8 ALA A C    11 
ATOM   1181 O O    . ALA A 1 8 ? -5.835 -4.848 5.049   1.00 0.00 ? 8 ALA A O    11 
ATOM   1182 C CB   . ALA A 1 8 ? -5.206 -5.176 1.939   1.00 0.00 ? 8 ALA A CB   11 
ATOM   1183 O OXT  . ALA A 1 8 ? -3.718 -4.702 4.676   1.00 0.00 ? 8 ALA A OXT  11 
ATOM   1184 H H    . ALA A 1 8 ? -3.503 -3.287 1.852   1.00 0.00 ? 8 ALA A H    11 
ATOM   1185 H HA   . ALA A 1 8 ? -6.130 -3.532 2.949   1.00 0.00 ? 8 ALA A HA   11 
ATOM   1186 H HB1  . ALA A 1 8 ? -4.499 -5.937 2.237   1.00 0.00 ? 8 ALA A HB1  11 
ATOM   1187 H HB2  . ALA A 1 8 ? -4.949 -4.808 0.957   1.00 0.00 ? 8 ALA A HB2  11 
ATOM   1188 H HB3  . ALA A 1 8 ? -6.200 -5.598 1.917   1.00 0.00 ? 8 ALA A HB3  11 
ATOM   1189 N N    . ILE A 1 1 ? 0.761  5.097  -3.056  1.00 0.00 1 1 ILE A N    12 
ATOM   1190 C CA   . ILE A 1 1 ? 1.179  5.623  -1.726  1.00 0.00 ? 1 ILE A CA   12 
ATOM   1191 C C    . ILE A 1 1 ? 1.347  4.461  -0.752  1.00 0.00 ? 1 ILE A C    12 
ATOM   1192 O O    . ILE A 1 1 ? 2.458  3.977  -0.532  1.00 0.00 ? 1 ILE A O    12 
ATOM   1193 C CB   . ILE A 1 1 ? 0.113  6.590  -1.205  1.00 0.00 ? 1 ILE A CB   12 
ATOM   1194 C CG1  . ILE A 1 1 ? -0.429 7.423  -2.369  1.00 0.00 ? 1 ILE A CG1  12 
ATOM   1195 C CG2  . ILE A 1 1 ? 0.732  7.518  -0.158  1.00 0.00 ? 1 ILE A CG2  12 
ATOM   1196 C CD1  . ILE A 1 1 ? -1.033 8.721  -1.828  1.00 0.00 ? 1 ILE A CD1  12 
ATOM   1197 H H1   . ILE A 1 1 ? 0.299  4.175  -2.935  1.00 0.00 ? 1 ILE A H1   12 
ATOM   1198 H H2   . ILE A 1 1 ? 1.599  4.989  -3.663  1.00 0.00 ? 1 ILE A H2   12 
ATOM   1199 H H3   . ILE A 1 1 ? 0.095  5.761  -3.498  1.00 0.00 ? 1 ILE A H3   12 
ATOM   1200 H HA   . ILE A 1 1 ? 2.118  6.145  -1.826  1.00 0.00 ? 1 ILE A HA   12 
ATOM   1201 H HB   . ILE A 1 1 ? -0.693 6.028  -0.756  1.00 0.00 ? 1 ILE A HB   12 
ATOM   1202 H HG12 . ILE A 1 1 ? 0.377  7.656  -3.050  1.00 0.00 ? 1 ILE A HG12 12 
ATOM   1203 H HG13 . ILE A 1 1 ? -1.191 6.862  -2.889  1.00 0.00 ? 1 ILE A HG13 12 
ATOM   1204 H HG21 . ILE A 1 1 ? 1.144  8.387  -0.647  1.00 0.00 ? 1 ILE A HG21 12 
ATOM   1205 H HG22 . ILE A 1 1 ? 1.517  6.994  0.368   1.00 0.00 ? 1 ILE A HG22 12 
ATOM   1206 H HG23 . ILE A 1 1 ? -0.030 7.824  0.543   1.00 0.00 ? 1 ILE A HG23 12 
ATOM   1207 H HD11 . ILE A 1 1 ? -0.240 9.396  -1.543  1.00 0.00 ? 1 ILE A HD11 12 
ATOM   1208 H HD12 . ILE A 1 1 ? -1.646 8.502  -0.966  1.00 0.00 ? 1 ILE A HD12 12 
ATOM   1209 H HD13 . ILE A 1 1 ? -1.640 9.181  -2.593  1.00 0.00 ? 1 ILE A HD13 12 
HETATM 1210 N N    . DBU A 1 2 ? 0.229  4.005  -0.163  1.00 0.00 ? 2 DBU A N    12 
HETATM 1211 C CA   . DBU A 1 2 ? 0.300  2.948  0.737   1.00 0.00 ? 2 DBU A CA   12 
HETATM 1212 C CB   . DBU A 1 2 ? 0.474  2.987  2.064   1.00 0.00 ? 2 DBU A CB   12 
HETATM 1213 C CG   . DBU A 1 2 ? 0.638  4.276  2.875   1.00 0.00 ? 2 DBU A CG   12 
HETATM 1214 C C    . DBU A 1 2 ? 0.148  1.646  0.029   1.00 0.00 ? 2 DBU A C    12 
HETATM 1215 O O    . DBU A 1 2 ? 0.922  0.707  0.218   1.00 0.00 ? 2 DBU A O    12 
HETATM 1216 H H    . DBU A 1 2 ? -0.658 4.385  -0.334  1.00 0.00 ? 2 DBU A H    12 
HETATM 1217 H HB   . DBU A 1 2 ? 0.502  2.049  2.597   1.00 0.00 ? 2 DBU A HB   12 
HETATM 1218 H HG1  . DBU A 1 2 ? 1.678  4.411  3.130   1.00 0.00 ? 2 DBU A HG1  12 
HETATM 1219 H HG2  . DBU A 1 2 ? 0.050  4.209  3.778   1.00 0.00 ? 2 DBU A HG2  12 
HETATM 1220 H HG3  . DBU A 1 2 ? 0.299  5.116  2.286   1.00 0.00 ? 2 DBU A HG3  12 
HETATM 1221 N N    . DAL A 1 3 ? -0.882 1.558  -0.830  1.00 0.00 ? 3 DAL A N    12 
HETATM 1222 C CA   . DAL A 1 3 ? -1.093 0.314  -1.560  1.00 0.00 ? 3 DAL A CA   12 
HETATM 1223 C CB   . DAL A 1 3 ? -1.923 -0.655 -0.714  1.00 0.00 ? 3 DAL A CB   12 
HETATM 1224 C C    . DAL A 1 3 ? 0.242  -0.333 -1.913  1.00 0.00 ? 3 DAL A C    12 
HETATM 1225 O O    . DAL A 1 3 ? 0.355  -1.558 -1.961  1.00 0.00 ? 3 DAL A O    12 
HETATM 1226 H H    . DAL A 1 3 ? -1.498 2.307  -0.980  1.00 0.00 ? 3 DAL A H    12 
HETATM 1227 H HA   . DAL A 1 3 ? -1.630 0.528  -2.471  1.00 0.00 ? 3 DAL A HA   12 
HETATM 1228 H HB1  . DAL A 1 3 ? -1.301 -1.084 0.057   1.00 0.00 ? 3 DAL A HB1  12 
HETATM 1229 H HB2  . DAL A 1 3 ? -2.311 -1.442 -1.344  1.00 0.00 ? 3 DAL A HB2  12 
ATOM   1230 N N    . ILE A 1 4 ? 1.250  0.496  -2.158  1.00 0.00 ? 4 ILE A N    12 
ATOM   1231 C CA   . ILE A 1 4 ? 2.572  -0.007 -2.508  1.00 0.00 ? 4 ILE A CA   12 
ATOM   1232 C C    . ILE A 1 4 ? 3.083  -0.970 -1.438  1.00 0.00 ? 4 ILE A C    12 
ATOM   1233 O O    . ILE A 1 4 ? 3.305  -2.150 -1.706  1.00 0.00 ? 4 ILE A O    12 
ATOM   1234 C CB   . ILE A 1 4 ? 3.552  1.157  -2.657  1.00 0.00 ? 4 ILE A CB   12 
ATOM   1235 C CG1  . ILE A 1 4 ? 3.030  2.129  -3.718  1.00 0.00 ? 4 ILE A CG1  12 
ATOM   1236 C CG2  . ILE A 1 4 ? 4.920  0.622  -3.085  1.00 0.00 ? 4 ILE A CG2  12 
ATOM   1237 C CD1  . ILE A 1 4 ? 3.895  3.390  -3.724  1.00 0.00 ? 4 ILE A CD1  12 
ATOM   1238 H H    . ILE A 1 4 ? 1.101  1.464  -2.106  1.00 0.00 ? 4 ILE A H    12 
ATOM   1239 H HA   . ILE A 1 4 ? 2.509  -0.532 -3.449  1.00 0.00 ? 4 ILE A HA   12 
ATOM   1240 H HB   . ILE A 1 4 ? 3.647  1.670  -1.711  1.00 0.00 ? 4 ILE A HB   12 
ATOM   1241 H HG12 . ILE A 1 4 ? 3.072  1.657  -4.690  1.00 0.00 ? 4 ILE A HG12 12 
ATOM   1242 H HG13 . ILE A 1 4 ? 2.009  2.395  -3.492  1.00 0.00 ? 4 ILE A HG13 12 
ATOM   1243 H HG21 . ILE A 1 4 ? 5.112  0.905  -4.109  1.00 0.00 ? 4 ILE A HG21 12 
ATOM   1244 H HG22 . ILE A 1 4 ? 4.928  -0.456 -3.001  1.00 0.00 ? 4 ILE A HG22 12 
ATOM   1245 H HG23 . ILE A 1 4 ? 5.684  1.038  -2.447  1.00 0.00 ? 4 ILE A HG23 12 
ATOM   1246 H HD11 . ILE A 1 4 ? 3.415  4.153  -4.320  1.00 0.00 ? 4 ILE A HD11 12 
ATOM   1247 H HD12 . ILE A 1 4 ? 4.863  3.161  -4.145  1.00 0.00 ? 4 ILE A HD12 12 
ATOM   1248 H HD13 . ILE A 1 4 ? 4.016  3.747  -2.713  1.00 0.00 ? 4 ILE A HD13 12 
HETATM 1249 N N    . DHA A 1 5 ? 3.278  -0.455 -0.210  1.00 0.00 ? 5 DHA A N    12 
HETATM 1250 C CA   . DHA A 1 5 ? 3.746  -1.268 0.815   1.00 0.00 ? 5 DHA A CA   12 
HETATM 1251 C CB   . DHA A 1 5 ? 5.006  -1.432 1.244   1.00 0.00 ? 5 DHA A CB   12 
HETATM 1252 C C    . DHA A 1 5 ? 2.626  -2.009 1.458   1.00 0.00 ? 5 DHA A C    12 
HETATM 1253 O O    . DHA A 1 5 ? 2.361  -3.175 1.162   1.00 0.00 ? 5 DHA A O    12 
HETATM 1254 H H    . DHA A 1 5 ? 3.107  0.484  0.009   1.00 0.00 ? 5 DHA A H    12 
HETATM 1255 H HB1  . DHA A 1 5 ? 5.813  -0.891 0.772   1.00 0.00 ? 5 DHA A HB1  12 
HETATM 1256 H HB2  . DHA A 1 5 ? 5.219  -2.105 2.060   1.00 0.00 ? 5 DHA A HB2  12 
ATOM   1257 N N    . LEU A 1 6 ? 1.921  -1.331 2.381   1.00 0.00 ? 6 LEU A N    12 
ATOM   1258 C CA   . LEU A 1 6 ? 0.810  -1.996 3.051   1.00 0.00 ? 6 LEU A CA   12 
ATOM   1259 C C    . LEU A 1 6 ? -0.435 -1.115 3.033   1.00 0.00 ? 6 LEU A C    12 
ATOM   1260 O O    . LEU A 1 6 ? -0.393 0.044  3.448   1.00 0.00 ? 6 LEU A O    12 
ATOM   1261 C CB   . LEU A 1 6 ? 1.190  -2.317 4.499   1.00 0.00 ? 6 LEU A CB   12 
ATOM   1262 C CG   . LEU A 1 6 ? 2.067  -1.195 5.059   1.00 0.00 ? 6 LEU A CG   12 
ATOM   1263 C CD1  . LEU A 1 6 ? 1.749  -0.991 6.541   1.00 0.00 ? 6 LEU A CD1  12 
ATOM   1264 C CD2  . LEU A 1 6 ? 3.540  -1.574 4.902   1.00 0.00 ? 6 LEU A CD2  12 
ATOM   1265 H H    . LEU A 1 6 ? 2.132  -0.403 2.618   1.00 0.00 ? 6 LEU A H    12 
ATOM   1266 H HA   . LEU A 1 6 ? 0.593  -2.919 2.536   1.00 0.00 ? 6 LEU A HA   12 
ATOM   1267 H HB2  . LEU A 1 6 ? 0.292  -2.405 5.095   1.00 0.00 ? 6 LEU A HB2  12 
ATOM   1268 H HB3  . LEU A 1 6 ? 1.736  -3.247 4.530   1.00 0.00 ? 6 LEU A HB3  12 
ATOM   1269 H HG   . LEU A 1 6 ? 1.867  -0.281 4.519   1.00 0.00 ? 6 LEU A HG   12 
ATOM   1270 H HD11 . LEU A 1 6 ? 1.437  -1.928 6.975   1.00 0.00 ? 6 LEU A HD11 12 
ATOM   1271 H HD12 . LEU A 1 6 ? 0.956  -0.266 6.643   1.00 0.00 ? 6 LEU A HD12 12 
ATOM   1272 H HD13 . LEU A 1 6 ? 2.631  -0.633 7.051   1.00 0.00 ? 6 LEU A HD13 12 
ATOM   1273 H HD21 . LEU A 1 6 ? 3.745  -1.802 3.866   1.00 0.00 ? 6 LEU A HD21 12 
ATOM   1274 H HD22 . LEU A 1 6 ? 3.756  -2.441 5.510   1.00 0.00 ? 6 LEU A HD22 12 
ATOM   1275 H HD23 . LEU A 1 6 ? 4.159  -0.749 5.218   1.00 0.00 ? 6 LEU A HD23 12 
ATOM   1276 N N    . CYS A 1 7 ? -1.542 -1.673 2.551   1.00 0.00 ? 7 CYS A N    12 
ATOM   1277 C CA   . CYS A 1 7 ? -2.794 -0.929 2.486   1.00 0.00 ? 7 CYS A CA   12 
ATOM   1278 C C    . CYS A 1 7 ? -3.882 -1.768 1.819   1.00 0.00 ? 7 CYS A C    12 
ATOM   1279 O O    . CYS A 1 7 ? -4.924 -1.247 1.420   1.00 0.00 ? 7 CYS A O    12 
ATOM   1280 C CB   . CYS A 1 7 ? -2.586 0.378  1.710   1.00 0.00 ? 7 CYS A CB   12 
ATOM   1281 S SG   . CYS A 1 7 ? -3.299 0.238  0.050   1.00 0.00 ? 7 CYS A SG   12 
ATOM   1282 H H    . CYS A 1 7 ? -1.516 -2.600 2.237   1.00 0.00 ? 7 CYS A H    12 
ATOM   1283 H HA   . CYS A 1 7 ? -3.108 -0.687 3.491   1.00 0.00 ? 7 CYS A HA   12 
ATOM   1284 H HB2  . CYS A 1 7 ? -3.066 1.189  2.238   1.00 0.00 ? 7 CYS A HB2  12 
ATOM   1285 H HB3  . CYS A 1 7 ? -1.528 0.582  1.630   1.00 0.00 ? 7 CYS A HB3  12 
ATOM   1286 N N    . ALA A 1 8 ? -3.632 -3.069 1.703   1.00 0.00 ? 8 ALA A N    12 
ATOM   1287 C CA   . ALA A 1 8 ? -4.598 -3.971 1.083   1.00 0.00 ? 8 ALA A CA   12 
ATOM   1288 C C    . ALA A 1 8 ? -6.023 -3.483 1.325   1.00 0.00 ? 8 ALA A C    12 
ATOM   1289 O O    . ALA A 1 8 ? -6.451 -3.513 2.467   1.00 0.00 ? 8 ALA A O    12 
ATOM   1290 C CB   . ALA A 1 8 ? -4.437 -5.381 1.654   1.00 0.00 ? 8 ALA A CB   12 
ATOM   1291 O OXT  . ALA A 1 8 ? -6.665 -3.087 0.367   1.00 0.00 ? 8 ALA A OXT  12 
ATOM   1292 H H    . ALA A 1 8 ? -2.785 -3.428 2.038   1.00 0.00 ? 8 ALA A H    12 
ATOM   1293 H HA   . ALA A 1 8 ? -4.414 -4.002 0.020   1.00 0.00 ? 8 ALA A HA   12 
ATOM   1294 H HB1  . ALA A 1 8 ? -4.801 -5.400 2.669   1.00 0.00 ? 8 ALA A HB1  12 
ATOM   1295 H HB2  . ALA A 1 8 ? -3.393 -5.657 1.640   1.00 0.00 ? 8 ALA A HB2  12 
ATOM   1296 H HB3  . ALA A 1 8 ? -5.002 -6.077 1.054   1.00 0.00 ? 8 ALA A HB3  12 
ATOM   1297 N N    . ILE A 1 1 ? 3.963  5.124  -1.526  1.00 0.00 1 1 ILE A N    13 
ATOM   1298 C CA   . ILE A 1 1 ? 3.794  4.184  -0.384  1.00 0.00 ? 1 ILE A CA   13 
ATOM   1299 C C    . ILE A 1 1 ? 2.327  3.783  -0.274  1.00 0.00 ? 1 ILE A C    13 
ATOM   1300 O O    . ILE A 1 1 ? 1.506  4.160  -1.110  1.00 0.00 ? 1 ILE A O    13 
ATOM   1301 C CB   . ILE A 1 1 ? 4.245  4.867  0.909   1.00 0.00 ? 1 ILE A CB   13 
ATOM   1302 C CG1  . ILE A 1 1 ? 5.612  5.521  0.691   1.00 0.00 ? 1 ILE A CG1  13 
ATOM   1303 C CG2  . ILE A 1 1 ? 4.351  3.826  2.024   1.00 0.00 ? 1 ILE A CG2  13 
ATOM   1304 C CD1  . ILE A 1 1 ? 5.449  6.786  -0.159  1.00 0.00 ? 1 ILE A CD1  13 
ATOM   1305 H H1   . ILE A 1 1 ? 3.409  4.788  -2.338  1.00 0.00 ? 1 ILE A H1   13 
ATOM   1306 H H2   . ILE A 1 1 ? 4.969  5.173  -1.789  1.00 0.00 ? 1 ILE A H2   13 
ATOM   1307 H H3   . ILE A 1 1 ? 3.630  6.069  -1.250  1.00 0.00 ? 1 ILE A H3   13 
ATOM   1308 H HA   . ILE A 1 1 ? 4.395  3.303  -0.553  1.00 0.00 ? 1 ILE A HA   13 
ATOM   1309 H HB   . ILE A 1 1 ? 3.522  5.619  1.188   1.00 0.00 ? 1 ILE A HB   13 
ATOM   1310 H HG12 . ILE A 1 1 ? 6.041  5.784  1.648   1.00 0.00 ? 1 ILE A HG12 13 
ATOM   1311 H HG13 . ILE A 1 1 ? 6.265  4.829  0.181   1.00 0.00 ? 1 ILE A HG13 13 
ATOM   1312 H HG21 . ILE A 1 1 ? 3.524  3.948  2.709   1.00 0.00 ? 1 ILE A HG21 13 
ATOM   1313 H HG22 . ILE A 1 1 ? 5.281  3.961  2.556   1.00 0.00 ? 1 ILE A HG22 13 
ATOM   1314 H HG23 . ILE A 1 1 ? 4.321  2.836  1.596   1.00 0.00 ? 1 ILE A HG23 13 
ATOM   1315 H HD11 . ILE A 1 1 ? 6.089  7.566  0.230   1.00 0.00 ? 1 ILE A HD11 13 
ATOM   1316 H HD12 . ILE A 1 1 ? 4.420  7.114  -0.127  1.00 0.00 ? 1 ILE A HD12 13 
ATOM   1317 H HD13 . ILE A 1 1 ? 5.727  6.571  -1.180  1.00 0.00 ? 1 ILE A HD13 13 
HETATM 1318 N N    . DBU A 1 2 ? 1.989  3.007  0.771   1.00 0.00 ? 2 DBU A N    13 
HETATM 1319 C CA   . DBU A 1 2 ? 0.670  2.601  0.935   1.00 0.00 ? 2 DBU A CA   13 
HETATM 1320 C CB   . DBU A 1 2 ? -0.257 3.085  1.773   1.00 0.00 ? 2 DBU A CB   13 
HETATM 1321 C CG   . DBU A 1 2 ? -0.016 4.231  2.759   1.00 0.00 ? 2 DBU A CG   13 
HETATM 1322 C C    . DBU A 1 2 ? 0.346  1.484  0.007   1.00 0.00 ? 2 DBU A C    13 
HETATM 1323 O O    . DBU A 1 2 ? 0.920  0.396  0.067   1.00 0.00 ? 2 DBU A O    13 
HETATM 1324 H H    . DBU A 1 2 ? 2.636  2.702  1.441   1.00 0.00 ? 2 DBU A H    13 
HETATM 1325 H HB   . DBU A 1 2 ? -1.238 2.634  1.753   1.00 0.00 ? 2 DBU A HB   13 
HETATM 1326 H HG1  . DBU A 1 2 ? -0.961 4.554  3.172   1.00 0.00 ? 2 DBU A HG1  13 
HETATM 1327 H HG2  . DBU A 1 2 ? 0.452  5.056  2.242   1.00 0.00 ? 2 DBU A HG2  13 
HETATM 1328 H HG3  . DBU A 1 2 ? 0.628  3.892  3.554   1.00 0.00 ? 2 DBU A HG3  13 
HETATM 1329 N N    . DAL A 1 3 ? -0.610 1.738  -0.904  1.00 0.00 ? 3 DAL A N    13 
HETATM 1330 C CA   . DAL A 1 3 ? -0.985 0.698  -1.854  1.00 0.00 ? 3 DAL A CA   13 
HETATM 1331 C CB   . DAL A 1 3 ? -1.997 -0.258 -1.217  1.00 0.00 ? 3 DAL A CB   13 
HETATM 1332 C C    . DAL A 1 3 ? 0.245  -0.076 -2.321  1.00 0.00 ? 3 DAL A C    13 
HETATM 1333 O O    . DAL A 1 3 ? 0.139  -1.215 -2.777  1.00 0.00 ? 3 DAL A O    13 
HETATM 1334 H H    . DAL A 1 3 ? -1.063 2.606  -0.951  1.00 0.00 ? 3 DAL A H    13 
HETATM 1335 H HA   . DAL A 1 3 ? -1.445 1.164  -2.714  1.00 0.00 ? 3 DAL A HA   13 
HETATM 1336 H HB1  . DAL A 1 3 ? -2.193 -1.077 -1.895  1.00 0.00 ? 3 DAL A HB1  13 
HETATM 1337 H HB2  . DAL A 1 3 ? -2.916 0.276  -1.027  1.00 0.00 ? 3 DAL A HB2  13 
ATOM   1338 N N    . ILE A 1 4 ? 1.408  0.557  -2.209  1.00 0.00 ? 4 ILE A N    13 
ATOM   1339 C CA   . ILE A 1 4 ? 2.657  -0.074 -2.630  1.00 0.00 ? 4 ILE A CA   13 
ATOM   1340 C C    . ILE A 1 4 ? 3.158  -1.050 -1.569  1.00 0.00 ? 4 ILE A C    13 
ATOM   1341 O O    . ILE A 1 4 ? 3.644  -2.132 -1.891  1.00 0.00 ? 4 ILE A O    13 
ATOM   1342 C CB   . ILE A 1 4 ? 3.722  0.996  -2.882  1.00 0.00 ? 4 ILE A CB   13 
ATOM   1343 C CG1  . ILE A 1 4 ? 3.451  1.684  -4.224  1.00 0.00 ? 4 ILE A CG1  13 
ATOM   1344 C CG2  . ILE A 1 4 ? 5.107  0.346  -2.913  1.00 0.00 ? 4 ILE A CG2  13 
ATOM   1345 C CD1  . ILE A 1 4 ? 3.968  0.807  -5.368  1.00 0.00 ? 4 ILE A CD1  13 
ATOM   1346 H H    . ILE A 1 4 ? 1.428  1.464  -1.843  1.00 0.00 ? 4 ILE A H    13 
ATOM   1347 H HA   . ILE A 1 4 ? 2.482  -0.615 -3.547  1.00 0.00 ? 4 ILE A HA   13 
ATOM   1348 H HB   . ILE A 1 4 ? 3.688  1.729  -2.088  1.00 0.00 ? 4 ILE A HB   13 
ATOM   1349 H HG12 . ILE A 1 4 ? 2.389  1.841  -4.340  1.00 0.00 ? 4 ILE A HG12 13 
ATOM   1350 H HG13 . ILE A 1 4 ? 3.960  2.638  -4.248  1.00 0.00 ? 4 ILE A HG13 13 
ATOM   1351 H HG21 . ILE A 1 4 ? 5.740  0.878  -3.606  1.00 0.00 ? 4 ILE A HG21 13 
ATOM   1352 H HG22 . ILE A 1 4 ? 5.015  -0.684 -3.225  1.00 0.00 ? 4 ILE A HG22 13 
ATOM   1353 H HG23 . ILE A 1 4 ? 5.543  0.384  -1.925  1.00 0.00 ? 4 ILE A HG23 13 
ATOM   1354 H HD11 . ILE A 1 4 ? 3.282  0.860  -6.199  1.00 0.00 ? 4 ILE A HD11 13 
ATOM   1355 H HD12 . ILE A 1 4 ? 4.048  -0.216 -5.033  1.00 0.00 ? 4 ILE A HD12 13 
ATOM   1356 H HD13 . ILE A 1 4 ? 4.938  1.160  -5.681  1.00 0.00 ? 4 ILE A HD13 13 
HETATM 1357 N N    . DHA A 1 5 ? 3.046  -0.660 -0.287  1.00 0.00 ? 5 DHA A N    13 
HETATM 1358 C CA   . DHA A 1 5 ? 3.488  -1.497 0.729   1.00 0.00 ? 5 DHA A CA   13 
HETATM 1359 C CB   . DHA A 1 5 ? 4.741  -1.875 1.012   1.00 0.00 ? 5 DHA A CB   13 
HETATM 1360 C C    . DHA A 1 5 ? 2.346  -1.984 1.550   1.00 0.00 ? 5 DHA A C    13 
HETATM 1361 O O    . DHA A 1 5 ? 1.756  -3.034 1.289   1.00 0.00 ? 5 DHA A O    13 
HETATM 1362 H H    . DHA A 1 5 ? 2.664  0.203  -0.022  1.00 0.00 ? 5 DHA A H    13 
HETATM 1363 H HB1  . DHA A 1 5 ? 5.565  -1.518 0.412   1.00 0.00 ? 5 DHA A HB1  13 
HETATM 1364 H HB2  . DHA A 1 5 ? 4.934  -2.538 1.843   1.00 0.00 ? 5 DHA A HB2  13 
ATOM   1365 N N    . LEU A 1 6 ? 1.999  -1.213 2.596   1.00 0.00 ? 6 LEU A N    13 
ATOM   1366 C CA   . LEU A 1 6 ? 0.889  -1.633 3.446   1.00 0.00 ? 6 LEU A CA   13 
ATOM   1367 C C    . LEU A 1 6 ? -0.425 -1.035 2.955   1.00 0.00 ? 6 LEU A C    13 
ATOM   1368 O O    . LEU A 1 6 ? -0.471 0.120  2.529   1.00 0.00 ? 6 LEU A O    13 
ATOM   1369 C CB   . LEU A 1 6 ? 1.143  -1.196 4.890   1.00 0.00 ? 6 LEU A CB   13 
ATOM   1370 C CG   . LEU A 1 6 ? 2.330  -1.974 5.458   1.00 0.00 ? 6 LEU A CG   13 
ATOM   1371 C CD1  . LEU A 1 6 ? 3.625  -1.458 4.833   1.00 0.00 ? 6 LEU A CD1  13 
ATOM   1372 C CD2  . LEU A 1 6 ? 2.386  -1.784 6.976   1.00 0.00 ? 6 LEU A CD2  13 
ATOM   1373 H H    . LEU A 1 6 ? 2.468  -0.379 2.806   1.00 0.00 ? 6 LEU A H    13 
ATOM   1374 H HA   . LEU A 1 6 ? 0.815  -2.710 3.418   1.00 0.00 ? 6 LEU A HA   13 
ATOM   1375 H HB2  . LEU A 1 6 ? 1.361  -0.137 4.911   1.00 0.00 ? 6 LEU A HB2  13 
ATOM   1376 H HB3  . LEU A 1 6 ? 0.265  -1.393 5.486   1.00 0.00 ? 6 LEU A HB3  13 
ATOM   1377 H HG   . LEU A 1 6 ? 2.213  -3.025 5.229   1.00 0.00 ? 6 LEU A HG   13 
ATOM   1378 H HD11 . LEU A 1 6 ? 3.798  -1.960 3.892   1.00 0.00 ? 6 LEU A HD11 13 
ATOM   1379 H HD12 . LEU A 1 6 ? 4.451  -1.653 5.502   1.00 0.00 ? 6 LEU A HD12 13 
ATOM   1380 H HD13 . LEU A 1 6 ? 3.545  -0.395 4.663   1.00 0.00 ? 6 LEU A HD13 13 
ATOM   1381 H HD21 . LEU A 1 6 ? 3.298  -2.218 7.359   1.00 0.00 ? 6 LEU A HD21 13 
ATOM   1382 H HD22 . LEU A 1 6 ? 1.536  -2.272 7.430   1.00 0.00 ? 6 LEU A HD22 13 
ATOM   1383 H HD23 . LEU A 1 6 ? 2.363  -0.730 7.207   1.00 0.00 ? 6 LEU A HD23 13 
ATOM   1384 N N    . CYS A 1 7 ? -1.487 -1.829 3.026   1.00 0.00 ? 7 CYS A N    13 
ATOM   1385 C CA   . CYS A 1 7 ? -2.809 -1.380 2.594   1.00 0.00 ? 7 CYS A CA   13 
ATOM   1386 C C    . CYS A 1 7 ? -3.660 -2.569 2.164   1.00 0.00 ? 7 CYS A C    13 
ATOM   1387 O O    . CYS A 1 7 ? -4.778 -2.751 2.644   1.00 0.00 ? 7 CYS A O    13 
ATOM   1388 C CB   . CYS A 1 7 ? -2.688 -0.398 1.428   1.00 0.00 ? 7 CYS A CB   13 
ATOM   1389 S SG   . CYS A 1 7 ? -1.330 -0.907 0.339   1.00 0.00 ? 7 CYS A SG   13 
ATOM   1390 H H    . CYS A 1 7 ? -1.383 -2.737 3.378   1.00 0.00 ? 7 CYS A H    13 
ATOM   1391 H HA   . CYS A 1 7 ? -3.296 -0.883 3.419   1.00 0.00 ? 7 CYS A HA   13 
ATOM   1392 H HB2  . CYS A 1 7 ? -3.615 -0.394 0.875   1.00 0.00 ? 7 CYS A HB2  13 
ATOM   1393 H HB3  . CYS A 1 7 ? -2.494 0.593  1.809   1.00 0.00 ? 7 CYS A HB3  13 
ATOM   1394 N N    . ALA A 1 8 ? -3.124 -3.373 1.252   1.00 0.00 ? 8 ALA A N    13 
ATOM   1395 C CA   . ALA A 1 8 ? -3.841 -4.542 0.760   1.00 0.00 ? 8 ALA A CA   13 
ATOM   1396 C C    . ALA A 1 8 ? -4.343 -5.394 1.922   1.00 0.00 ? 8 ALA A C    13 
ATOM   1397 O O    . ALA A 1 8 ? -5.542 -5.598 2.006   1.00 0.00 ? 8 ALA A O    13 
ATOM   1398 C CB   . ALA A 1 8 ? -2.920 -5.378 -0.129  1.00 0.00 ? 8 ALA A CB   13 
ATOM   1399 O OXT  . ALA A 1 8 ? -3.520 -5.827 2.712   1.00 0.00 ? 8 ALA A OXT  13 
ATOM   1400 H H    . ALA A 1 8 ? -2.229 -3.176 0.905   1.00 0.00 ? 8 ALA A H    13 
ATOM   1401 H HA   . ALA A 1 8 ? -4.687 -4.215 0.174   1.00 0.00 ? 8 ALA A HA   13 
ATOM   1402 H HB1  . ALA A 1 8 ? -2.788 -4.881 -1.080  1.00 0.00 ? 8 ALA A HB1  13 
ATOM   1403 H HB2  . ALA A 1 8 ? -3.359 -6.352 -0.291  1.00 0.00 ? 8 ALA A HB2  13 
ATOM   1404 H HB3  . ALA A 1 8 ? -1.960 -5.492 0.354   1.00 0.00 ? 8 ALA A HB3  13 
ATOM   1405 N N    . ILE A 1 1 ? 0.984  5.603  -0.774  1.00 0.00 1 1 ILE A N    14 
ATOM   1406 C CA   . ILE A 1 1 ? 0.008  5.444  0.340   1.00 0.00 ? 1 ILE A CA   14 
ATOM   1407 C C    . ILE A 1 1 ? -1.118 4.515  -0.103  1.00 0.00 ? 1 ILE A C    14 
ATOM   1408 O O    . ILE A 1 1 ? -1.862 3.985  0.722   1.00 0.00 ? 1 ILE A O    14 
ATOM   1409 C CB   . ILE A 1 1 ? -0.562 6.813  0.712   1.00 0.00 ? 1 ILE A CB   14 
ATOM   1410 C CG1  . ILE A 1 1 ? -1.435 6.676  1.974   1.00 0.00 ? 1 ILE A CG1  14 
ATOM   1411 C CG2  . ILE A 1 1 ? -1.388 7.352  -0.461  1.00 0.00 ? 1 ILE A CG2  14 
ATOM   1412 C CD1  . ILE A 1 1 ? -2.884 7.079  1.676   1.00 0.00 ? 1 ILE A CD1  14 
ATOM   1413 H H1   . ILE A 1 1 ? 0.472  5.710  -1.673  1.00 0.00 ? 1 ILE A H1   14 
ATOM   1414 H H2   . ILE A 1 1 ? 1.596  4.761  -0.821  1.00 0.00 ? 1 ILE A H2   14 
ATOM   1415 H H3   . ILE A 1 1 ? 1.567  6.446  -0.608  1.00 0.00 ? 1 ILE A H3   14 
ATOM   1416 H HA   . ILE A 1 1 ? 0.507  5.018  1.197   1.00 0.00 ? 1 ILE A HA   14 
ATOM   1417 H HB   . ILE A 1 1 ? 0.254  7.494  0.913   1.00 0.00 ? 1 ILE A HB   14 
ATOM   1418 H HG12 . ILE A 1 1 ? -1.415 5.650  2.312   1.00 0.00 ? 1 ILE A HG12 14 
ATOM   1419 H HG13 . ILE A 1 1 ? -1.041 7.314  2.751   1.00 0.00 ? 1 ILE A HG13 14 
ATOM   1420 H HG21 . ILE A 1 1 ? -2.188 6.660  -0.685  1.00 0.00 ? 1 ILE A HG21 14 
ATOM   1421 H HG22 . ILE A 1 1 ? -0.755 7.462  -1.327  1.00 0.00 ? 1 ILE A HG22 14 
ATOM   1422 H HG23 . ILE A 1 1 ? -1.808 8.312  -0.196  1.00 0.00 ? 1 ILE A HG23 14 
ATOM   1423 H HD11 . ILE A 1 1 ? -2.909 8.104  1.338   1.00 0.00 ? 1 ILE A HD11 14 
ATOM   1424 H HD12 . ILE A 1 1 ? -3.477 6.980  2.573   1.00 0.00 ? 1 ILE A HD12 14 
ATOM   1425 H HD13 . ILE A 1 1 ? -3.286 6.436  0.906   1.00 0.00 ? 1 ILE A HD13 14 
HETATM 1426 N N    . DBU A 1 2 ? -1.247 4.317  -1.426  1.00 0.00 ? 2 DBU A N    14 
HETATM 1427 C CA   . DBU A 1 2 ? -2.248 3.484  -1.909  1.00 0.00 ? 2 DBU A CA   14 
HETATM 1428 C CB   . DBU A 1 2 ? -3.285 3.792  -2.699  1.00 0.00 ? 2 DBU A CB   14 
HETATM 1429 C CG   . DBU A 1 2 ? -3.569 5.194  -3.243  1.00 0.00 ? 2 DBU A CG   14 
HETATM 1430 C C    . DBU A 1 2 ? -2.049 2.091  -1.423  1.00 0.00 ? 2 DBU A C    14 
HETATM 1431 O O    . DBU A 1 2 ? -2.627 1.669  -0.425  1.00 0.00 ? 2 DBU A O    14 
HETATM 1432 H H    . DBU A 1 2 ? -0.659 4.736  -2.089  1.00 0.00 ? 2 DBU A H    14 
HETATM 1433 H HB   . DBU A 1 2 ? -3.966 2.998  -2.970  1.00 0.00 ? 2 DBU A HB   14 
HETATM 1434 H HG1  . DBU A 1 2 ? -3.596 5.162  -4.321  1.00 0.00 ? 2 DBU A HG1  14 
HETATM 1435 H HG2  . DBU A 1 2 ? -2.788 5.869  -2.922  1.00 0.00 ? 2 DBU A HG2  14 
HETATM 1436 H HG3  . DBU A 1 2 ? -4.520 5.540  -2.868  1.00 0.00 ? 2 DBU A HG3  14 
HETATM 1437 N N    . DAL A 1 3 ? -1.199 1.333  -2.149  1.00 0.00 ? 3 DAL A N    14 
HETATM 1438 C CA   . DAL A 1 3 ? -0.926 -0.053 -1.759  1.00 0.00 ? 3 DAL A CA   14 
HETATM 1439 C CB   . DAL A 1 3 ? -1.097 -0.248 -0.248  1.00 0.00 ? 3 DAL A CB   14 
HETATM 1440 C C    . DAL A 1 3 ? 0.500  -0.435 -2.140  1.00 0.00 ? 3 DAL A C    14 
HETATM 1441 O O    . DAL A 1 3 ? 0.802  -1.609 -2.349  1.00 0.00 ? 3 DAL A O    14 
HETATM 1442 H H    . DAL A 1 3 ? -0.749 1.691  -2.944  1.00 0.00 ? 3 DAL A H    14 
HETATM 1443 H HA   . DAL A 1 3 ? -1.615 -0.705 -2.275  1.00 0.00 ? 3 DAL A HA   14 
HETATM 1444 H HB1  . DAL A 1 3 ? -0.866 0.672  0.262   1.00 0.00 ? 3 DAL A HB1  14 
HETATM 1445 H HB2  . DAL A 1 3 ? -0.417 -1.018 0.088   1.00 0.00 ? 3 DAL A HB2  14 
ATOM   1446 N N    . ILE A 1 4 ? 1.373  0.564  -2.227  1.00 0.00 ? 4 ILE A N    14 
ATOM   1447 C CA   . ILE A 1 4 ? 2.765  0.317  -2.583  1.00 0.00 ? 4 ILE A CA   14 
ATOM   1448 C C    . ILE A 1 4 ? 3.435  -0.564 -1.534  1.00 0.00 ? 4 ILE A C    14 
ATOM   1449 O O    . ILE A 1 4 ? 4.365  -1.312 -1.835  1.00 0.00 ? 4 ILE A O    14 
ATOM   1450 C CB   . ILE A 1 4 ? 3.523  1.641  -2.699  1.00 0.00 ? 4 ILE A CB   14 
ATOM   1451 C CG1  . ILE A 1 4 ? 2.857  2.690  -1.805  1.00 0.00 ? 4 ILE A CG1  14 
ATOM   1452 C CG2  . ILE A 1 4 ? 3.496  2.120  -4.151  1.00 0.00 ? 4 ILE A CG2  14 
ATOM   1453 C CD1  . ILE A 1 4 ? 3.920  3.650  -1.267  1.00 0.00 ? 4 ILE A CD1  14 
ATOM   1454 H H    . ILE A 1 4 ? 1.077  1.481  -2.048  1.00 0.00 ? 4 ILE A H    14 
ATOM   1455 H HA   . ILE A 1 4 ? 2.799  -0.188 -3.537  1.00 0.00 ? 4 ILE A HA   14 
ATOM   1456 H HB   . ILE A 1 4 ? 4.547  1.497  -2.387  1.00 0.00 ? 4 ILE A HB   14 
ATOM   1457 H HG12 . ILE A 1 4 ? 2.130  3.245  -2.381  1.00 0.00 ? 4 ILE A HG12 14 
ATOM   1458 H HG13 . ILE A 1 4 ? 2.366  2.201  -0.978  1.00 0.00 ? 4 ILE A HG13 14 
ATOM   1459 H HG21 . ILE A 1 4 ? 2.622  1.720  -4.646  1.00 0.00 ? 4 ILE A HG21 14 
ATOM   1460 H HG22 . ILE A 1 4 ? 4.385  1.777  -4.659  1.00 0.00 ? 4 ILE A HG22 14 
ATOM   1461 H HG23 . ILE A 1 4 ? 3.462  3.200  -4.174  1.00 0.00 ? 4 ILE A HG23 14 
ATOM   1462 H HD11 . ILE A 1 4 ? 4.497  4.047  -2.091  1.00 0.00 ? 4 ILE A HD11 14 
ATOM   1463 H HD12 . ILE A 1 4 ? 4.576  3.120  -0.592  1.00 0.00 ? 4 ILE A HD12 14 
ATOM   1464 H HD13 . ILE A 1 4 ? 3.440  4.461  -0.740  1.00 0.00 ? 4 ILE A HD13 14 
HETATM 1465 N N    . DHA A 1 5 ? 2.956  -0.475 -0.280  1.00 0.00 ? 5 DHA A N    14 
HETATM 1466 C CA   . DHA A 1 5 ? 3.512  -1.246 0.733   1.00 0.00 ? 5 DHA A CA   14 
HETATM 1467 C CB   . DHA A 1 5 ? 4.790  -1.315 1.126   1.00 0.00 ? 5 DHA A CB   14 
HETATM 1468 C C    . DHA A 1 5 ? 2.465  -2.066 1.403   1.00 0.00 ? 5 DHA A C    14 
HETATM 1469 O O    . DHA A 1 5 ? 2.276  -3.247 1.111   1.00 0.00 ? 5 DHA A O    14 
HETATM 1470 H H    . DHA A 1 5 ? 2.216  0.118  -0.033  1.00 0.00 ? 5 DHA A H    14 
HETATM 1471 H HB1  . DHA A 1 5 ? 5.543  -0.717 0.635   1.00 0.00 ? 5 DHA A HB1  14 
HETATM 1472 H HB2  . DHA A 1 5 ? 5.074  -1.969 1.938   1.00 0.00 ? 5 DHA A HB2  14 
ATOM   1473 N N    . LEU A 1 6 ? 1.739  -1.440 2.346   1.00 0.00 ? 6 LEU A N    14 
ATOM   1474 C CA   . LEU A 1 6 ? 0.696  -2.184 3.042   1.00 0.00 ? 6 LEU A CA   14 
ATOM   1475 C C    . LEU A 1 6 ? -0.496 -1.282 3.346   1.00 0.00 ? 6 LEU A C    14 
ATOM   1476 O O    . LEU A 1 6 ? -0.416 -0.397 4.198   1.00 0.00 ? 6 LEU A O    14 
ATOM   1477 C CB   . LEU A 1 6 ? 1.248  -2.763 4.348   1.00 0.00 ? 6 LEU A CB   14 
ATOM   1478 C CG   . LEU A 1 6 ? 2.704  -2.329 4.525   1.00 0.00 ? 6 LEU A CG   14 
ATOM   1479 C CD1  . LEU A 1 6 ? 2.770  -0.810 4.710   1.00 0.00 ? 6 LEU A CD1  14 
ATOM   1480 C CD2  . LEU A 1 6 ? 3.292  -3.021 5.758   1.00 0.00 ? 6 LEU A CD2  14 
ATOM   1481 H H    . LEU A 1 6 ? 1.889  -0.499 2.579   1.00 0.00 ? 6 LEU A H    14 
ATOM   1482 H HA   . LEU A 1 6 ? 0.368  -2.998 2.413   1.00 0.00 ? 6 LEU A HA   14 
ATOM   1483 H HB2  . LEU A 1 6 ? 0.660  -2.401 5.180   1.00 0.00 ? 6 LEU A HB2  14 
ATOM   1484 H HB3  . LEU A 1 6 ? 1.197  -3.840 4.313   1.00 0.00 ? 6 LEU A HB3  14 
ATOM   1485 H HG   . LEU A 1 6 ? 3.271  -2.609 3.649   1.00 0.00 ? 6 LEU A HG   14 
ATOM   1486 H HD11 . LEU A 1 6 ? 3.398  -0.382 3.942   1.00 0.00 ? 6 LEU A HD11 14 
ATOM   1487 H HD12 . LEU A 1 6 ? 3.184  -0.582 5.682   1.00 0.00 ? 6 LEU A HD12 14 
ATOM   1488 H HD13 . LEU A 1 6 ? 1.777  -0.394 4.635   1.00 0.00 ? 6 LEU A HD13 14 
ATOM   1489 H HD21 . LEU A 1 6 ? 3.197  -4.091 5.650   1.00 0.00 ? 6 LEU A HD21 14 
ATOM   1490 H HD22 . LEU A 1 6 ? 2.756  -2.699 6.640   1.00 0.00 ? 6 LEU A HD22 14 
ATOM   1491 H HD23 . LEU A 1 6 ? 4.335  -2.759 5.854   1.00 0.00 ? 6 LEU A HD23 14 
ATOM   1492 N N    . CYS A 1 7 ? -1.602 -1.515 2.646   1.00 0.00 ? 7 CYS A N    14 
ATOM   1493 C CA   . CYS A 1 7 ? -2.808 -0.720 2.852   1.00 0.00 ? 7 CYS A CA   14 
ATOM   1494 C C    . CYS A 1 7 ? -4.015 -1.628 3.064   1.00 0.00 ? 7 CYS A C    14 
ATOM   1495 O O    . CYS A 1 7 ? -4.874 -1.351 3.900   1.00 0.00 ? 7 CYS A O    14 
ATOM   1496 C CB   . CYS A 1 7 ? -3.059 0.183  1.644   1.00 0.00 ? 7 CYS A CB   14 
ATOM   1497 S SG   . CYS A 1 7 ? -2.802 -0.757 0.113   1.00 0.00 ? 7 CYS A SG   14 
ATOM   1498 H H    . CYS A 1 7 ? -1.608 -2.236 1.982   1.00 0.00 ? 7 CYS A H    14 
ATOM   1499 H HA   . CYS A 1 7 ? -2.675 -0.103 3.728   1.00 0.00 ? 7 CYS A HA   14 
ATOM   1500 H HB2  . CYS A 1 7 ? -4.078 0.542  1.674   1.00 0.00 ? 7 CYS A HB2  14 
ATOM   1501 H HB3  . CYS A 1 7 ? -2.386 1.024  1.677   1.00 0.00 ? 7 CYS A HB3  14 
ATOM   1502 N N    . ALA A 1 8 ? -4.072 -2.712 2.298   1.00 0.00 ? 8 ALA A N    14 
ATOM   1503 C CA   . ALA A 1 8 ? -5.177 -3.656 2.407   1.00 0.00 ? 8 ALA A CA   14 
ATOM   1504 C C    . ALA A 1 8 ? -4.714 -4.952 3.064   1.00 0.00 ? 8 ALA A C    14 
ATOM   1505 O O    . ALA A 1 8 ? -3.845 -4.884 3.917   1.00 0.00 ? 8 ALA A O    14 
ATOM   1506 C CB   . ALA A 1 8 ? -5.739 -3.960 1.017   1.00 0.00 ? 8 ALA A CB   14 
ATOM   1507 O OXT  . ALA A 1 8 ? -5.237 -5.996 2.705   1.00 0.00 ? 8 ALA A OXT  14 
ATOM   1508 H H    . ALA A 1 8 ? -3.358 -2.881 1.649   1.00 0.00 ? 8 ALA A H    14 
ATOM   1509 H HA   . ALA A 1 8 ? -5.958 -3.216 3.009   1.00 0.00 ? 8 ALA A HA   14 
ATOM   1510 H HB1  . ALA A 1 8 ? -4.926 -4.056 0.314   1.00 0.00 ? 8 ALA A HB1  14 
ATOM   1511 H HB2  . ALA A 1 8 ? -6.390 -3.154 0.708   1.00 0.00 ? 8 ALA A HB2  14 
ATOM   1512 H HB3  . ALA A 1 8 ? -6.299 -4.883 1.048   1.00 0.00 ? 8 ALA A HB3  14 
ATOM   1513 N N    . ILE A 1 1 ? 1.391  5.154  -3.144  1.00 0.00 1 1 ILE A N    15 
ATOM   1514 C CA   . ILE A 1 1 ? 1.477  5.469  -1.691  1.00 0.00 ? 1 ILE A CA   15 
ATOM   1515 C C    . ILE A 1 1 ? 0.438  4.647  -0.934  1.00 0.00 ? 1 ILE A C    15 
ATOM   1516 O O    . ILE A 1 1 ? -0.635 4.349  -1.457  1.00 0.00 ? 1 ILE A O    15 
ATOM   1517 C CB   . ILE A 1 1 ? 1.225  6.964  -1.483  1.00 0.00 ? 1 ILE A CB   15 
ATOM   1518 C CG1  . ILE A 1 1 ? 1.831  7.404  -0.147  1.00 0.00 ? 1 ILE A CG1  15 
ATOM   1519 C CG2  . ILE A 1 1 ? -0.281 7.231  -1.472  1.00 0.00 ? 1 ILE A CG2  15 
ATOM   1520 C CD1  . ILE A 1 1 ? 3.145  8.145  -0.401  1.00 0.00 ? 1 ILE A CD1  15 
ATOM   1521 H H1   . ILE A 1 1 ? 1.014  5.975  -3.657  1.00 0.00 ? 1 ILE A H1   15 
ATOM   1522 H H2   . ILE A 1 1 ? 0.761  4.336  -3.284  1.00 0.00 ? 1 ILE A H2   15 
ATOM   1523 H H3   . ILE A 1 1 ? 2.339  4.927  -3.507  1.00 0.00 ? 1 ILE A H3   15 
ATOM   1524 H HA   . ILE A 1 1 ? 2.465  5.220  -1.328  1.00 0.00 ? 1 ILE A HA   15 
ATOM   1525 H HB   . ILE A 1 1 ? 1.682  7.521  -2.289  1.00 0.00 ? 1 ILE A HB   15 
ATOM   1526 H HG12 . ILE A 1 1 ? 1.139  8.059  0.363   1.00 0.00 ? 1 ILE A HG12 15 
ATOM   1527 H HG13 . ILE A 1 1 ? 2.022  6.535  0.466   1.00 0.00 ? 1 ILE A HG13 15 
ATOM   1528 H HG21 . ILE A 1 1 ? -0.755 6.653  -2.252  1.00 0.00 ? 1 ILE A HG21 15 
ATOM   1529 H HG22 . ILE A 1 1 ? -0.461 8.282  -1.644  1.00 0.00 ? 1 ILE A HG22 15 
ATOM   1530 H HG23 . ILE A 1 1 ? -0.691 6.948  -0.514  1.00 0.00 ? 1 ILE A HG23 15 
ATOM   1531 H HD11 . ILE A 1 1 ? 3.600  8.407  0.543   1.00 0.00 ? 1 ILE A HD11 15 
ATOM   1532 H HD12 . ILE A 1 1 ? 2.948  9.045  -0.967  1.00 0.00 ? 1 ILE A HD12 15 
ATOM   1533 H HD13 . ILE A 1 1 ? 3.816  7.508  -0.960  1.00 0.00 ? 1 ILE A HD13 15 
HETATM 1534 N N    . DBU A 1 2 ? 0.767  4.266  0.313   1.00 0.00 ? 2 DBU A N    15 
HETATM 1535 C CA   . DBU A 1 2 ? -0.120 3.506  1.068   1.00 0.00 ? 2 DBU A CA   15 
HETATM 1536 C CB   . DBU A 1 2 ? -0.346 3.546  2.384   1.00 0.00 ? 2 DBU A CB   15 
HETATM 1537 C CG   . DBU A 1 2 ? 0.360  4.491  3.357   1.00 0.00 ? 2 DBU A CG   15 
HETATM 1538 C C    . DBU A 1 2 ? -0.859 2.544  0.207   1.00 0.00 ? 2 DBU A C    15 
HETATM 1539 O O    . DBU A 1 2 ? -2.045 2.279  0.400   1.00 0.00 ? 2 DBU A O    15 
HETATM 1540 H H    . DBU A 1 2 ? 1.623  4.494  0.731   1.00 0.00 ? 2 DBU A H    15 
HETATM 1541 H HB   . DBU A 1 2 ? -1.080 2.865  2.783   1.00 0.00 ? 2 DBU A HB   15 
HETATM 1542 H HG1  . DBU A 1 2 ? -0.369 4.946  4.011   1.00 0.00 ? 2 DBU A HG1  15 
HETATM 1543 H HG2  . DBU A 1 2 ? 0.875  5.261  2.801   1.00 0.00 ? 2 DBU A HG2  15 
HETATM 1544 H HG3  . DBU A 1 2 ? 1.074  3.934  3.945   1.00 0.00 ? 2 DBU A HG3  15 
HETATM 1545 N N    . DAL A 1 3 ? -0.141 1.991  -0.786  1.00 0.00 ? 3 DAL A N    15 
HETATM 1546 C CA   . DAL A 1 3 ? -0.753 1.022  -1.697  1.00 0.00 ? 3 DAL A CA   15 
HETATM 1547 C CB   . DAL A 1 3 ? -1.889 0.261  -1.013  1.00 0.00 ? 3 DAL A CB   15 
HETATM 1548 C C    . DAL A 1 3 ? 0.292  0.017  -2.167  1.00 0.00 ? 3 DAL A C    15 
HETATM 1549 O O    . DAL A 1 3 ? 0.000  -1.169 -2.326  1.00 0.00 ? 3 DAL A O    15 
HETATM 1550 H H    . DAL A 1 3 ? 0.801  2.218  -0.912  1.00 0.00 ? 3 DAL A H    15 
HETATM 1551 H HA   . DAL A 1 3 ? -1.153 1.544  -2.552  1.00 0.00 ? 3 DAL A HA   15 
HETATM 1552 H HB1  . DAL A 1 3 ? -2.077 -0.656 -1.555  1.00 0.00 ? 3 DAL A HB1  15 
HETATM 1553 H HB2  . DAL A 1 3 ? -2.785 0.862  -1.013  1.00 0.00 ? 3 DAL A HB2  15 
ATOM   1554 N N    . ILE A 1 4 ? 1.516  0.495  -2.378  1.00 0.00 ? 4 ILE A N    15 
ATOM   1555 C CA   . ILE A 1 4 ? 2.598  -0.375 -2.822  1.00 0.00 ? 4 ILE A CA   15 
ATOM   1556 C C    . ILE A 1 4 ? 3.316  -0.977 -1.620  1.00 0.00 ? 4 ILE A C    15 
ATOM   1557 O O    . ILE A 1 4 ? 4.369  -1.600 -1.758  1.00 0.00 ? 4 ILE A O    15 
ATOM   1558 C CB   . ILE A 1 4 ? 3.595  0.414  -3.675  1.00 0.00 ? 4 ILE A CB   15 
ATOM   1559 C CG1  . ILE A 1 4 ? 3.516  1.900  -3.315  1.00 0.00 ? 4 ILE A CG1  15 
ATOM   1560 C CG2  . ILE A 1 4 ? 3.253  0.231  -5.155  1.00 0.00 ? 4 ILE A CG2  15 
ATOM   1561 C CD1  . ILE A 1 4 ? 4.724  2.635  -3.900  1.00 0.00 ? 4 ILE A CD1  15 
ATOM   1562 H H    . ILE A 1 4 ? 1.692  1.448  -2.231  1.00 0.00 ? 4 ILE A H    15 
ATOM   1563 H HA   . ILE A 1 4 ? 2.183  -1.173 -3.419  1.00 0.00 ? 4 ILE A HA   15 
ATOM   1564 H HB   . ILE A 1 4 ? 4.595  0.049  -3.489  1.00 0.00 ? 4 ILE A HB   15 
ATOM   1565 H HG12 . ILE A 1 4 ? 2.607  2.320  -3.721  1.00 0.00 ? 4 ILE A HG12 15 
ATOM   1566 H HG13 . ILE A 1 4 ? 3.515  2.010  -2.242  1.00 0.00 ? 4 ILE A HG13 15 
ATOM   1567 H HG21 . ILE A 1 4 ? 3.470  -0.785 -5.450  1.00 0.00 ? 4 ILE A HG21 15 
ATOM   1568 H HG22 . ILE A 1 4 ? 3.844  0.913  -5.748  1.00 0.00 ? 4 ILE A HG22 15 
ATOM   1569 H HG23 . ILE A 1 4 ? 2.203  0.434  -5.310  1.00 0.00 ? 4 ILE A HG23 15 
ATOM   1570 H HD11 . ILE A 1 4 ? 4.652  3.687  -3.669  1.00 0.00 ? 4 ILE A HD11 15 
ATOM   1571 H HD12 . ILE A 1 4 ? 4.742  2.502  -4.972  1.00 0.00 ? 4 ILE A HD12 15 
ATOM   1572 H HD13 . ILE A 1 4 ? 5.632  2.234  -3.474  1.00 0.00 ? 4 ILE A HD13 15 
HETATM 1573 N N    . DHA A 1 5 ? 2.733  -0.791 -0.422  1.00 0.00 ? 5 DHA A N    15 
HETATM 1574 C CA   . DHA A 1 5 ? 3.319  -1.306 0.727   1.00 0.00 ? 5 DHA A CA   15 
HETATM 1575 C CB   . DHA A 1 5 ? 4.613  -1.333 1.069   1.00 0.00 ? 5 DHA A CB   15 
HETATM 1576 C C    . DHA A 1 5 ? 2.282  -1.884 1.625   1.00 0.00 ? 5 DHA A C    15 
HETATM 1577 O O    . DHA A 1 5 ? 1.814  -3.008 1.442   1.00 0.00 ? 5 DHA A O    15 
HETATM 1578 H H    . DHA A 1 5 ? 1.895  -0.296 -0.309  1.00 0.00 ? 5 DHA A H    15 
HETATM 1579 H HB1  . DHA A 1 5 ? 5.358  -0.911 0.411   1.00 0.00 ? 5 DHA A HB1  15 
HETATM 1580 H HB2  . DHA A 1 5 ? 4.917  -1.774 2.007   1.00 0.00 ? 5 DHA A HB2  15 
ATOM   1581 N N    . LEU A 1 6 ? 1.882  -1.104 2.645   1.00 0.00 ? 6 LEU A N    15 
ATOM   1582 C CA   . LEU A 1 6 ? 0.865  -1.611 3.559   1.00 0.00 ? 6 LEU A CA   15 
ATOM   1583 C C    . LEU A 1 6 ? -0.511 -1.080 3.171   1.00 0.00 ? 6 LEU A C    15 
ATOM   1584 O O    . LEU A 1 6 ? -0.727 0.129  3.108   1.00 0.00 ? 6 LEU A O    15 
ATOM   1585 C CB   . LEU A 1 6 ? 1.191  -1.194 4.995   1.00 0.00 ? 6 LEU A CB   15 
ATOM   1586 C CG   . LEU A 1 6 ? 2.505  -1.843 5.430   1.00 0.00 ? 6 LEU A CG   15 
ATOM   1587 C CD1  . LEU A 1 6 ? 3.650  -0.839 5.274   1.00 0.00 ? 6 LEU A CD1  15 
ATOM   1588 C CD2  . LEU A 1 6 ? 2.401  -2.272 6.896   1.00 0.00 ? 6 LEU A CD2  15 
ATOM   1589 H H    . LEU A 1 6 ? 2.252  -0.209 2.792   1.00 0.00 ? 6 LEU A H    15 
ATOM   1590 H HA   . LEU A 1 6 ? 0.852  -2.686 3.504   1.00 0.00 ? 6 LEU A HA   15 
ATOM   1591 H HB2  . LEU A 1 6 ? 1.285  -0.118 5.045   1.00 0.00 ? 6 LEU A HB2  15 
ATOM   1592 H HB3  . LEU A 1 6 ? 0.398  -1.516 5.652   1.00 0.00 ? 6 LEU A HB3  15 
ATOM   1593 H HG   . LEU A 1 6 ? 2.700  -2.708 4.813   1.00 0.00 ? 6 LEU A HG   15 
ATOM   1594 H HD11 . LEU A 1 6 ? 3.517  -0.029 5.978   1.00 0.00 ? 6 LEU A HD11 15 
ATOM   1595 H HD12 . LEU A 1 6 ? 3.650  -0.446 4.269   1.00 0.00 ? 6 LEU A HD12 15 
ATOM   1596 H HD13 . LEU A 1 6 ? 4.590  -1.333 5.467   1.00 0.00 ? 6 LEU A HD13 15 
ATOM   1597 H HD21 . LEU A 1 6 ? 3.361  -2.631 7.235   1.00 0.00 ? 6 LEU A HD21 15 
ATOM   1598 H HD22 . LEU A 1 6 ? 1.668  -3.060 6.988   1.00 0.00 ? 6 LEU A HD22 15 
ATOM   1599 H HD23 . LEU A 1 6 ? 2.100  -1.428 7.498   1.00 0.00 ? 6 LEU A HD23 15 
ATOM   1600 N N    . CYS A 1 7 ? -1.436 -1.998 2.906   1.00 0.00 ? 7 CYS A N    15 
ATOM   1601 C CA   . CYS A 1 7 ? -2.790 -1.617 2.520   1.00 0.00 ? 7 CYS A CA   15 
ATOM   1602 C C    . CYS A 1 7 ? -3.757 -2.770 2.765   1.00 0.00 ? 7 CYS A C    15 
ATOM   1603 O O    . CYS A 1 7 ? -4.856 -2.572 3.283   1.00 0.00 ? 7 CYS A O    15 
ATOM   1604 C CB   . CYS A 1 7 ? -2.813 -1.227 1.040   1.00 0.00 ? 7 CYS A CB   15 
ATOM   1605 S SG   . CYS A 1 7 ? -1.415 -0.139 0.685   1.00 0.00 ? 7 CYS A SG   15 
ATOM   1606 H H    . CYS A 1 7 ? -1.204 -2.949 2.971   1.00 0.00 ? 7 CYS A H    15 
ATOM   1607 H HA   . CYS A 1 7 ? -3.099 -0.767 3.110   1.00 0.00 ? 7 CYS A HA   15 
ATOM   1608 H HB2  . CYS A 1 7 ? -2.740 -2.116 0.431   1.00 0.00 ? 7 CYS A HB2  15 
ATOM   1609 H HB3  . CYS A 1 7 ? -3.734 -0.709 0.811   1.00 0.00 ? 7 CYS A HB3  15 
ATOM   1610 N N    . ALA A 1 8 ? -3.337 -3.976 2.397   1.00 0.00 ? 8 ALA A N    15 
ATOM   1611 C CA   . ALA A 1 8 ? -4.171 -5.157 2.588   1.00 0.00 ? 8 ALA A CA   15 
ATOM   1612 C C    . ALA A 1 8 ? -3.894 -5.789 3.947   1.00 0.00 ? 8 ALA A C    15 
ATOM   1613 O O    . ALA A 1 8 ? -2.982 -6.597 4.029   1.00 0.00 ? 8 ALA A O    15 
ATOM   1614 C CB   . ALA A 1 8 ? -3.895 -6.179 1.481   1.00 0.00 ? 8 ALA A CB   15 
ATOM   1615 O OXT  . ALA A 1 8 ? -4.594 -5.455 4.889   1.00 0.00 ? 8 ALA A OXT  15 
ATOM   1616 H H    . ALA A 1 8 ? -2.448 -4.074 1.993   1.00 0.00 ? 8 ALA A H    15 
ATOM   1617 H HA   . ALA A 1 8 ? -5.209 -4.865 2.542   1.00 0.00 ? 8 ALA A HA   15 
ATOM   1618 H HB1  . ALA A 1 8 ? -4.412 -7.100 1.705   1.00 0.00 ? 8 ALA A HB1  15 
ATOM   1619 H HB2  . ALA A 1 8 ? -2.834 -6.368 1.423   1.00 0.00 ? 8 ALA A HB2  15 
ATOM   1620 H HB3  . ALA A 1 8 ? -4.243 -5.790 0.536   1.00 0.00 ? 8 ALA A HB3  15 
# 
